data_1WGR
#
_entry.id   1WGR
#
_entity_poly.entity_id   1
_entity_poly.type   'polypeptide(L)'
_entity_poly.pdbx_seq_one_letter_code
;GSSGSSGRPHVVKVYSEDGACRSVEVAAGATARHVCEMLVQRAHALSDETWGLVECHPHLALERGLEDHESVVEVQAAWP
VGGDSRFVFRKNFASGPSSG
;
_entity_poly.pdbx_strand_id   A
#
# COMPACT_ATOMS: atom_id res chain seq x y z
N GLY A 1 -14.22 7.32 14.65
CA GLY A 1 -13.85 6.48 15.79
C GLY A 1 -14.95 5.44 16.07
N SER A 2 -15.16 4.56 15.12
CA SER A 2 -16.16 3.52 15.26
C SER A 2 -15.86 2.36 14.30
N SER A 3 -15.26 1.33 14.85
CA SER A 3 -14.91 0.16 14.05
C SER A 3 -15.17 -1.12 14.86
N GLY A 4 -16.04 -1.96 14.33
CA GLY A 4 -16.37 -3.21 14.99
C GLY A 4 -17.05 -4.19 14.02
N SER A 5 -16.24 -4.78 13.16
CA SER A 5 -16.74 -5.73 12.18
C SER A 5 -15.60 -6.26 11.31
N SER A 6 -15.53 -7.58 11.23
CA SER A 6 -14.49 -8.21 10.44
C SER A 6 -14.99 -9.57 9.92
N GLY A 7 -15.08 -9.67 8.60
CA GLY A 7 -15.54 -10.89 7.97
C GLY A 7 -14.76 -11.17 6.69
N ARG A 8 -15.20 -10.53 5.61
CA ARG A 8 -14.56 -10.71 4.32
C ARG A 8 -13.16 -10.10 4.35
N PRO A 9 -12.29 -10.63 3.43
CA PRO A 9 -10.92 -10.14 3.34
C PRO A 9 -10.86 -8.78 2.67
N HIS A 10 -9.69 -8.16 2.75
CA HIS A 10 -9.48 -6.85 2.17
C HIS A 10 -8.55 -6.97 0.96
N VAL A 11 -9.13 -6.83 -0.22
CA VAL A 11 -8.37 -6.92 -1.45
C VAL A 11 -7.77 -5.54 -1.78
N VAL A 12 -6.54 -5.35 -1.35
CA VAL A 12 -5.85 -4.09 -1.58
C VAL A 12 -5.26 -4.10 -2.99
N LYS A 13 -5.58 -3.06 -3.75
CA LYS A 13 -5.08 -2.93 -5.10
C LYS A 13 -3.92 -1.94 -5.13
N VAL A 14 -2.71 -2.49 -5.17
CA VAL A 14 -1.51 -1.67 -5.21
C VAL A 14 -1.02 -1.55 -6.65
N TYR A 15 -0.85 -0.30 -7.07
CA TYR A 15 -0.38 -0.03 -8.42
C TYR A 15 1.11 0.24 -8.44
N SER A 16 1.76 -0.22 -9.51
CA SER A 16 3.18 -0.04 -9.66
C SER A 16 3.47 1.03 -10.72
N GLU A 17 4.60 1.71 -10.54
CA GLU A 17 4.99 2.76 -11.48
C GLU A 17 4.71 2.32 -12.91
N ASP A 18 5.22 1.15 -13.25
CA ASP A 18 5.03 0.61 -14.59
C ASP A 18 3.57 0.79 -15.00
N GLY A 19 2.68 0.46 -14.08
CA GLY A 19 1.25 0.57 -14.33
C GLY A 19 0.50 -0.68 -13.87
N ALA A 20 1.19 -1.81 -14.01
CA ALA A 20 0.59 -3.09 -13.62
C ALA A 20 0.15 -3.00 -12.16
N CYS A 21 -1.12 -3.32 -11.94
CA CYS A 21 -1.69 -3.28 -10.61
C CYS A 21 -1.67 -4.70 -10.03
N ARG A 22 -1.11 -4.82 -8.84
CA ARG A 22 -1.02 -6.10 -8.18
C ARG A 22 -1.78 -6.08 -6.86
N SER A 23 -2.82 -6.90 -6.79
CA SER A 23 -3.64 -6.98 -5.60
C SER A 23 -3.13 -8.09 -4.68
N VAL A 24 -3.49 -7.97 -3.41
CA VAL A 24 -3.07 -8.95 -2.42
C VAL A 24 -4.21 -9.21 -1.44
N GLU A 25 -4.42 -10.47 -1.13
CA GLU A 25 -5.47 -10.86 -0.21
C GLU A 25 -5.00 -10.68 1.24
N VAL A 26 -5.51 -9.62 1.87
CA VAL A 26 -5.15 -9.33 3.25
C VAL A 26 -6.43 -9.13 4.07
N ALA A 27 -6.23 -8.93 5.36
CA ALA A 27 -7.35 -8.73 6.27
C ALA A 27 -7.00 -7.64 7.28
N ALA A 28 -8.03 -7.07 7.87
CA ALA A 28 -7.85 -6.02 8.86
C ALA A 28 -6.70 -6.40 9.79
N GLY A 29 -5.53 -5.86 9.49
CA GLY A 29 -4.35 -6.13 10.29
C GLY A 29 -3.07 -5.84 9.50
N ALA A 30 -3.01 -6.41 8.30
CA ALA A 30 -1.86 -6.22 7.45
C ALA A 30 -1.54 -4.73 7.33
N THR A 31 -0.28 -4.40 7.57
CA THR A 31 0.15 -3.01 7.51
C THR A 31 0.68 -2.69 6.11
N ALA A 32 1.14 -1.45 5.96
CA ALA A 32 1.67 -1.01 4.68
C ALA A 32 2.94 -1.79 4.36
N ARG A 33 3.46 -2.46 5.38
CA ARG A 33 4.67 -3.25 5.21
C ARG A 33 4.32 -4.67 4.78
N HIS A 34 3.20 -5.16 5.30
CA HIS A 34 2.75 -6.51 4.97
C HIS A 34 2.55 -6.62 3.45
N VAL A 35 2.07 -5.54 2.87
CA VAL A 35 1.84 -5.51 1.43
C VAL A 35 3.18 -5.50 0.70
N CYS A 36 4.08 -4.66 1.18
CA CYS A 36 5.40 -4.56 0.57
C CYS A 36 6.03 -5.95 0.55
N GLU A 37 5.93 -6.63 1.69
CA GLU A 37 6.48 -7.97 1.82
C GLU A 37 5.84 -8.90 0.80
N MET A 38 4.52 -9.01 0.88
CA MET A 38 3.78 -9.87 -0.03
C MET A 38 4.14 -9.56 -1.49
N LEU A 39 3.89 -8.33 -1.87
CA LEU A 39 4.18 -7.89 -3.23
C LEU A 39 5.60 -8.33 -3.61
N VAL A 40 6.57 -7.78 -2.90
CA VAL A 40 7.96 -8.12 -3.15
C VAL A 40 8.08 -9.61 -3.42
N GLN A 41 7.72 -10.40 -2.42
CA GLN A 41 7.79 -11.85 -2.54
C GLN A 41 7.28 -12.51 -1.26
N ARG A 42 6.96 -13.79 -1.38
CA ARG A 42 6.46 -14.55 -0.24
C ARG A 42 7.40 -15.71 0.08
N ALA A 43 7.60 -16.56 -0.92
CA ALA A 43 8.46 -17.72 -0.76
C ALA A 43 9.90 -17.24 -0.57
N HIS A 44 10.59 -17.91 0.34
CA HIS A 44 11.98 -17.57 0.64
C HIS A 44 12.04 -16.17 1.24
N ALA A 45 11.91 -15.18 0.37
CA ALA A 45 11.94 -13.79 0.80
C ALA A 45 13.20 -13.55 1.64
N LEU A 46 14.25 -13.11 0.97
CA LEU A 46 15.52 -12.85 1.64
C LEU A 46 15.35 -11.65 2.58
N SER A 47 15.00 -10.53 1.99
CA SER A 47 14.80 -9.31 2.76
C SER A 47 14.58 -8.12 1.82
N ASP A 48 15.48 -7.98 0.86
CA ASP A 48 15.38 -6.90 -0.10
C ASP A 48 15.36 -5.56 0.64
N GLU A 49 15.33 -4.49 -0.15
CA GLU A 49 15.31 -3.15 0.43
C GLU A 49 14.09 -2.99 1.33
N THR A 50 14.05 -1.85 2.02
CA THR A 50 12.95 -1.57 2.93
C THR A 50 11.65 -1.43 2.14
N TRP A 51 11.66 -0.52 1.17
CA TRP A 51 10.50 -0.27 0.34
C TRP A 51 9.39 0.27 1.25
N GLY A 52 8.21 0.41 0.66
CA GLY A 52 7.06 0.91 1.39
C GLY A 52 5.88 1.15 0.46
N LEU A 53 4.86 1.81 1.00
CA LEU A 53 3.66 2.11 0.23
C LEU A 53 3.48 3.62 0.14
N VAL A 54 2.87 4.05 -0.96
CA VAL A 54 2.64 5.47 -1.17
C VAL A 54 1.22 5.67 -1.72
N GLU A 55 0.40 6.34 -0.92
CA GLU A 55 -0.98 6.59 -1.32
C GLU A 55 -1.03 7.69 -2.38
N CYS A 56 -1.72 7.38 -3.46
CA CYS A 56 -1.86 8.33 -4.56
C CYS A 56 -3.31 8.82 -4.60
N HIS A 57 -3.46 10.09 -4.94
CA HIS A 57 -4.79 10.68 -5.03
C HIS A 57 -5.09 11.05 -6.48
N PRO A 58 -5.78 10.10 -7.17
CA PRO A 58 -6.15 10.31 -8.57
C PRO A 58 -7.31 11.29 -8.69
N HIS A 59 -7.12 12.46 -8.11
CA HIS A 59 -8.14 13.49 -8.15
C HIS A 59 -7.54 14.83 -7.72
N LEU A 60 -6.73 14.76 -6.67
CA LEU A 60 -6.08 15.96 -6.15
C LEU A 60 -4.64 16.01 -6.65
N ALA A 61 -4.25 14.96 -7.35
CA ALA A 61 -2.90 14.87 -7.88
C ALA A 61 -1.89 15.02 -6.74
N LEU A 62 -2.15 14.29 -5.67
CA LEU A 62 -1.29 14.34 -4.49
C LEU A 62 -0.62 12.97 -4.32
N GLU A 63 0.47 12.98 -3.56
CA GLU A 63 1.21 11.75 -3.30
C GLU A 63 1.78 11.77 -1.88
N ARG A 64 1.20 10.92 -1.04
CA ARG A 64 1.64 10.81 0.33
C ARG A 64 2.21 9.42 0.61
N GLY A 65 3.32 9.42 1.36
CA GLY A 65 3.98 8.17 1.71
C GLY A 65 3.70 7.79 3.16
N LEU A 66 3.45 6.49 3.36
CA LEU A 66 3.17 5.99 4.70
C LEU A 66 4.29 5.04 5.12
N GLU A 67 4.45 4.89 6.43
CA GLU A 67 5.47 4.01 6.97
C GLU A 67 4.99 2.55 6.94
N ASP A 68 5.77 1.70 7.57
CA ASP A 68 5.43 0.28 7.62
C ASP A 68 4.34 0.06 8.66
N HIS A 69 4.61 0.55 9.87
CA HIS A 69 3.66 0.42 10.96
C HIS A 69 2.28 0.89 10.50
N GLU A 70 2.29 1.82 9.55
CA GLU A 70 1.05 2.36 9.03
C GLU A 70 0.17 1.24 8.46
N SER A 71 -1.11 1.32 8.77
CA SER A 71 -2.06 0.33 8.30
C SER A 71 -2.72 0.81 7.01
N VAL A 72 -2.46 0.06 5.95
CA VAL A 72 -3.03 0.40 4.65
C VAL A 72 -4.54 0.58 4.78
N VAL A 73 -5.14 -0.30 5.57
CA VAL A 73 -6.58 -0.26 5.79
C VAL A 73 -6.93 1.03 6.55
N GLU A 74 -6.36 1.14 7.74
CA GLU A 74 -6.61 2.32 8.56
C GLU A 74 -6.38 3.60 7.76
N VAL A 75 -5.35 3.57 6.93
CA VAL A 75 -5.01 4.71 6.10
C VAL A 75 -5.97 4.76 4.91
N GLN A 76 -6.41 3.59 4.49
CA GLN A 76 -7.32 3.48 3.37
C GLN A 76 -8.72 3.94 3.77
N ALA A 77 -9.06 3.67 5.03
CA ALA A 77 -10.35 4.04 5.56
C ALA A 77 -10.40 5.55 5.78
N ALA A 78 -9.21 6.15 5.82
CA ALA A 78 -9.11 7.58 6.03
C ALA A 78 -9.48 8.30 4.73
N TRP A 79 -9.04 7.73 3.62
CA TRP A 79 -9.31 8.31 2.32
C TRP A 79 -10.81 8.66 2.26
N PRO A 80 -11.10 9.83 1.66
CA PRO A 80 -12.48 10.29 1.55
C PRO A 80 -13.22 9.52 0.45
N VAL A 81 -14.53 9.69 0.43
CA VAL A 81 -15.36 9.01 -0.55
C VAL A 81 -15.15 9.65 -1.92
N GLY A 82 -15.16 10.98 -1.93
CA GLY A 82 -14.97 11.72 -3.17
C GLY A 82 -13.50 11.72 -3.59
N GLY A 83 -12.97 10.53 -3.79
CA GLY A 83 -11.58 10.38 -4.18
C GLY A 83 -11.18 8.90 -4.24
N ASP A 84 -11.03 8.40 -5.46
CA ASP A 84 -10.64 7.02 -5.65
C ASP A 84 -9.16 6.84 -5.30
N SER A 85 -8.85 7.13 -4.05
CA SER A 85 -7.47 7.01 -3.59
C SER A 85 -6.97 5.58 -3.80
N ARG A 86 -5.66 5.47 -3.92
CA ARG A 86 -5.04 4.16 -4.14
C ARG A 86 -3.61 4.15 -3.58
N PHE A 87 -3.02 2.97 -3.56
CA PHE A 87 -1.66 2.81 -3.06
C PHE A 87 -0.68 2.57 -4.20
N VAL A 88 0.55 3.02 -3.98
CA VAL A 88 1.59 2.85 -4.99
C VAL A 88 2.85 2.27 -4.33
N PHE A 89 3.52 1.42 -5.08
CA PHE A 89 4.73 0.79 -4.58
C PHE A 89 5.98 1.42 -5.19
N ARG A 90 6.78 2.03 -4.34
CA ARG A 90 8.01 2.68 -4.78
C ARG A 90 9.05 2.64 -3.68
N LYS A 91 10.30 2.54 -4.10
CA LYS A 91 11.42 2.48 -3.16
C LYS A 91 12.11 3.85 -3.13
N ASN A 92 11.82 4.65 -4.14
CA ASN A 92 12.41 5.97 -4.24
C ASN A 92 11.29 7.02 -4.29
N PHE A 93 11.13 7.73 -3.19
CA PHE A 93 10.11 8.76 -3.10
C PHE A 93 10.12 9.43 -1.72
N ALA A 94 10.85 10.52 -1.63
CA ALA A 94 10.95 11.26 -0.39
C ALA A 94 11.78 12.53 -0.62
N SER A 95 12.11 13.19 0.48
CA SER A 95 12.89 14.41 0.42
C SER A 95 14.10 14.30 1.34
N GLY A 96 15.27 14.17 0.72
CA GLY A 96 16.50 14.06 1.48
C GLY A 96 16.99 12.60 1.52
N PRO A 97 18.30 12.43 1.19
CA PRO A 97 18.90 11.11 1.20
C PRO A 97 19.16 10.62 2.62
N SER A 98 19.13 9.31 2.78
CA SER A 98 19.36 8.71 4.08
C SER A 98 20.16 7.41 3.93
N SER A 99 19.59 6.49 3.15
CA SER A 99 20.24 5.21 2.92
C SER A 99 20.51 4.51 4.25
N GLY A 100 19.73 3.47 4.51
CA GLY A 100 19.88 2.71 5.73
C GLY A 100 19.76 1.21 5.47
N GLY A 1 -11.88 -14.94 17.53
CA GLY A 1 -12.21 -15.48 16.22
C GLY A 1 -11.14 -16.46 15.74
N SER A 2 -11.42 -17.74 15.95
CA SER A 2 -10.50 -18.78 15.55
C SER A 2 -11.14 -19.67 14.48
N SER A 3 -12.26 -20.26 14.85
CA SER A 3 -12.98 -21.14 13.93
C SER A 3 -13.91 -20.31 13.03
N GLY A 4 -13.37 -19.93 11.88
CA GLY A 4 -14.14 -19.13 10.94
C GLY A 4 -13.49 -17.77 10.71
N SER A 5 -13.69 -17.23 9.52
CA SER A 5 -13.14 -15.94 9.16
C SER A 5 -14.26 -14.93 8.91
N SER A 6 -14.79 -14.39 9.99
CA SER A 6 -15.87 -13.43 9.89
C SER A 6 -15.43 -12.24 9.04
N GLY A 7 -16.39 -11.68 8.32
CA GLY A 7 -16.11 -10.54 7.46
C GLY A 7 -15.15 -10.92 6.33
N ARG A 8 -15.43 -10.38 5.16
CA ARG A 8 -14.59 -10.66 3.99
C ARG A 8 -13.23 -10.01 4.16
N PRO A 9 -12.24 -10.53 3.36
CA PRO A 9 -10.89 -10.00 3.42
C PRO A 9 -10.80 -8.64 2.71
N HIS A 10 -9.64 -8.00 2.87
CA HIS A 10 -9.42 -6.70 2.25
C HIS A 10 -8.53 -6.87 1.02
N VAL A 11 -9.14 -6.65 -0.14
CA VAL A 11 -8.42 -6.77 -1.39
C VAL A 11 -7.80 -5.42 -1.75
N VAL A 12 -6.56 -5.24 -1.34
CA VAL A 12 -5.85 -4.00 -1.61
C VAL A 12 -5.30 -4.02 -3.03
N LYS A 13 -5.55 -2.94 -3.75
CA LYS A 13 -5.09 -2.84 -5.12
C LYS A 13 -3.89 -1.88 -5.18
N VAL A 14 -2.71 -2.48 -5.32
CA VAL A 14 -1.49 -1.70 -5.39
C VAL A 14 -1.09 -1.52 -6.85
N TYR A 15 -0.71 -0.29 -7.18
CA TYR A 15 -0.30 0.03 -8.54
C TYR A 15 1.19 0.37 -8.59
N SER A 16 1.82 -0.03 -9.70
CA SER A 16 3.23 0.22 -9.90
C SER A 16 3.42 1.35 -10.93
N GLU A 17 4.49 2.11 -10.71
CA GLU A 17 4.80 3.22 -11.61
C GLU A 17 4.65 2.77 -13.07
N ASP A 18 5.30 1.66 -13.39
CA ASP A 18 5.24 1.13 -14.73
C ASP A 18 3.78 1.05 -15.20
N GLY A 19 2.95 0.56 -14.30
CA GLY A 19 1.53 0.43 -14.59
C GLY A 19 1.00 -0.93 -14.16
N ALA A 20 1.90 -1.91 -14.14
CA ALA A 20 1.54 -3.26 -13.73
C ALA A 20 0.77 -3.21 -12.42
N CYS A 21 -0.51 -3.59 -12.50
CA CYS A 21 -1.36 -3.59 -11.32
C CYS A 21 -1.28 -4.97 -10.67
N ARG A 22 -1.56 -5.00 -9.37
CA ARG A 22 -1.54 -6.25 -8.63
C ARG A 22 -2.19 -6.07 -7.27
N SER A 23 -2.98 -7.05 -6.89
CA SER A 23 -3.69 -7.02 -5.62
C SER A 23 -3.25 -8.19 -4.74
N VAL A 24 -3.47 -8.04 -3.45
CA VAL A 24 -3.10 -9.09 -2.49
C VAL A 24 -4.24 -9.27 -1.49
N GLU A 25 -4.40 -10.52 -1.06
CA GLU A 25 -5.45 -10.84 -0.11
C GLU A 25 -4.93 -10.64 1.33
N VAL A 26 -5.45 -9.60 1.97
CA VAL A 26 -5.06 -9.28 3.32
C VAL A 26 -6.32 -9.18 4.20
N ALA A 27 -6.08 -9.04 5.50
CA ALA A 27 -7.17 -8.94 6.45
C ALA A 27 -6.84 -7.86 7.48
N ALA A 28 -7.89 -7.30 8.08
CA ALA A 28 -7.72 -6.27 9.08
C ALA A 28 -6.57 -6.64 10.01
N GLY A 29 -5.40 -6.06 9.72
CA GLY A 29 -4.22 -6.33 10.51
C GLY A 29 -2.96 -5.96 9.73
N ALA A 30 -2.87 -6.49 8.53
CA ALA A 30 -1.71 -6.23 7.68
C ALA A 30 -1.49 -4.72 7.57
N THR A 31 -0.22 -4.35 7.47
CA THR A 31 0.14 -2.94 7.36
C THR A 31 0.76 -2.65 5.99
N ALA A 32 1.21 -1.42 5.83
CA ALA A 32 1.82 -1.00 4.58
C ALA A 32 3.10 -1.82 4.36
N ARG A 33 3.53 -2.49 5.41
CA ARG A 33 4.74 -3.31 5.33
C ARG A 33 4.39 -4.70 4.82
N HIS A 34 3.31 -5.25 5.36
CA HIS A 34 2.86 -6.58 4.98
C HIS A 34 2.78 -6.66 3.45
N VAL A 35 2.11 -5.69 2.87
CA VAL A 35 1.95 -5.64 1.43
C VAL A 35 3.33 -5.68 0.76
N CYS A 36 4.18 -4.76 1.18
CA CYS A 36 5.52 -4.69 0.64
C CYS A 36 6.11 -6.10 0.63
N GLU A 37 6.12 -6.71 1.80
CA GLU A 37 6.66 -8.05 1.95
C GLU A 37 5.97 -9.00 0.96
N MET A 38 4.65 -8.99 0.98
CA MET A 38 3.88 -9.83 0.11
C MET A 38 4.25 -9.59 -1.36
N LEU A 39 4.13 -8.34 -1.77
CA LEU A 39 4.44 -7.96 -3.13
C LEU A 39 5.89 -8.36 -3.44
N VAL A 40 6.80 -7.87 -2.62
CA VAL A 40 8.21 -8.18 -2.79
C VAL A 40 8.38 -9.68 -3.01
N GLN A 41 7.90 -10.45 -2.04
CA GLN A 41 7.99 -11.89 -2.11
C GLN A 41 7.15 -12.43 -3.27
N ARG A 42 7.51 -13.61 -3.72
CA ARG A 42 6.80 -14.24 -4.82
C ARG A 42 7.44 -15.58 -5.18
N ALA A 43 8.74 -15.51 -5.52
CA ALA A 43 9.48 -16.70 -5.88
C ALA A 43 10.93 -16.56 -5.40
N HIS A 44 11.59 -15.56 -5.95
CA HIS A 44 12.98 -15.31 -5.59
C HIS A 44 13.05 -14.72 -4.17
N ALA A 45 12.48 -13.54 -4.03
CA ALA A 45 12.46 -12.87 -2.74
C ALA A 45 13.90 -12.59 -2.30
N LEU A 46 14.41 -11.45 -2.73
CA LEU A 46 15.77 -11.06 -2.39
C LEU A 46 15.91 -9.54 -2.55
N SER A 47 15.22 -8.82 -1.68
CA SER A 47 15.25 -7.38 -1.71
C SER A 47 16.16 -6.85 -0.59
N ASP A 48 16.47 -5.57 -0.68
CA ASP A 48 17.32 -4.94 0.32
C ASP A 48 16.74 -3.57 0.69
N GLU A 49 16.44 -2.79 -0.34
CA GLU A 49 15.88 -1.46 -0.14
C GLU A 49 14.77 -1.51 0.92
N THR A 50 14.44 -0.34 1.43
CA THR A 50 13.40 -0.22 2.44
C THR A 50 12.02 -0.49 1.82
N TRP A 51 11.75 0.22 0.74
CA TRP A 51 10.48 0.07 0.05
C TRP A 51 9.36 0.53 1.00
N GLY A 52 8.17 0.67 0.44
CA GLY A 52 7.03 1.09 1.22
C GLY A 52 5.82 1.36 0.33
N LEU A 53 4.75 1.82 0.95
CA LEU A 53 3.53 2.13 0.22
C LEU A 53 3.35 3.64 0.12
N VAL A 54 2.73 4.07 -0.98
CA VAL A 54 2.50 5.48 -1.20
C VAL A 54 1.08 5.68 -1.74
N GLU A 55 0.27 6.33 -0.92
CA GLU A 55 -1.11 6.59 -1.30
C GLU A 55 -1.18 7.66 -2.38
N CYS A 56 -1.87 7.33 -3.46
CA CYS A 56 -2.01 8.25 -4.58
C CYS A 56 -3.44 8.78 -4.58
N HIS A 57 -3.58 10.05 -4.92
CA HIS A 57 -4.88 10.69 -4.96
C HIS A 57 -5.22 11.06 -6.41
N PRO A 58 -5.95 10.14 -7.09
CA PRO A 58 -6.36 10.37 -8.47
C PRO A 58 -7.48 11.39 -8.55
N HIS A 59 -7.22 12.55 -8.00
CA HIS A 59 -8.21 13.63 -8.01
C HIS A 59 -7.54 14.94 -7.59
N LEU A 60 -6.69 14.84 -6.57
CA LEU A 60 -5.99 16.00 -6.06
C LEU A 60 -4.54 15.98 -6.56
N ALA A 61 -4.20 14.90 -7.25
CA ALA A 61 -2.87 14.74 -7.79
C ALA A 61 -1.85 14.90 -6.66
N LEU A 62 -2.08 14.17 -5.58
CA LEU A 62 -1.20 14.23 -4.43
C LEU A 62 -0.52 12.87 -4.24
N GLU A 63 0.56 12.88 -3.49
CA GLU A 63 1.31 11.66 -3.21
C GLU A 63 1.85 11.68 -1.78
N ARG A 64 1.24 10.85 -0.94
CA ARG A 64 1.66 10.76 0.44
C ARG A 64 2.21 9.36 0.74
N GLY A 65 3.24 9.33 1.56
CA GLY A 65 3.87 8.07 1.93
C GLY A 65 3.55 7.71 3.38
N LEU A 66 3.29 6.43 3.61
CA LEU A 66 2.98 5.94 4.94
C LEU A 66 4.06 4.95 5.38
N GLU A 67 4.24 4.87 6.69
CA GLU A 67 5.24 3.98 7.26
C GLU A 67 4.75 2.53 7.18
N ASP A 68 5.49 1.65 7.82
CA ASP A 68 5.16 0.24 7.83
C ASP A 68 4.04 -0.01 8.85
N HIS A 69 4.28 0.45 10.06
CA HIS A 69 3.31 0.29 11.14
C HIS A 69 1.94 0.81 10.67
N GLU A 70 1.99 1.76 9.74
CA GLU A 70 0.78 2.34 9.21
C GLU A 70 -0.13 1.26 8.62
N SER A 71 -1.39 1.29 9.05
CA SER A 71 -2.36 0.31 8.58
C SER A 71 -2.98 0.78 7.26
N VAL A 72 -2.72 0.03 6.22
CA VAL A 72 -3.23 0.35 4.91
C VAL A 72 -4.75 0.59 5.01
N VAL A 73 -5.40 -0.27 5.78
CA VAL A 73 -6.83 -0.16 5.97
C VAL A 73 -7.16 1.15 6.69
N GLU A 74 -6.52 1.33 7.84
CA GLU A 74 -6.73 2.53 8.63
C GLU A 74 -6.46 3.77 7.80
N VAL A 75 -5.40 3.69 6.99
CA VAL A 75 -5.03 4.80 6.13
C VAL A 75 -5.96 4.84 4.92
N GLN A 76 -6.49 3.67 4.58
CA GLN A 76 -7.40 3.56 3.45
C GLN A 76 -8.79 4.06 3.83
N ALA A 77 -9.12 3.85 5.10
CA ALA A 77 -10.42 4.26 5.61
C ALA A 77 -10.42 5.79 5.81
N ALA A 78 -9.23 6.31 6.09
CA ALA A 78 -9.09 7.74 6.30
C ALA A 78 -9.49 8.49 5.03
N TRP A 79 -9.11 7.91 3.90
CA TRP A 79 -9.42 8.52 2.61
C TRP A 79 -10.91 8.90 2.62
N PRO A 80 -11.21 10.02 1.91
CA PRO A 80 -12.58 10.50 1.83
C PRO A 80 -13.42 9.63 0.89
N VAL A 81 -14.73 9.82 0.97
CA VAL A 81 -15.64 9.07 0.14
C VAL A 81 -15.38 9.39 -1.33
N GLY A 82 -15.41 10.68 -1.63
CA GLY A 82 -15.16 11.14 -2.99
C GLY A 82 -13.67 11.19 -3.30
N GLY A 83 -13.00 10.07 -3.02
CA GLY A 83 -11.57 9.97 -3.26
C GLY A 83 -11.13 8.51 -3.35
N ASP A 84 -11.35 7.93 -4.53
CA ASP A 84 -10.98 6.55 -4.77
C ASP A 84 -9.63 6.27 -4.10
N SER A 85 -8.64 7.07 -4.47
CA SER A 85 -7.31 6.92 -3.92
C SER A 85 -6.81 5.49 -4.13
N ARG A 86 -5.52 5.30 -3.90
CA ARG A 86 -4.92 3.99 -4.06
C ARG A 86 -3.48 4.00 -3.53
N PHE A 87 -2.92 2.81 -3.42
CA PHE A 87 -1.55 2.66 -2.93
C PHE A 87 -0.58 2.39 -4.07
N VAL A 88 0.57 3.04 -3.99
CA VAL A 88 1.59 2.88 -5.01
C VAL A 88 2.87 2.35 -4.37
N PHE A 89 3.46 1.36 -5.04
CA PHE A 89 4.68 0.75 -4.54
C PHE A 89 5.91 1.40 -5.18
N ARG A 90 6.72 2.01 -4.34
CA ARG A 90 7.93 2.68 -4.80
C ARG A 90 9.00 2.67 -3.71
N LYS A 91 10.23 2.46 -4.13
CA LYS A 91 11.35 2.44 -3.19
C LYS A 91 12.00 3.82 -3.14
N ASN A 92 12.99 3.94 -2.27
CA ASN A 92 13.70 5.20 -2.11
C ASN A 92 12.70 6.36 -2.18
N PHE A 93 11.48 6.06 -1.74
CA PHE A 93 10.43 7.07 -1.74
C PHE A 93 10.41 7.84 -0.42
N ALA A 94 11.60 8.07 0.11
CA ALA A 94 11.73 8.79 1.36
C ALA A 94 12.67 9.98 1.17
N SER A 95 13.90 9.67 0.77
CA SER A 95 14.90 10.70 0.53
C SER A 95 15.24 10.77 -0.95
N GLY A 96 15.20 11.98 -1.49
CA GLY A 96 15.50 12.18 -2.89
C GLY A 96 17.00 12.20 -3.14
N PRO A 97 17.61 13.40 -2.92
CA PRO A 97 19.04 13.55 -3.11
C PRO A 97 19.82 12.91 -1.96
N SER A 98 21.07 12.57 -2.25
CA SER A 98 21.93 11.95 -1.25
C SER A 98 23.22 12.75 -1.11
N SER A 99 23.96 12.43 -0.05
CA SER A 99 25.22 13.12 0.21
C SER A 99 26.23 12.14 0.81
N GLY A 100 25.83 11.54 1.93
CA GLY A 100 26.70 10.59 2.60
C GLY A 100 26.42 10.57 4.12
N GLY A 1 -17.21 -17.35 22.44
CA GLY A 1 -16.61 -16.94 21.17
C GLY A 1 -15.40 -17.82 20.82
N SER A 2 -14.23 -17.28 21.08
CA SER A 2 -12.99 -18.01 20.80
C SER A 2 -12.73 -18.01 19.29
N SER A 3 -13.68 -18.55 18.56
CA SER A 3 -13.55 -18.62 17.10
C SER A 3 -13.79 -17.24 16.50
N GLY A 4 -13.00 -16.96 15.47
CA GLY A 4 -13.11 -15.67 14.79
C GLY A 4 -12.59 -15.78 13.35
N SER A 5 -13.54 -15.82 12.42
CA SER A 5 -13.20 -15.91 11.01
C SER A 5 -14.47 -15.90 10.17
N SER A 6 -14.73 -14.75 9.56
CA SER A 6 -15.91 -14.60 8.72
C SER A 6 -15.78 -13.33 7.87
N GLY A 7 -15.38 -12.25 8.52
CA GLY A 7 -15.21 -10.98 7.85
C GLY A 7 -14.29 -11.12 6.63
N ARG A 8 -14.91 -11.05 5.46
CA ARG A 8 -14.17 -11.17 4.22
C ARG A 8 -12.84 -10.42 4.32
N PRO A 9 -11.86 -10.87 3.48
CA PRO A 9 -10.55 -10.24 3.47
C PRO A 9 -10.59 -8.90 2.75
N HIS A 10 -9.47 -8.20 2.83
CA HIS A 10 -9.35 -6.89 2.20
C HIS A 10 -8.41 -6.98 0.99
N VAL A 11 -8.98 -6.82 -0.19
CA VAL A 11 -8.21 -6.89 -1.42
C VAL A 11 -7.66 -5.49 -1.73
N VAL A 12 -6.44 -5.24 -1.28
CA VAL A 12 -5.80 -3.96 -1.52
C VAL A 12 -5.27 -3.91 -2.96
N LYS A 13 -5.60 -2.83 -3.64
CA LYS A 13 -5.17 -2.64 -5.01
C LYS A 13 -3.91 -1.77 -5.04
N VAL A 14 -2.79 -2.43 -5.23
CA VAL A 14 -1.51 -1.72 -5.29
C VAL A 14 -1.08 -1.56 -6.74
N TYR A 15 -1.05 -0.32 -7.18
CA TYR A 15 -0.66 -0.02 -8.55
C TYR A 15 0.86 0.20 -8.65
N SER A 16 1.43 -0.32 -9.72
CA SER A 16 2.86 -0.19 -9.95
C SER A 16 3.13 0.89 -10.99
N GLU A 17 4.29 1.51 -10.88
CA GLU A 17 4.67 2.56 -11.81
C GLU A 17 4.25 2.19 -13.23
N ASP A 18 4.72 1.03 -13.67
CA ASP A 18 4.40 0.55 -15.00
C ASP A 18 2.91 0.76 -15.27
N GLY A 19 2.10 0.41 -14.27
CA GLY A 19 0.66 0.57 -14.39
C GLY A 19 -0.05 -0.71 -13.92
N ALA A 20 0.61 -1.84 -14.13
CA ALA A 20 0.05 -3.12 -13.74
C ALA A 20 -0.33 -3.07 -12.26
N CYS A 21 -1.61 -3.29 -12.01
CA CYS A 21 -2.12 -3.28 -10.64
C CYS A 21 -1.92 -4.67 -10.04
N ARG A 22 -1.28 -4.70 -8.89
CA ARG A 22 -1.02 -5.95 -8.20
C ARG A 22 -1.77 -5.99 -6.87
N SER A 23 -2.92 -6.65 -6.89
CA SER A 23 -3.74 -6.78 -5.70
C SER A 23 -3.17 -7.86 -4.78
N VAL A 24 -3.37 -7.66 -3.49
CA VAL A 24 -2.89 -8.61 -2.50
C VAL A 24 -4.02 -8.93 -1.51
N GLU A 25 -4.16 -10.22 -1.22
CA GLU A 25 -5.18 -10.66 -0.29
C GLU A 25 -4.70 -10.51 1.15
N VAL A 26 -5.35 -9.60 1.87
CA VAL A 26 -4.99 -9.35 3.26
C VAL A 26 -6.27 -9.27 4.10
N ALA A 27 -6.07 -9.04 5.39
CA ALA A 27 -7.20 -8.94 6.30
C ALA A 27 -7.05 -7.67 7.13
N ALA A 28 -8.12 -7.32 7.84
CA ALA A 28 -8.12 -6.13 8.67
C ALA A 28 -7.07 -6.28 9.77
N GLY A 29 -5.83 -5.99 9.40
CA GLY A 29 -4.73 -6.09 10.34
C GLY A 29 -3.39 -5.83 9.65
N ALA A 30 -3.29 -6.33 8.42
CA ALA A 30 -2.07 -6.15 7.65
C ALA A 30 -1.77 -4.66 7.51
N THR A 31 -0.49 -4.35 7.48
CA THR A 31 -0.05 -2.96 7.35
C THR A 31 0.67 -2.76 6.02
N ALA A 32 1.13 -1.53 5.82
CA ALA A 32 1.83 -1.19 4.60
C ALA A 32 3.11 -2.02 4.50
N ARG A 33 3.46 -2.64 5.62
CA ARG A 33 4.66 -3.46 5.67
C ARG A 33 4.36 -4.86 5.12
N HIS A 34 3.25 -5.41 5.57
CA HIS A 34 2.83 -6.74 5.13
C HIS A 34 2.79 -6.79 3.61
N VAL A 35 2.16 -5.76 3.04
CA VAL A 35 2.04 -5.68 1.58
C VAL A 35 3.43 -5.63 0.96
N CYS A 36 4.23 -4.68 1.45
CA CYS A 36 5.59 -4.52 0.94
C CYS A 36 6.25 -5.89 0.90
N GLU A 37 6.14 -6.60 2.02
CA GLU A 37 6.72 -7.93 2.12
C GLU A 37 6.12 -8.86 1.06
N MET A 38 4.81 -8.97 1.09
CA MET A 38 4.10 -9.82 0.14
C MET A 38 4.51 -9.49 -1.29
N LEU A 39 4.33 -8.23 -1.66
CA LEU A 39 4.68 -7.78 -3.00
C LEU A 39 6.10 -8.22 -3.32
N VAL A 40 7.05 -7.71 -2.55
CA VAL A 40 8.45 -8.04 -2.74
C VAL A 40 8.58 -9.54 -3.00
N GLN A 41 8.18 -10.32 -2.00
CA GLN A 41 8.25 -11.76 -2.11
C GLN A 41 7.82 -12.22 -3.50
N ARG A 42 8.79 -12.72 -4.26
CA ARG A 42 8.52 -13.18 -5.61
C ARG A 42 9.82 -13.68 -6.26
N ALA A 43 10.13 -14.94 -6.01
CA ALA A 43 11.33 -15.54 -6.56
C ALA A 43 12.56 -14.83 -5.99
N HIS A 44 13.72 -15.37 -6.34
CA HIS A 44 14.97 -14.80 -5.87
C HIS A 44 14.89 -13.27 -5.90
N ALA A 45 15.16 -12.68 -4.75
CA ALA A 45 15.12 -11.23 -4.63
C ALA A 45 16.26 -10.77 -3.71
N LEU A 46 16.29 -11.36 -2.52
CA LEU A 46 17.31 -11.02 -1.55
C LEU A 46 17.15 -9.56 -1.14
N SER A 47 17.01 -9.35 0.16
CA SER A 47 16.85 -8.00 0.68
C SER A 47 18.15 -7.22 0.54
N ASP A 48 18.01 -5.96 0.16
CA ASP A 48 19.16 -5.09 -0.02
C ASP A 48 18.75 -3.65 0.23
N GLU A 49 17.68 -3.24 -0.43
CA GLU A 49 17.18 -1.88 -0.29
C GLU A 49 15.88 -1.88 0.51
N THR A 50 15.27 -0.71 0.59
CA THR A 50 14.02 -0.56 1.32
C THR A 50 12.88 -0.18 0.37
N TRP A 51 11.67 -0.49 0.80
CA TRP A 51 10.50 -0.19 0.00
C TRP A 51 9.37 0.22 0.95
N GLY A 52 8.26 0.63 0.35
CA GLY A 52 7.11 1.05 1.14
C GLY A 52 5.91 1.35 0.22
N LEU A 53 4.82 1.76 0.85
CA LEU A 53 3.60 2.08 0.12
C LEU A 53 3.49 3.60 -0.03
N VAL A 54 2.75 4.00 -1.05
CA VAL A 54 2.54 5.41 -1.31
C VAL A 54 1.09 5.65 -1.75
N GLU A 55 0.36 6.36 -0.89
CA GLU A 55 -1.02 6.66 -1.17
C GLU A 55 -1.14 7.80 -2.19
N CYS A 56 -1.80 7.49 -3.30
CA CYS A 56 -1.98 8.48 -4.36
C CYS A 56 -3.39 9.06 -4.24
N HIS A 57 -3.49 10.36 -4.51
CA HIS A 57 -4.77 11.05 -4.43
C HIS A 57 -5.19 11.50 -5.82
N PRO A 58 -5.99 10.63 -6.49
CA PRO A 58 -6.47 10.94 -7.83
C PRO A 58 -7.58 12.00 -7.80
N HIS A 59 -7.25 13.12 -7.18
CA HIS A 59 -8.20 14.22 -7.07
C HIS A 59 -7.47 15.49 -6.64
N LEU A 60 -6.56 15.32 -5.68
CA LEU A 60 -5.80 16.44 -5.17
C LEU A 60 -4.40 16.42 -5.79
N ALA A 61 -4.14 15.36 -6.54
CA ALA A 61 -2.85 15.21 -7.20
C ALA A 61 -1.74 15.25 -6.14
N LEU A 62 -1.90 14.40 -5.13
CA LEU A 62 -0.93 14.34 -4.06
C LEU A 62 -0.38 12.90 -3.97
N GLU A 63 0.79 12.80 -3.35
CA GLU A 63 1.43 11.49 -3.19
C GLU A 63 2.17 11.44 -1.86
N ARG A 64 1.65 10.61 -0.96
CA ARG A 64 2.25 10.45 0.35
C ARG A 64 2.76 9.01 0.53
N GLY A 65 3.85 8.89 1.27
CA GLY A 65 4.44 7.60 1.52
C GLY A 65 4.25 7.18 2.98
N LEU A 66 3.12 6.52 3.23
CA LEU A 66 2.81 6.07 4.57
C LEU A 66 3.93 5.17 5.08
N GLU A 67 4.05 5.10 6.40
CA GLU A 67 5.09 4.28 7.03
C GLU A 67 4.75 2.80 6.84
N ASP A 68 5.47 1.98 7.59
CA ASP A 68 5.28 0.54 7.52
C ASP A 68 4.23 0.12 8.55
N HIS A 69 4.42 0.60 9.78
CA HIS A 69 3.50 0.28 10.86
C HIS A 69 2.10 0.78 10.49
N GLU A 70 2.06 1.72 9.57
CA GLU A 70 0.80 2.29 9.13
C GLU A 70 -0.07 1.21 8.48
N SER A 71 -1.34 1.21 8.86
CA SER A 71 -2.28 0.24 8.33
C SER A 71 -2.88 0.75 7.01
N VAL A 72 -2.72 -0.06 5.97
CA VAL A 72 -3.24 0.31 4.66
C VAL A 72 -4.75 0.52 4.76
N VAL A 73 -5.38 -0.30 5.58
CA VAL A 73 -6.82 -0.20 5.77
C VAL A 73 -7.15 1.09 6.51
N GLU A 74 -6.62 1.21 7.71
CA GLU A 74 -6.85 2.38 8.53
C GLU A 74 -6.59 3.65 7.71
N VAL A 75 -5.58 3.56 6.86
CA VAL A 75 -5.22 4.70 6.02
C VAL A 75 -6.15 4.75 4.81
N GLN A 76 -6.53 3.57 4.33
CA GLN A 76 -7.41 3.47 3.19
C GLN A 76 -8.81 3.97 3.56
N ALA A 77 -9.22 3.66 4.78
CA ALA A 77 -10.53 4.06 5.27
C ALA A 77 -10.56 5.59 5.43
N ALA A 78 -9.39 6.13 5.77
CA ALA A 78 -9.26 7.57 5.96
C ALA A 78 -9.58 8.28 4.64
N TRP A 79 -9.09 7.70 3.56
CA TRP A 79 -9.34 8.28 2.24
C TRP A 79 -10.82 8.63 2.13
N PRO A 80 -11.09 9.74 1.40
CA PRO A 80 -12.46 10.19 1.21
C PRO A 80 -13.20 9.30 0.20
N VAL A 81 -14.52 9.42 0.22
CA VAL A 81 -15.36 8.63 -0.67
C VAL A 81 -15.19 9.14 -2.10
N GLY A 82 -15.40 10.44 -2.26
CA GLY A 82 -15.28 11.07 -3.56
C GLY A 82 -13.91 10.78 -4.18
N GLY A 83 -12.88 10.86 -3.35
CA GLY A 83 -11.53 10.62 -3.80
C GLY A 83 -11.26 9.12 -3.91
N ASP A 84 -10.83 8.72 -5.11
CA ASP A 84 -10.53 7.33 -5.37
C ASP A 84 -9.04 7.06 -5.10
N SER A 85 -8.63 7.38 -3.88
CA SER A 85 -7.25 7.20 -3.49
C SER A 85 -6.84 5.74 -3.70
N ARG A 86 -5.54 5.54 -3.87
CA ARG A 86 -5.01 4.20 -4.08
C ARG A 86 -3.57 4.11 -3.56
N PHE A 87 -3.04 2.90 -3.58
CA PHE A 87 -1.69 2.66 -3.12
C PHE A 87 -0.75 2.38 -4.30
N VAL A 88 0.43 2.97 -4.23
CA VAL A 88 1.42 2.79 -5.28
C VAL A 88 2.73 2.29 -4.65
N PHE A 89 3.27 1.24 -5.25
CA PHE A 89 4.51 0.65 -4.77
C PHE A 89 5.72 1.27 -5.47
N ARG A 90 6.52 1.97 -4.68
CA ARG A 90 7.71 2.62 -5.21
C ARG A 90 8.82 2.63 -4.16
N LYS A 91 10.03 2.36 -4.62
CA LYS A 91 11.18 2.34 -3.72
C LYS A 91 11.74 3.74 -3.59
N ASN A 92 11.53 4.53 -4.64
CA ASN A 92 12.01 5.91 -4.66
C ASN A 92 10.81 6.86 -4.73
N PHE A 93 10.24 7.14 -3.56
CA PHE A 93 9.09 8.03 -3.49
C PHE A 93 9.49 9.38 -2.87
N ALA A 94 8.96 10.44 -3.47
CA ALA A 94 9.25 11.78 -2.98
C ALA A 94 10.75 11.91 -2.73
N SER A 95 11.48 12.09 -3.81
CA SER A 95 12.93 12.24 -3.73
C SER A 95 13.28 13.63 -3.20
N GLY A 96 14.53 13.76 -2.76
CA GLY A 96 15.01 15.03 -2.23
C GLY A 96 15.95 15.71 -3.22
N PRO A 97 17.04 16.31 -2.65
CA PRO A 97 18.03 16.99 -3.46
C PRO A 97 18.92 15.98 -4.20
N SER A 98 19.08 14.83 -3.58
CA SER A 98 19.89 13.78 -4.17
C SER A 98 21.21 14.37 -4.69
N SER A 99 22.22 14.32 -3.84
CA SER A 99 23.53 14.85 -4.19
C SER A 99 24.05 14.13 -5.43
N GLY A 100 25.00 14.78 -6.11
CA GLY A 100 25.59 14.23 -7.31
C GLY A 100 25.45 15.19 -8.48
N GLY A 1 -11.91 -14.81 16.23
CA GLY A 1 -13.10 -15.35 15.60
C GLY A 1 -13.52 -14.51 14.38
N SER A 2 -14.72 -14.76 13.91
CA SER A 2 -15.25 -14.04 12.76
C SER A 2 -15.96 -12.77 13.23
N SER A 3 -16.96 -12.97 14.08
CA SER A 3 -17.73 -11.85 14.60
C SER A 3 -18.40 -11.10 13.46
N GLY A 4 -19.40 -10.31 13.81
CA GLY A 4 -20.13 -9.52 12.82
C GLY A 4 -19.42 -8.20 12.54
N SER A 5 -18.34 -8.29 11.78
CA SER A 5 -17.57 -7.10 11.43
C SER A 5 -16.57 -7.44 10.32
N SER A 6 -16.74 -6.75 9.19
CA SER A 6 -15.87 -6.98 8.06
C SER A 6 -15.60 -8.47 7.88
N GLY A 7 -16.44 -9.09 7.07
CA GLY A 7 -16.31 -10.52 6.80
C GLY A 7 -15.22 -10.78 5.76
N ARG A 8 -15.63 -10.72 4.50
CA ARG A 8 -14.71 -10.95 3.40
C ARG A 8 -13.39 -10.23 3.66
N PRO A 9 -12.31 -10.74 3.00
CA PRO A 9 -11.00 -10.16 3.15
C PRO A 9 -10.88 -8.85 2.38
N HIS A 10 -9.81 -8.11 2.67
CA HIS A 10 -9.58 -6.84 2.02
C HIS A 10 -8.61 -7.02 0.85
N VAL A 11 -9.14 -6.84 -0.35
CA VAL A 11 -8.34 -6.99 -1.56
C VAL A 11 -7.73 -5.64 -1.92
N VAL A 12 -6.52 -5.42 -1.42
CA VAL A 12 -5.81 -4.18 -1.67
C VAL A 12 -5.24 -4.21 -3.10
N LYS A 13 -5.57 -3.17 -3.86
CA LYS A 13 -5.10 -3.07 -5.22
C LYS A 13 -3.93 -2.08 -5.29
N VAL A 14 -2.73 -2.64 -5.31
CA VAL A 14 -1.53 -1.82 -5.37
C VAL A 14 -1.13 -1.60 -6.82
N TYR A 15 -1.03 -0.33 -7.19
CA TYR A 15 -0.66 0.02 -8.55
C TYR A 15 0.83 0.36 -8.65
N SER A 16 1.44 -0.11 -9.73
CA SER A 16 2.86 0.14 -9.96
C SER A 16 3.04 1.33 -10.91
N GLU A 17 4.10 2.08 -10.66
CA GLU A 17 4.39 3.24 -11.48
C GLU A 17 4.19 2.91 -12.96
N ASP A 18 4.75 1.79 -13.37
CA ASP A 18 4.63 1.35 -14.75
C ASP A 18 3.16 1.38 -15.17
N GLY A 19 2.32 0.83 -14.29
CA GLY A 19 0.89 0.79 -14.56
C GLY A 19 0.30 -0.55 -14.17
N ALA A 20 1.14 -1.58 -14.23
CA ALA A 20 0.71 -2.92 -13.88
C ALA A 20 -0.03 -2.88 -12.54
N CYS A 21 -1.27 -3.36 -12.57
CA CYS A 21 -2.09 -3.38 -11.38
C CYS A 21 -1.90 -4.73 -10.69
N ARG A 22 -1.85 -4.69 -9.36
CA ARG A 22 -1.68 -5.89 -8.58
C ARG A 22 -2.56 -5.85 -7.33
N SER A 23 -3.02 -7.04 -6.94
CA SER A 23 -3.88 -7.15 -5.77
C SER A 23 -3.29 -8.17 -4.79
N VAL A 24 -3.55 -7.93 -3.51
CA VAL A 24 -3.05 -8.82 -2.47
C VAL A 24 -4.18 -9.10 -1.47
N GLU A 25 -4.22 -10.34 -1.01
CA GLU A 25 -5.24 -10.74 -0.04
C GLU A 25 -4.77 -10.44 1.38
N VAL A 26 -5.43 -9.46 1.98
CA VAL A 26 -5.10 -9.05 3.34
C VAL A 26 -6.39 -8.90 4.15
N ALA A 27 -6.22 -8.88 5.46
CA ALA A 27 -7.37 -8.74 6.35
C ALA A 27 -7.06 -7.65 7.39
N ALA A 28 -8.13 -7.12 7.97
CA ALA A 28 -7.98 -6.08 8.98
C ALA A 28 -6.87 -6.46 9.95
N GLY A 29 -5.69 -5.93 9.70
CA GLY A 29 -4.54 -6.21 10.54
C GLY A 29 -3.24 -5.89 9.81
N ALA A 30 -3.11 -6.46 8.62
CA ALA A 30 -1.92 -6.24 7.82
C ALA A 30 -1.61 -4.75 7.76
N THR A 31 -0.32 -4.45 7.70
CA THR A 31 0.12 -3.07 7.64
C THR A 31 0.76 -2.77 6.28
N ALA A 32 1.16 -1.51 6.12
CA ALA A 32 1.78 -1.08 4.88
C ALA A 32 3.01 -1.95 4.60
N ARG A 33 3.58 -2.47 5.66
CA ARG A 33 4.75 -3.33 5.55
C ARG A 33 4.36 -4.71 5.02
N HIS A 34 3.28 -5.24 5.56
CA HIS A 34 2.80 -6.54 5.15
C HIS A 34 2.72 -6.60 3.62
N VAL A 35 2.04 -5.61 3.06
CA VAL A 35 1.89 -5.54 1.62
C VAL A 35 3.27 -5.46 0.96
N CYS A 36 4.07 -4.52 1.44
CA CYS A 36 5.41 -4.35 0.91
C CYS A 36 6.09 -5.71 0.85
N GLU A 37 6.04 -6.41 1.98
CA GLU A 37 6.65 -7.72 2.08
C GLU A 37 6.04 -8.66 1.04
N MET A 38 4.72 -8.74 1.05
CA MET A 38 4.00 -9.59 0.12
C MET A 38 4.40 -9.28 -1.32
N LEU A 39 4.22 -8.03 -1.70
CA LEU A 39 4.56 -7.59 -3.05
C LEU A 39 6.01 -7.97 -3.35
N VAL A 40 6.91 -7.44 -2.53
CA VAL A 40 8.33 -7.72 -2.71
C VAL A 40 8.51 -9.20 -3.08
N GLN A 41 8.04 -10.07 -2.19
CA GLN A 41 8.15 -11.49 -2.42
C GLN A 41 7.24 -12.25 -1.45
N ARG A 42 7.09 -13.54 -1.72
CA ARG A 42 6.25 -14.38 -0.89
C ARG A 42 6.84 -15.79 -0.78
N ALA A 43 8.11 -15.83 -0.40
CA ALA A 43 8.81 -17.09 -0.25
C ALA A 43 10.04 -16.89 0.64
N HIS A 44 10.93 -16.01 0.18
CA HIS A 44 12.14 -15.73 0.91
C HIS A 44 11.99 -14.40 1.66
N ALA A 45 11.86 -13.34 0.89
CA ALA A 45 11.70 -12.01 1.45
C ALA A 45 12.88 -11.71 2.37
N LEU A 46 12.78 -10.59 3.08
CA LEU A 46 13.83 -10.18 3.98
C LEU A 46 15.13 -9.95 3.19
N SER A 47 15.07 -8.99 2.30
CA SER A 47 16.23 -8.66 1.48
C SER A 47 15.91 -7.45 0.59
N ASP A 48 16.93 -7.00 -0.13
CA ASP A 48 16.78 -5.86 -1.02
C ASP A 48 16.19 -4.69 -0.23
N GLU A 49 16.08 -3.56 -0.91
CA GLU A 49 15.54 -2.36 -0.30
C GLU A 49 14.30 -2.71 0.54
N THR A 50 14.09 -1.93 1.58
CA THR A 50 12.96 -2.15 2.47
C THR A 50 11.65 -1.87 1.73
N TRP A 51 11.69 -0.86 0.88
CA TRP A 51 10.51 -0.47 0.11
C TRP A 51 9.46 0.03 1.09
N GLY A 52 8.30 0.39 0.53
CA GLY A 52 7.20 0.89 1.35
C GLY A 52 5.95 1.11 0.49
N LEU A 53 5.00 1.82 1.07
CA LEU A 53 3.75 2.11 0.39
C LEU A 53 3.60 3.62 0.22
N VAL A 54 2.91 4.00 -0.84
CA VAL A 54 2.69 5.41 -1.12
C VAL A 54 1.28 5.60 -1.70
N GLU A 55 0.45 6.28 -0.92
CA GLU A 55 -0.92 6.54 -1.34
C GLU A 55 -0.96 7.61 -2.43
N CYS A 56 -1.51 7.23 -3.57
CA CYS A 56 -1.61 8.15 -4.69
C CYS A 56 -3.05 8.68 -4.75
N HIS A 57 -3.16 9.96 -5.08
CA HIS A 57 -4.46 10.59 -5.18
C HIS A 57 -4.74 10.97 -6.63
N PRO A 58 -5.44 10.05 -7.34
CA PRO A 58 -5.78 10.27 -8.74
C PRO A 58 -6.92 11.28 -8.88
N HIS A 59 -6.71 12.45 -8.27
CA HIS A 59 -7.70 13.51 -8.31
C HIS A 59 -7.06 14.82 -7.86
N LEU A 60 -6.27 14.72 -6.79
CA LEU A 60 -5.61 15.89 -6.24
C LEU A 60 -4.14 15.89 -6.69
N ALA A 61 -3.78 14.85 -7.44
CA ALA A 61 -2.42 14.73 -7.92
C ALA A 61 -1.44 14.87 -6.76
N LEU A 62 -1.75 14.16 -5.68
CA LEU A 62 -0.91 14.20 -4.49
C LEU A 62 -0.23 12.84 -4.31
N GLU A 63 0.84 12.85 -3.53
CA GLU A 63 1.58 11.63 -3.27
C GLU A 63 2.09 11.62 -1.82
N ARG A 64 1.45 10.78 -1.01
CA ARG A 64 1.83 10.67 0.38
C ARG A 64 2.33 9.25 0.68
N GLY A 65 3.38 9.19 1.49
CA GLY A 65 3.97 7.92 1.86
C GLY A 65 3.68 7.59 3.33
N LEU A 66 3.35 6.33 3.57
CA LEU A 66 3.05 5.88 4.91
C LEU A 66 4.13 4.89 5.37
N GLU A 67 4.32 4.83 6.68
CA GLU A 67 5.32 3.94 7.24
C GLU A 67 4.81 2.49 7.23
N ASP A 68 5.60 1.61 7.82
CA ASP A 68 5.25 0.20 7.88
C ASP A 68 4.12 0.01 8.89
N HIS A 69 4.35 0.50 10.09
CA HIS A 69 3.36 0.38 11.16
C HIS A 69 2.00 0.86 10.64
N GLU A 70 2.05 1.87 9.77
CA GLU A 70 0.84 2.42 9.21
C GLU A 70 0.02 1.33 8.52
N SER A 71 -1.24 1.24 8.93
CA SER A 71 -2.14 0.23 8.37
C SER A 71 -2.75 0.75 7.06
N VAL A 72 -2.69 -0.10 6.05
CA VAL A 72 -3.22 0.25 4.75
C VAL A 72 -4.73 0.47 4.86
N VAL A 73 -5.36 -0.36 5.68
CA VAL A 73 -6.80 -0.27 5.89
C VAL A 73 -7.10 1.03 6.65
N GLU A 74 -6.50 1.15 7.82
CA GLU A 74 -6.71 2.33 8.64
C GLU A 74 -6.45 3.60 7.82
N VAL A 75 -5.46 3.52 6.95
CA VAL A 75 -5.10 4.64 6.11
C VAL A 75 -6.05 4.71 4.92
N GLN A 76 -6.50 3.53 4.49
CA GLN A 76 -7.41 3.45 3.37
C GLN A 76 -8.80 3.94 3.76
N ALA A 77 -9.15 3.65 5.01
CA ALA A 77 -10.46 4.06 5.53
C ALA A 77 -10.46 5.57 5.75
N ALA A 78 -9.28 6.11 5.98
CA ALA A 78 -9.13 7.54 6.20
C ALA A 78 -9.42 8.28 4.90
N TRP A 79 -8.99 7.69 3.81
CA TRP A 79 -9.20 8.27 2.50
C TRP A 79 -10.67 8.72 2.40
N PRO A 80 -10.88 9.90 1.77
CA PRO A 80 -12.21 10.45 1.61
C PRO A 80 -12.98 9.69 0.53
N VAL A 81 -14.29 9.93 0.49
CA VAL A 81 -15.14 9.29 -0.49
C VAL A 81 -14.83 9.85 -1.88
N GLY A 82 -14.93 11.16 -1.98
CA GLY A 82 -14.68 11.84 -3.24
C GLY A 82 -13.18 11.83 -3.57
N GLY A 83 -12.64 10.62 -3.69
CA GLY A 83 -11.23 10.46 -4.00
C GLY A 83 -10.88 8.99 -4.17
N ASP A 84 -10.51 8.64 -5.39
CA ASP A 84 -10.14 7.26 -5.70
C ASP A 84 -8.68 7.04 -5.34
N SER A 85 -8.36 7.32 -4.09
CA SER A 85 -7.01 7.16 -3.60
C SER A 85 -6.61 5.68 -3.64
N ARG A 86 -5.38 5.44 -4.08
CA ARG A 86 -4.86 4.08 -4.18
C ARG A 86 -3.50 3.99 -3.49
N PHE A 87 -2.91 2.81 -3.61
CA PHE A 87 -1.61 2.56 -2.99
C PHE A 87 -0.56 2.23 -4.05
N VAL A 88 0.38 3.15 -4.22
CA VAL A 88 1.44 2.97 -5.20
C VAL A 88 2.72 2.50 -4.48
N PHE A 89 3.34 1.49 -5.07
CA PHE A 89 4.57 0.94 -4.51
C PHE A 89 5.80 1.54 -5.17
N ARG A 90 6.63 2.16 -4.35
CA ARG A 90 7.85 2.78 -4.84
C ARG A 90 8.94 2.74 -3.77
N LYS A 91 10.18 2.59 -4.24
CA LYS A 91 11.31 2.53 -3.34
C LYS A 91 12.00 3.89 -3.31
N ASN A 92 13.01 3.99 -2.45
CA ASN A 92 13.77 5.22 -2.32
C ASN A 92 12.81 6.41 -2.43
N PHE A 93 11.58 6.19 -1.98
CA PHE A 93 10.56 7.23 -2.01
C PHE A 93 10.76 8.21 -0.87
N ALA A 94 10.12 9.37 -1.01
CA ALA A 94 10.20 10.40 0.00
C ALA A 94 11.59 11.04 -0.06
N SER A 95 12.57 10.34 0.49
CA SER A 95 13.93 10.83 0.51
C SER A 95 14.89 9.70 0.91
N GLY A 96 14.60 9.12 2.06
CA GLY A 96 15.42 8.03 2.56
C GLY A 96 14.85 7.46 3.87
N PRO A 97 15.11 6.15 4.09
CA PRO A 97 14.62 5.48 5.29
C PRO A 97 15.44 5.88 6.51
N SER A 98 14.85 6.76 7.31
CA SER A 98 15.51 7.24 8.51
C SER A 98 14.47 7.68 9.54
N SER A 99 14.46 6.98 10.66
CA SER A 99 13.52 7.29 11.73
C SER A 99 13.41 8.81 11.91
N GLY A 100 12.17 9.28 11.95
CA GLY A 100 11.93 10.70 12.12
C GLY A 100 12.54 11.51 10.97
N GLY A 1 -22.48 -15.83 3.80
CA GLY A 1 -23.49 -14.81 4.03
C GLY A 1 -23.22 -14.06 5.34
N SER A 2 -23.90 -12.94 5.51
CA SER A 2 -23.75 -12.14 6.70
C SER A 2 -22.28 -11.70 6.86
N SER A 3 -21.98 -10.54 6.31
CA SER A 3 -20.63 -10.01 6.38
C SER A 3 -20.67 -8.48 6.31
N GLY A 4 -19.74 -7.86 7.04
CA GLY A 4 -19.66 -6.41 7.06
C GLY A 4 -18.30 -5.95 7.58
N SER A 5 -18.28 -5.55 8.84
CA SER A 5 -17.05 -5.08 9.47
C SER A 5 -16.00 -6.20 9.44
N SER A 6 -16.39 -7.33 9.99
CA SER A 6 -15.49 -8.48 10.04
C SER A 6 -16.08 -9.64 9.25
N GLY A 7 -15.69 -9.71 7.97
CA GLY A 7 -16.18 -10.77 7.10
C GLY A 7 -15.26 -10.93 5.89
N ARG A 8 -15.71 -10.39 4.76
CA ARG A 8 -14.94 -10.47 3.53
C ARG A 8 -13.56 -9.84 3.73
N PRO A 9 -12.58 -10.37 2.95
CA PRO A 9 -11.21 -9.87 3.03
C PRO A 9 -11.08 -8.52 2.33
N HIS A 10 -9.93 -7.91 2.50
CA HIS A 10 -9.66 -6.61 1.89
C HIS A 10 -8.71 -6.79 0.71
N VAL A 11 -9.27 -6.63 -0.49
CA VAL A 11 -8.48 -6.76 -1.69
C VAL A 11 -7.87 -5.41 -2.06
N VAL A 12 -6.64 -5.21 -1.60
CA VAL A 12 -5.93 -3.97 -1.86
C VAL A 12 -5.28 -4.05 -3.24
N LYS A 13 -5.57 -3.04 -4.06
CA LYS A 13 -5.02 -2.98 -5.40
C LYS A 13 -3.87 -1.97 -5.43
N VAL A 14 -2.65 -2.51 -5.34
CA VAL A 14 -1.47 -1.68 -5.36
C VAL A 14 -1.03 -1.45 -6.81
N TYR A 15 -1.18 -0.21 -7.25
CA TYR A 15 -0.80 0.15 -8.61
C TYR A 15 0.70 0.44 -8.70
N SER A 16 1.30 -0.05 -9.78
CA SER A 16 2.72 0.15 -9.99
C SER A 16 2.95 1.27 -11.01
N GLU A 17 4.14 1.85 -10.97
CA GLU A 17 4.49 2.93 -11.87
C GLU A 17 4.43 2.45 -13.33
N ASP A 18 4.85 1.20 -13.51
CA ASP A 18 4.84 0.61 -14.84
C ASP A 18 3.55 -0.16 -15.04
N GLY A 19 2.45 0.46 -14.64
CA GLY A 19 1.14 -0.16 -14.77
C GLY A 19 1.20 -1.64 -14.44
N ALA A 20 1.79 -1.93 -13.29
CA ALA A 20 1.93 -3.31 -12.83
C ALA A 20 1.14 -3.49 -11.54
N CYS A 21 -0.14 -3.13 -11.60
CA CYS A 21 -1.01 -3.25 -10.45
C CYS A 21 -1.00 -4.71 -9.99
N ARG A 22 -1.05 -4.89 -8.68
CA ARG A 22 -1.06 -6.22 -8.10
C ARG A 22 -1.90 -6.25 -6.82
N SER A 23 -2.97 -7.01 -6.87
CA SER A 23 -3.86 -7.13 -5.73
C SER A 23 -3.28 -8.13 -4.72
N VAL A 24 -3.67 -7.95 -3.46
CA VAL A 24 -3.20 -8.83 -2.41
C VAL A 24 -4.33 -9.06 -1.40
N GLU A 25 -4.40 -10.29 -0.92
CA GLU A 25 -5.43 -10.65 0.05
C GLU A 25 -4.94 -10.39 1.48
N VAL A 26 -5.49 -9.34 2.07
CA VAL A 26 -5.12 -8.97 3.43
C VAL A 26 -6.39 -8.88 4.28
N ALA A 27 -6.18 -8.74 5.58
CA ALA A 27 -7.28 -8.63 6.52
C ALA A 27 -6.99 -7.53 7.53
N ALA A 28 -8.05 -6.98 8.09
CA ALA A 28 -7.91 -5.92 9.08
C ALA A 28 -6.78 -6.28 10.05
N GLY A 29 -5.62 -5.71 9.78
CA GLY A 29 -4.45 -5.95 10.62
C GLY A 29 -3.16 -5.66 9.86
N ALA A 30 -3.04 -6.27 8.70
CA ALA A 30 -1.85 -6.07 7.86
C ALA A 30 -1.55 -4.58 7.76
N THR A 31 -0.29 -4.29 7.49
CA THR A 31 0.15 -2.90 7.36
C THR A 31 0.80 -2.67 6.00
N ALA A 32 1.23 -1.44 5.79
CA ALA A 32 1.87 -1.07 4.54
C ALA A 32 3.10 -1.96 4.31
N ARG A 33 3.57 -2.55 5.40
CA ARG A 33 4.73 -3.42 5.35
C ARG A 33 4.34 -4.79 4.81
N HIS A 34 3.28 -5.34 5.41
CA HIS A 34 2.79 -6.65 5.01
C HIS A 34 2.73 -6.73 3.49
N VAL A 35 2.02 -5.77 2.90
CA VAL A 35 1.88 -5.73 1.46
C VAL A 35 3.26 -5.66 0.81
N CYS A 36 4.03 -4.66 1.22
CA CYS A 36 5.37 -4.47 0.69
C CYS A 36 6.07 -5.83 0.69
N GLU A 37 6.12 -6.44 1.87
CA GLU A 37 6.76 -7.74 2.02
C GLU A 37 6.16 -8.74 1.03
N MET A 38 4.85 -8.83 1.05
CA MET A 38 4.14 -9.74 0.16
C MET A 38 4.50 -9.48 -1.31
N LEU A 39 4.20 -8.26 -1.73
CA LEU A 39 4.49 -7.85 -3.11
C LEU A 39 5.96 -8.14 -3.42
N VAL A 40 6.82 -7.62 -2.55
CA VAL A 40 8.25 -7.81 -2.73
C VAL A 40 8.52 -9.24 -3.17
N GLN A 41 7.93 -10.18 -2.44
CA GLN A 41 8.10 -11.59 -2.75
C GLN A 41 7.19 -12.44 -1.87
N ARG A 42 7.20 -12.12 -0.58
CA ARG A 42 6.37 -12.84 0.38
C ARG A 42 6.77 -12.47 1.80
N ALA A 43 7.97 -12.90 2.18
CA ALA A 43 8.49 -12.63 3.51
C ALA A 43 9.99 -12.89 3.54
N HIS A 44 10.63 -12.40 4.60
CA HIS A 44 12.06 -12.58 4.76
C HIS A 44 12.79 -12.07 3.50
N ALA A 45 13.34 -10.87 3.62
CA ALA A 45 14.05 -10.26 2.52
C ALA A 45 15.49 -9.96 2.95
N LEU A 46 16.28 -9.51 1.99
CA LEU A 46 17.67 -9.17 2.27
C LEU A 46 17.75 -7.73 2.79
N SER A 47 18.63 -7.54 3.76
CA SER A 47 18.81 -6.22 4.34
C SER A 47 19.43 -5.28 3.32
N ASP A 48 18.59 -4.81 2.40
CA ASP A 48 19.04 -3.91 1.36
C ASP A 48 17.84 -3.44 0.54
N GLU A 49 17.92 -2.21 0.07
CA GLU A 49 16.85 -1.64 -0.73
C GLU A 49 15.56 -1.57 0.08
N THR A 50 15.22 -0.36 0.50
CA THR A 50 14.02 -0.14 1.28
C THR A 50 12.81 0.05 0.36
N TRP A 51 11.65 -0.37 0.86
CA TRP A 51 10.42 -0.25 0.09
C TRP A 51 9.31 0.19 1.05
N GLY A 52 8.18 0.52 0.47
CA GLY A 52 7.03 0.97 1.25
C GLY A 52 5.83 1.25 0.35
N LEU A 53 4.77 1.73 0.98
CA LEU A 53 3.54 2.05 0.25
C LEU A 53 3.41 3.57 0.14
N VAL A 54 2.74 4.00 -0.92
CA VAL A 54 2.53 5.42 -1.15
C VAL A 54 1.10 5.65 -1.65
N GLU A 55 0.35 6.38 -0.84
CA GLU A 55 -1.03 6.68 -1.19
C GLU A 55 -1.09 7.76 -2.27
N CYS A 56 -1.62 7.38 -3.42
CA CYS A 56 -1.74 8.30 -4.53
C CYS A 56 -3.16 8.85 -4.55
N HIS A 57 -3.26 10.13 -4.92
CA HIS A 57 -4.55 10.79 -4.98
C HIS A 57 -4.91 11.10 -6.43
N PRO A 58 -5.69 10.17 -7.04
CA PRO A 58 -6.10 10.35 -8.44
C PRO A 58 -7.20 11.39 -8.55
N HIS A 59 -6.89 12.58 -8.06
CA HIS A 59 -7.85 13.68 -8.09
C HIS A 59 -7.15 14.98 -7.75
N LEU A 60 -6.29 14.91 -6.75
CA LEU A 60 -5.54 16.08 -6.31
C LEU A 60 -4.11 16.00 -6.84
N ALA A 61 -3.83 14.90 -7.53
CA ALA A 61 -2.51 14.68 -8.09
C ALA A 61 -1.46 14.81 -6.97
N LEU A 62 -1.72 14.11 -5.88
CA LEU A 62 -0.81 14.13 -4.75
C LEU A 62 -0.24 12.73 -4.52
N GLU A 63 0.85 12.68 -3.79
CA GLU A 63 1.50 11.41 -3.49
C GLU A 63 2.11 11.45 -2.09
N ARG A 64 1.45 10.74 -1.17
CA ARG A 64 1.92 10.69 0.20
C ARG A 64 2.38 9.27 0.55
N GLY A 65 3.48 9.21 1.29
CA GLY A 65 4.04 7.93 1.68
C GLY A 65 3.73 7.63 3.16
N LEU A 66 3.43 6.36 3.43
CA LEU A 66 3.13 5.94 4.78
C LEU A 66 4.17 4.93 5.24
N GLU A 67 4.37 4.88 6.55
CA GLU A 67 5.33 3.96 7.13
C GLU A 67 4.79 2.53 7.08
N ASP A 68 5.58 1.62 7.65
CA ASP A 68 5.19 0.21 7.67
C ASP A 68 4.07 0.02 8.69
N HIS A 69 4.33 0.44 9.92
CA HIS A 69 3.36 0.32 10.99
C HIS A 69 2.00 0.79 10.49
N GLU A 70 2.03 1.81 9.66
CA GLU A 70 0.81 2.38 9.11
C GLU A 70 -0.05 1.27 8.48
N SER A 71 -1.31 1.24 8.88
CA SER A 71 -2.23 0.23 8.37
C SER A 71 -2.88 0.74 7.08
N VAL A 72 -2.71 -0.04 6.02
CA VAL A 72 -3.27 0.31 4.73
C VAL A 72 -4.78 0.51 4.88
N VAL A 73 -5.38 -0.34 5.69
CA VAL A 73 -6.82 -0.27 5.92
C VAL A 73 -7.15 1.02 6.67
N GLU A 74 -6.59 1.12 7.88
CA GLU A 74 -6.81 2.30 8.70
C GLU A 74 -6.55 3.57 7.90
N VAL A 75 -5.52 3.51 7.06
CA VAL A 75 -5.17 4.65 6.24
C VAL A 75 -6.11 4.72 5.04
N GLN A 76 -6.58 3.55 4.62
CA GLN A 76 -7.48 3.48 3.49
C GLN A 76 -8.88 3.96 3.89
N ALA A 77 -9.23 3.68 5.14
CA ALA A 77 -10.52 4.08 5.66
C ALA A 77 -10.52 5.59 5.94
N ALA A 78 -9.37 6.06 6.39
CA ALA A 78 -9.21 7.47 6.69
C ALA A 78 -9.47 8.30 5.44
N TRP A 79 -9.09 7.74 4.30
CA TRP A 79 -9.28 8.41 3.02
C TRP A 79 -10.70 8.97 3.00
N PRO A 80 -10.82 10.19 2.40
CA PRO A 80 -12.12 10.85 2.31
C PRO A 80 -12.99 10.19 1.24
N VAL A 81 -14.28 10.48 1.31
CA VAL A 81 -15.23 9.93 0.36
C VAL A 81 -15.24 10.79 -0.90
N GLY A 82 -14.90 10.17 -2.02
CA GLY A 82 -14.86 10.86 -3.29
C GLY A 82 -13.54 10.62 -4.02
N GLY A 83 -12.45 10.76 -3.27
CA GLY A 83 -11.13 10.56 -3.82
C GLY A 83 -10.77 9.07 -3.86
N ASP A 84 -10.68 8.56 -5.08
CA ASP A 84 -10.34 7.15 -5.27
C ASP A 84 -8.85 6.95 -5.03
N SER A 85 -8.41 7.32 -3.84
CA SER A 85 -7.00 7.20 -3.48
C SER A 85 -6.58 5.73 -3.59
N ARG A 86 -5.35 5.53 -4.04
CA ARG A 86 -4.80 4.20 -4.19
C ARG A 86 -3.40 4.13 -3.58
N PHE A 87 -2.89 2.90 -3.51
CA PHE A 87 -1.56 2.69 -2.96
C PHE A 87 -0.56 2.33 -4.05
N VAL A 88 0.40 3.22 -4.25
CA VAL A 88 1.41 3.02 -5.27
C VAL A 88 2.70 2.52 -4.59
N PHE A 89 3.24 1.44 -5.15
CA PHE A 89 4.46 0.86 -4.62
C PHE A 89 5.69 1.44 -5.30
N ARG A 90 6.53 2.08 -4.49
CA ARG A 90 7.75 2.69 -5.01
C ARG A 90 8.86 2.61 -3.95
N LYS A 91 10.08 2.46 -4.44
CA LYS A 91 11.24 2.36 -3.56
C LYS A 91 11.92 3.73 -3.49
N ASN A 92 11.66 4.54 -4.51
CA ASN A 92 12.25 5.87 -4.57
C ASN A 92 11.13 6.92 -4.67
N PHE A 93 10.76 7.46 -3.52
CA PHE A 93 9.72 8.46 -3.46
C PHE A 93 9.98 9.46 -2.34
N ALA A 94 10.22 8.93 -1.14
CA ALA A 94 10.49 9.78 0.00
C ALA A 94 10.97 8.90 1.16
N SER A 95 10.21 7.86 1.44
CA SER A 95 10.55 6.94 2.51
C SER A 95 11.54 5.89 2.01
N GLY A 96 12.80 6.30 1.95
CA GLY A 96 13.85 5.40 1.49
C GLY A 96 15.23 6.03 1.68
N PRO A 97 15.67 6.76 0.62
CA PRO A 97 16.97 7.42 0.65
C PRO A 97 16.92 8.66 1.54
N SER A 98 17.18 8.45 2.82
CA SER A 98 17.17 9.54 3.78
C SER A 98 15.79 10.20 3.82
N SER A 99 15.16 10.12 4.98
CA SER A 99 13.84 10.71 5.16
C SER A 99 13.95 11.98 6.00
N GLY A 100 14.11 13.10 5.31
CA GLY A 100 14.22 14.38 5.99
C GLY A 100 15.22 15.30 5.27
N GLY A 1 -24.40 -7.71 21.85
CA GLY A 1 -23.14 -7.15 21.36
C GLY A 1 -22.20 -8.27 20.89
N SER A 2 -21.01 -8.28 21.48
CA SER A 2 -20.02 -9.29 21.13
C SER A 2 -19.73 -9.23 19.63
N SER A 3 -18.62 -9.85 19.26
CA SER A 3 -18.21 -9.88 17.86
C SER A 3 -17.93 -8.46 17.37
N GLY A 4 -16.73 -8.28 16.85
CA GLY A 4 -16.31 -6.98 16.34
C GLY A 4 -16.93 -6.71 14.97
N SER A 5 -16.18 -7.08 13.94
CA SER A 5 -16.64 -6.88 12.57
C SER A 5 -15.81 -7.75 11.62
N SER A 6 -16.46 -8.77 11.10
CA SER A 6 -15.81 -9.67 10.16
C SER A 6 -16.74 -10.00 8.99
N GLY A 7 -16.12 -10.35 7.87
CA GLY A 7 -16.88 -10.68 6.67
C GLY A 7 -15.95 -10.98 5.50
N ARG A 8 -15.98 -10.10 4.52
CA ARG A 8 -15.15 -10.26 3.34
C ARG A 8 -13.77 -9.65 3.58
N PRO A 9 -12.76 -10.21 2.85
CA PRO A 9 -11.39 -9.72 2.98
C PRO A 9 -11.21 -8.39 2.26
N HIS A 10 -10.08 -7.76 2.52
CA HIS A 10 -9.78 -6.48 1.90
C HIS A 10 -8.76 -6.68 0.78
N VAL A 11 -9.23 -6.57 -0.45
CA VAL A 11 -8.38 -6.74 -1.61
C VAL A 11 -7.69 -5.40 -1.93
N VAL A 12 -6.51 -5.24 -1.36
CA VAL A 12 -5.74 -4.03 -1.57
C VAL A 12 -5.22 -4.00 -3.01
N LYS A 13 -5.39 -2.85 -3.64
CA LYS A 13 -4.95 -2.67 -5.01
C LYS A 13 -3.71 -1.77 -5.04
N VAL A 14 -2.55 -2.42 -5.12
CA VAL A 14 -1.30 -1.68 -5.16
C VAL A 14 -0.83 -1.53 -6.60
N TYR A 15 -0.75 -0.28 -7.03
CA TYR A 15 -0.33 0.01 -8.39
C TYR A 15 1.18 0.28 -8.45
N SER A 16 1.77 -0.11 -9.57
CA SER A 16 3.21 0.07 -9.77
C SER A 16 3.45 1.16 -10.80
N GLU A 17 4.53 1.90 -10.60
CA GLU A 17 4.89 2.99 -11.50
C GLU A 17 4.67 2.55 -12.95
N ASP A 18 5.24 1.40 -13.28
CA ASP A 18 5.12 0.87 -14.62
C ASP A 18 3.66 0.93 -15.06
N GLY A 19 2.79 0.51 -14.16
CA GLY A 19 1.36 0.53 -14.45
C GLY A 19 0.70 -0.78 -13.99
N ALA A 20 1.50 -1.85 -14.02
CA ALA A 20 1.01 -3.16 -13.61
C ALA A 20 0.40 -3.05 -12.21
N CYS A 21 -0.93 -3.05 -12.18
CA CYS A 21 -1.65 -2.97 -10.92
C CYS A 21 -1.78 -4.37 -10.34
N ARG A 22 -1.25 -4.53 -9.14
CA ARG A 22 -1.30 -5.82 -8.46
C ARG A 22 -2.30 -5.77 -7.31
N SER A 23 -2.71 -6.95 -6.87
CA SER A 23 -3.66 -7.05 -5.77
C SER A 23 -3.16 -8.08 -4.74
N VAL A 24 -3.47 -7.80 -3.48
CA VAL A 24 -3.06 -8.68 -2.40
C VAL A 24 -4.22 -8.85 -1.41
N GLU A 25 -4.38 -10.08 -0.94
CA GLU A 25 -5.44 -10.38 0.00
C GLU A 25 -4.96 -10.13 1.43
N VAL A 26 -5.61 -9.18 2.08
CA VAL A 26 -5.27 -8.84 3.45
C VAL A 26 -6.55 -8.57 4.24
N ALA A 27 -6.41 -8.63 5.56
CA ALA A 27 -7.55 -8.39 6.45
C ALA A 27 -7.23 -7.24 7.39
N ALA A 28 -8.27 -6.56 7.83
CA ALA A 28 -8.11 -5.43 8.73
C ALA A 28 -7.05 -5.78 9.77
N GLY A 29 -5.84 -5.30 9.52
CA GLY A 29 -4.73 -5.55 10.43
C GLY A 29 -3.39 -5.36 9.72
N ALA A 30 -3.29 -5.95 8.54
CA ALA A 30 -2.07 -5.86 7.75
C ALA A 30 -1.68 -4.38 7.61
N THR A 31 -0.38 -4.16 7.46
CA THR A 31 0.13 -2.81 7.31
C THR A 31 0.84 -2.66 5.97
N ALA A 32 1.43 -1.49 5.77
CA ALA A 32 2.13 -1.20 4.53
C ALA A 32 3.38 -2.09 4.45
N ARG A 33 3.68 -2.74 5.56
CA ARG A 33 4.84 -3.61 5.64
C ARG A 33 4.48 -5.01 5.13
N HIS A 34 3.26 -5.43 5.46
CA HIS A 34 2.77 -6.73 5.05
C HIS A 34 2.72 -6.80 3.52
N VAL A 35 1.98 -5.86 2.95
CA VAL A 35 1.84 -5.80 1.50
C VAL A 35 3.22 -5.84 0.85
N CYS A 36 4.01 -4.83 1.19
CA CYS A 36 5.37 -4.74 0.65
C CYS A 36 6.00 -6.13 0.68
N GLU A 37 5.90 -6.76 1.85
CA GLU A 37 6.45 -8.08 2.02
C GLU A 37 5.75 -9.09 1.11
N MET A 38 4.44 -8.88 0.95
CA MET A 38 3.65 -9.76 0.11
C MET A 38 3.93 -9.50 -1.37
N LEU A 39 4.39 -8.29 -1.65
CA LEU A 39 4.70 -7.91 -3.02
C LEU A 39 6.16 -8.24 -3.32
N VAL A 40 7.03 -7.69 -2.49
CA VAL A 40 8.46 -7.92 -2.65
C VAL A 40 8.69 -9.36 -3.08
N GLN A 41 8.12 -10.28 -2.31
CA GLN A 41 8.26 -11.70 -2.60
C GLN A 41 8.06 -11.96 -4.08
N ARG A 42 6.81 -11.91 -4.51
CA ARG A 42 6.47 -12.14 -5.90
C ARG A 42 6.34 -13.64 -6.18
N ALA A 43 7.31 -14.39 -5.70
CA ALA A 43 7.32 -15.82 -5.88
C ALA A 43 8.49 -16.43 -5.10
N HIS A 44 9.68 -15.94 -5.39
CA HIS A 44 10.88 -16.42 -4.72
C HIS A 44 11.67 -15.24 -4.16
N ALA A 45 11.29 -14.82 -2.95
CA ALA A 45 11.94 -13.71 -2.31
C ALA A 45 13.46 -13.86 -2.46
N LEU A 46 14.10 -12.76 -2.85
CA LEU A 46 15.54 -12.75 -3.04
C LEU A 46 16.00 -11.34 -3.42
N SER A 47 15.75 -10.41 -2.51
CA SER A 47 16.12 -9.03 -2.74
C SER A 47 16.86 -8.48 -1.51
N ASP A 48 17.37 -7.27 -1.66
CA ASP A 48 18.08 -6.62 -0.57
C ASP A 48 17.78 -5.12 -0.60
N GLU A 49 16.66 -4.78 -1.21
CA GLU A 49 16.26 -3.39 -1.31
C GLU A 49 14.93 -3.18 -0.58
N THR A 50 14.91 -2.15 0.26
CA THR A 50 13.72 -1.83 1.02
C THR A 50 12.68 -1.15 0.12
N TRP A 51 11.42 -1.25 0.54
CA TRP A 51 10.33 -0.64 -0.21
C TRP A 51 9.26 -0.21 0.78
N GLY A 52 8.27 0.50 0.26
CA GLY A 52 7.18 0.98 1.09
C GLY A 52 5.91 1.21 0.25
N LEU A 53 4.91 1.79 0.90
CA LEU A 53 3.65 2.08 0.23
C LEU A 53 3.46 3.59 0.12
N VAL A 54 2.77 3.99 -0.93
CA VAL A 54 2.51 5.41 -1.14
C VAL A 54 1.07 5.59 -1.64
N GLU A 55 0.29 6.32 -0.85
CA GLU A 55 -1.10 6.57 -1.18
C GLU A 55 -1.19 7.61 -2.30
N CYS A 56 -1.97 7.28 -3.31
CA CYS A 56 -2.16 8.17 -4.44
C CYS A 56 -3.59 8.72 -4.40
N HIS A 57 -3.72 9.98 -4.78
CA HIS A 57 -5.02 10.63 -4.78
C HIS A 57 -5.42 10.96 -6.22
N PRO A 58 -6.17 10.01 -6.84
CA PRO A 58 -6.62 10.19 -8.21
C PRO A 58 -7.77 11.19 -8.27
N HIS A 59 -7.53 12.38 -7.75
CA HIS A 59 -8.52 13.42 -7.74
C HIS A 59 -7.86 14.76 -7.40
N LEU A 60 -6.98 14.71 -6.42
CA LEU A 60 -6.27 15.91 -5.98
C LEU A 60 -4.86 15.90 -6.57
N ALA A 61 -4.54 14.82 -7.26
CA ALA A 61 -3.24 14.67 -7.88
C ALA A 61 -2.15 14.87 -6.81
N LEU A 62 -2.30 14.12 -5.73
CA LEU A 62 -1.35 14.19 -4.62
C LEU A 62 -0.68 12.82 -4.44
N GLU A 63 0.43 12.84 -3.73
CA GLU A 63 1.16 11.61 -3.47
C GLU A 63 1.80 11.65 -2.08
N ARG A 64 1.22 10.87 -1.17
CA ARG A 64 1.71 10.81 0.19
C ARG A 64 2.19 9.40 0.52
N GLY A 65 3.29 9.33 1.26
CA GLY A 65 3.86 8.05 1.66
C GLY A 65 3.61 7.78 3.15
N LEU A 66 3.11 6.58 3.41
CA LEU A 66 2.82 6.19 4.78
C LEU A 66 3.91 5.22 5.26
N GLU A 67 4.02 5.10 6.58
CA GLU A 67 5.00 4.23 7.17
C GLU A 67 4.68 2.76 6.86
N ASP A 68 5.51 1.88 7.40
CA ASP A 68 5.32 0.45 7.18
C ASP A 68 4.29 -0.08 8.18
N HIS A 69 4.51 0.25 9.44
CA HIS A 69 3.61 -0.18 10.50
C HIS A 69 2.21 0.36 10.24
N GLU A 70 2.16 1.48 9.51
CA GLU A 70 0.90 2.11 9.19
C GLU A 70 -0.06 1.07 8.58
N SER A 71 -1.29 1.06 9.11
CA SER A 71 -2.29 0.14 8.63
C SER A 71 -2.87 0.64 7.30
N VAL A 72 -2.52 -0.06 6.23
CA VAL A 72 -2.99 0.30 4.90
C VAL A 72 -4.49 0.56 4.96
N VAL A 73 -5.19 -0.30 5.69
CA VAL A 73 -6.63 -0.18 5.83
C VAL A 73 -6.95 1.12 6.56
N GLU A 74 -6.53 1.18 7.81
CA GLU A 74 -6.77 2.36 8.62
C GLU A 74 -6.38 3.63 7.86
N VAL A 75 -5.49 3.45 6.89
CA VAL A 75 -5.03 4.57 6.07
C VAL A 75 -5.97 4.74 4.88
N GLN A 76 -6.33 3.61 4.29
CA GLN A 76 -7.22 3.62 3.14
C GLN A 76 -8.66 3.87 3.58
N ALA A 77 -8.85 3.87 4.89
CA ALA A 77 -10.17 4.09 5.46
C ALA A 77 -10.40 5.60 5.62
N ALA A 78 -9.32 6.30 5.92
CA ALA A 78 -9.39 7.75 6.09
C ALA A 78 -9.73 8.41 4.76
N TRP A 79 -9.25 7.78 3.69
CA TRP A 79 -9.49 8.29 2.35
C TRP A 79 -10.96 8.69 2.26
N PRO A 80 -11.21 9.83 1.57
CA PRO A 80 -12.57 10.34 1.39
C PRO A 80 -13.33 9.50 0.36
N VAL A 81 -14.61 9.79 0.25
CA VAL A 81 -15.47 9.09 -0.70
C VAL A 81 -15.34 9.73 -2.07
N GLY A 82 -15.26 8.87 -3.09
CA GLY A 82 -15.14 9.35 -4.46
C GLY A 82 -13.67 9.45 -4.88
N GLY A 83 -12.87 10.01 -3.98
CA GLY A 83 -11.45 10.18 -4.24
C GLY A 83 -10.89 8.96 -4.96
N ASP A 84 -11.35 7.79 -4.53
CA ASP A 84 -10.90 6.55 -5.14
C ASP A 84 -9.39 6.42 -4.96
N SER A 85 -8.92 6.81 -3.77
CA SER A 85 -7.50 6.74 -3.47
C SER A 85 -7.00 5.30 -3.57
N ARG A 86 -5.72 5.17 -3.87
CA ARG A 86 -5.12 3.85 -4.00
C ARG A 86 -3.70 3.87 -3.42
N PHE A 87 -3.02 2.74 -3.58
CA PHE A 87 -1.67 2.60 -3.07
C PHE A 87 -0.68 2.39 -4.23
N VAL A 88 0.48 3.01 -4.09
CA VAL A 88 1.52 2.90 -5.10
C VAL A 88 2.80 2.38 -4.46
N PHE A 89 3.37 1.36 -5.09
CA PHE A 89 4.60 0.76 -4.59
C PHE A 89 5.83 1.41 -5.22
N ARG A 90 6.63 2.04 -4.37
CA ARG A 90 7.83 2.71 -4.83
C ARG A 90 8.89 2.72 -3.72
N LYS A 91 10.14 2.61 -4.14
CA LYS A 91 11.24 2.60 -3.20
C LYS A 91 11.79 4.03 -3.05
N ASN A 92 11.83 4.73 -4.17
CA ASN A 92 12.31 6.10 -4.18
C ASN A 92 11.17 7.05 -4.52
N PHE A 93 10.59 7.63 -3.47
CA PHE A 93 9.49 8.56 -3.65
C PHE A 93 9.81 9.92 -3.02
N ALA A 94 9.01 10.90 -3.39
CA ALA A 94 9.20 12.25 -2.88
C ALA A 94 9.25 12.21 -1.34
N SER A 95 10.13 13.03 -0.80
CA SER A 95 10.29 13.09 0.66
C SER A 95 10.48 14.55 1.09
N GLY A 96 9.37 15.14 1.52
CA GLY A 96 9.40 16.53 1.96
C GLY A 96 8.07 16.92 2.61
N PRO A 97 8.14 17.97 3.48
CA PRO A 97 6.95 18.45 4.17
C PRO A 97 6.06 19.25 3.21
N SER A 98 6.66 20.23 2.57
CA SER A 98 5.93 21.08 1.64
C SER A 98 4.86 21.88 2.38
N SER A 99 4.44 22.96 1.75
CA SER A 99 3.42 23.82 2.34
C SER A 99 2.18 23.84 1.45
N GLY A 100 1.26 22.93 1.76
CA GLY A 100 0.01 22.83 1.01
C GLY A 100 -0.90 21.77 1.61
N GLY A 1 -2.37 -8.57 14.27
CA GLY A 1 -1.80 -9.19 13.08
C GLY A 1 -2.66 -10.38 12.62
N SER A 2 -3.70 -10.06 11.86
CA SER A 2 -4.59 -11.08 11.35
C SER A 2 -5.36 -11.73 12.52
N SER A 3 -6.67 -11.55 12.50
CA SER A 3 -7.51 -12.10 13.54
C SER A 3 -8.78 -12.69 12.91
N GLY A 4 -8.66 -13.93 12.45
CA GLY A 4 -9.78 -14.62 11.83
C GLY A 4 -10.24 -13.89 10.56
N SER A 5 -11.01 -14.60 9.76
CA SER A 5 -11.52 -14.05 8.52
C SER A 5 -12.94 -13.54 8.72
N SER A 6 -13.04 -12.32 9.23
CA SER A 6 -14.34 -11.71 9.47
C SER A 6 -14.99 -11.31 8.15
N GLY A 7 -16.08 -12.01 7.83
CA GLY A 7 -16.80 -11.74 6.60
C GLY A 7 -15.93 -12.05 5.38
N ARG A 8 -15.29 -11.01 4.87
CA ARG A 8 -14.42 -11.16 3.70
C ARG A 8 -13.12 -10.40 3.91
N PRO A 9 -12.07 -10.83 3.16
CA PRO A 9 -10.76 -10.20 3.25
C PRO A 9 -10.76 -8.85 2.53
N HIS A 10 -9.62 -8.18 2.60
CA HIS A 10 -9.47 -6.88 1.96
C HIS A 10 -8.50 -7.00 0.79
N VAL A 11 -9.06 -6.92 -0.41
CA VAL A 11 -8.26 -7.01 -1.62
C VAL A 11 -7.69 -5.63 -1.95
N VAL A 12 -6.48 -5.39 -1.44
CA VAL A 12 -5.82 -4.11 -1.68
C VAL A 12 -5.23 -4.11 -3.08
N LYS A 13 -5.55 -3.06 -3.82
CA LYS A 13 -5.06 -2.92 -5.18
C LYS A 13 -3.86 -1.98 -5.20
N VAL A 14 -2.68 -2.58 -5.21
CA VAL A 14 -1.44 -1.81 -5.21
C VAL A 14 -0.94 -1.69 -6.66
N TYR A 15 -0.63 -0.46 -7.03
CA TYR A 15 -0.13 -0.19 -8.38
C TYR A 15 1.38 0.02 -8.37
N SER A 16 2.03 -0.52 -9.39
CA SER A 16 3.48 -0.39 -9.51
C SER A 16 3.83 0.85 -10.34
N GLU A 17 4.94 1.46 -9.98
CA GLU A 17 5.40 2.64 -10.68
C GLU A 17 5.27 2.45 -12.19
N ASP A 18 5.61 1.24 -12.63
CA ASP A 18 5.54 0.92 -14.05
C ASP A 18 4.10 1.14 -14.55
N GLY A 19 3.15 0.66 -13.77
CA GLY A 19 1.75 0.79 -14.12
C GLY A 19 0.98 -0.49 -13.81
N ALA A 20 1.71 -1.60 -13.80
CA ALA A 20 1.11 -2.88 -13.51
C ALA A 20 0.38 -2.83 -12.18
N CYS A 21 -0.93 -2.95 -12.24
CA CYS A 21 -1.75 -2.92 -11.04
C CYS A 21 -1.81 -4.33 -10.45
N ARG A 22 -1.41 -4.42 -9.19
CA ARG A 22 -1.41 -5.70 -8.50
C ARG A 22 -2.39 -5.68 -7.33
N SER A 23 -2.71 -6.87 -6.84
CA SER A 23 -3.64 -6.99 -5.73
C SER A 23 -3.05 -7.93 -4.66
N VAL A 24 -3.58 -7.79 -3.46
CA VAL A 24 -3.12 -8.62 -2.35
C VAL A 24 -4.29 -8.89 -1.40
N GLU A 25 -4.32 -10.11 -0.89
CA GLU A 25 -5.38 -10.51 0.03
C GLU A 25 -4.91 -10.34 1.48
N VAL A 26 -5.42 -9.30 2.11
CA VAL A 26 -5.06 -9.02 3.49
C VAL A 26 -6.34 -8.82 4.32
N ALA A 27 -6.17 -8.84 5.63
CA ALA A 27 -7.29 -8.65 6.53
C ALA A 27 -6.99 -7.49 7.49
N ALA A 28 -8.06 -6.86 7.95
CA ALA A 28 -7.93 -5.74 8.86
C ALA A 28 -6.83 -6.04 9.87
N GLY A 29 -5.65 -5.50 9.60
CA GLY A 29 -4.51 -5.70 10.47
C GLY A 29 -3.19 -5.48 9.71
N ALA A 30 -3.08 -6.14 8.57
CA ALA A 30 -1.89 -6.02 7.75
C ALA A 30 -1.51 -4.55 7.61
N THR A 31 -0.22 -4.29 7.67
CA THR A 31 0.29 -2.93 7.55
C THR A 31 0.97 -2.73 6.20
N ALA A 32 1.44 -1.52 5.99
CA ALA A 32 2.13 -1.18 4.74
C ALA A 32 3.34 -2.10 4.57
N ARG A 33 3.72 -2.73 5.67
CA ARG A 33 4.86 -3.64 5.65
C ARG A 33 4.44 -5.01 5.12
N HIS A 34 3.22 -5.39 5.48
CA HIS A 34 2.68 -6.68 5.05
C HIS A 34 2.56 -6.70 3.53
N VAL A 35 1.99 -5.62 2.99
CA VAL A 35 1.80 -5.51 1.56
C VAL A 35 3.16 -5.59 0.86
N CYS A 36 4.12 -4.85 1.39
CA CYS A 36 5.46 -4.83 0.84
C CYS A 36 5.98 -6.27 0.82
N GLU A 37 5.92 -6.90 1.98
CA GLU A 37 6.38 -8.27 2.11
C GLU A 37 5.78 -9.14 1.00
N MET A 38 4.46 -9.13 0.93
CA MET A 38 3.75 -9.90 -0.06
C MET A 38 4.17 -9.49 -1.48
N LEU A 39 3.91 -8.23 -1.78
CA LEU A 39 4.25 -7.69 -3.09
C LEU A 39 5.67 -8.13 -3.47
N VAL A 40 6.61 -7.81 -2.60
CA VAL A 40 7.99 -8.18 -2.81
C VAL A 40 8.08 -9.64 -3.24
N GLN A 41 7.48 -10.49 -2.43
CA GLN A 41 7.48 -11.92 -2.70
C GLN A 41 6.59 -12.66 -1.69
N ARG A 42 7.11 -12.79 -0.48
CA ARG A 42 6.38 -13.47 0.57
C ARG A 42 7.22 -13.53 1.85
N ALA A 43 7.77 -12.38 2.21
CA ALA A 43 8.60 -12.30 3.40
C ALA A 43 9.88 -13.11 3.18
N HIS A 44 10.64 -12.69 2.18
CA HIS A 44 11.88 -13.37 1.85
C HIS A 44 12.99 -12.33 1.66
N ALA A 45 14.21 -12.83 1.50
CA ALA A 45 15.36 -11.97 1.31
C ALA A 45 15.59 -11.15 2.58
N LEU A 46 16.84 -11.19 3.05
CA LEU A 46 17.20 -10.45 4.25
C LEU A 46 17.22 -8.96 3.94
N SER A 47 17.54 -8.18 4.97
CA SER A 47 17.59 -6.73 4.82
C SER A 47 18.31 -6.37 3.53
N ASP A 48 17.53 -5.89 2.57
CA ASP A 48 18.08 -5.49 1.28
C ASP A 48 17.15 -4.47 0.63
N GLU A 49 15.86 -4.77 0.67
CA GLU A 49 14.87 -3.88 0.10
C GLU A 49 13.66 -3.75 1.03
N THR A 50 13.51 -2.57 1.61
CA THR A 50 12.42 -2.32 2.52
C THR A 50 11.16 -1.91 1.75
N TRP A 51 11.36 -1.01 0.79
CA TRP A 51 10.27 -0.53 -0.03
C TRP A 51 9.19 0.02 0.90
N GLY A 52 8.16 0.59 0.29
CA GLY A 52 7.05 1.15 1.05
C GLY A 52 5.82 1.36 0.16
N LEU A 53 4.80 1.95 0.75
CA LEU A 53 3.57 2.20 0.04
C LEU A 53 3.40 3.72 -0.14
N VAL A 54 2.71 4.08 -1.21
CA VAL A 54 2.47 5.48 -1.51
C VAL A 54 0.98 5.69 -1.82
N GLU A 55 0.37 6.59 -1.08
CA GLU A 55 -1.04 6.89 -1.28
C GLU A 55 -1.21 8.01 -2.31
N CYS A 56 -1.80 7.63 -3.44
CA CYS A 56 -2.03 8.59 -4.51
C CYS A 56 -3.45 9.12 -4.38
N HIS A 57 -3.61 10.39 -4.71
CA HIS A 57 -4.90 11.04 -4.64
C HIS A 57 -5.37 11.43 -6.05
N PRO A 58 -6.11 10.48 -6.69
CA PRO A 58 -6.62 10.72 -8.03
C PRO A 58 -7.80 11.69 -8.00
N HIS A 59 -7.57 12.85 -7.41
CA HIS A 59 -8.60 13.86 -7.32
C HIS A 59 -7.97 15.20 -6.91
N LEU A 60 -7.05 15.13 -5.97
CA LEU A 60 -6.37 16.32 -5.49
C LEU A 60 -4.99 16.40 -6.15
N ALA A 61 -4.68 15.39 -6.93
CA ALA A 61 -3.39 15.34 -7.62
C ALA A 61 -2.26 15.43 -6.59
N LEU A 62 -2.40 14.63 -5.53
CA LEU A 62 -1.40 14.62 -4.48
C LEU A 62 -0.82 13.21 -4.37
N GLU A 63 0.38 13.15 -3.81
CA GLU A 63 1.06 11.88 -3.64
C GLU A 63 1.85 11.86 -2.33
N ARG A 64 1.33 11.12 -1.38
CA ARG A 64 1.96 11.01 -0.07
C ARG A 64 2.39 9.56 0.19
N GLY A 65 3.45 9.43 0.97
CA GLY A 65 3.97 8.12 1.30
C GLY A 65 3.76 7.80 2.79
N LEU A 66 3.32 6.58 3.06
CA LEU A 66 3.08 6.16 4.42
C LEU A 66 4.16 5.14 4.83
N GLU A 67 4.35 5.03 6.14
CA GLU A 67 5.34 4.11 6.67
C GLU A 67 4.84 2.67 6.55
N ASP A 68 5.59 1.77 7.17
CA ASP A 68 5.24 0.36 7.14
C ASP A 68 4.24 0.07 8.26
N HIS A 69 4.60 0.46 9.47
CA HIS A 69 3.76 0.25 10.63
C HIS A 69 2.35 0.76 10.33
N GLU A 70 2.29 1.70 9.39
CA GLU A 70 1.01 2.29 9.02
C GLU A 70 0.09 1.22 8.43
N SER A 71 -1.14 1.21 8.91
CA SER A 71 -2.13 0.25 8.45
C SER A 71 -2.77 0.73 7.15
N VAL A 72 -2.51 -0.02 6.08
CA VAL A 72 -3.06 0.32 4.78
C VAL A 72 -4.57 0.51 4.90
N VAL A 73 -5.19 -0.35 5.69
CA VAL A 73 -6.62 -0.28 5.90
C VAL A 73 -6.98 1.03 6.61
N GLU A 74 -6.45 1.17 7.82
CA GLU A 74 -6.70 2.36 8.62
C GLU A 74 -6.46 3.61 7.77
N VAL A 75 -5.43 3.55 6.95
CA VAL A 75 -5.08 4.66 6.09
C VAL A 75 -6.03 4.70 4.90
N GLN A 76 -6.45 3.51 4.48
CA GLN A 76 -7.36 3.39 3.35
C GLN A 76 -8.76 3.84 3.76
N ALA A 77 -9.10 3.60 5.01
CA ALA A 77 -10.40 3.97 5.53
C ALA A 77 -10.42 5.47 5.80
N ALA A 78 -9.26 5.98 6.20
CA ALA A 78 -9.14 7.41 6.49
C ALA A 78 -9.43 8.22 5.23
N TRP A 79 -9.27 7.56 4.10
CA TRP A 79 -9.52 8.20 2.81
C TRP A 79 -10.97 8.69 2.80
N PRO A 80 -11.19 9.82 2.09
CA PRO A 80 -12.53 10.40 1.99
C PRO A 80 -13.40 9.59 1.03
N VAL A 81 -14.70 9.81 1.14
CA VAL A 81 -15.66 9.10 0.30
C VAL A 81 -15.41 9.47 -1.15
N GLY A 82 -15.25 10.76 -1.39
CA GLY A 82 -15.01 11.25 -2.74
C GLY A 82 -13.51 11.26 -3.06
N GLY A 83 -12.84 10.22 -2.60
CA GLY A 83 -11.41 10.09 -2.84
C GLY A 83 -10.99 8.62 -2.88
N ASP A 84 -11.33 7.97 -3.98
CA ASP A 84 -11.00 6.57 -4.17
C ASP A 84 -9.59 6.32 -3.62
N SER A 85 -8.63 7.06 -4.16
CA SER A 85 -7.24 6.92 -3.73
C SER A 85 -6.77 5.48 -3.95
N ARG A 86 -5.46 5.34 -4.09
CA ARG A 86 -4.87 4.02 -4.30
C ARG A 86 -3.51 3.94 -3.61
N PHE A 87 -2.96 2.74 -3.61
CA PHE A 87 -1.65 2.51 -3.01
C PHE A 87 -0.60 2.15 -4.05
N VAL A 88 0.43 2.98 -4.11
CA VAL A 88 1.51 2.76 -5.07
C VAL A 88 2.70 2.14 -4.34
N PHE A 89 3.50 1.41 -5.11
CA PHE A 89 4.67 0.74 -4.56
C PHE A 89 5.95 1.37 -5.11
N ARG A 90 6.69 2.02 -4.21
CA ARG A 90 7.94 2.66 -4.60
C ARG A 90 9.03 2.35 -3.57
N LYS A 91 10.27 2.38 -4.04
CA LYS A 91 11.40 2.10 -3.18
C LYS A 91 12.18 3.41 -2.93
N ASN A 92 12.05 4.33 -3.89
CA ASN A 92 12.73 5.61 -3.78
C ASN A 92 11.91 6.66 -4.52
N PHE A 93 10.80 7.05 -3.91
CA PHE A 93 9.94 8.06 -4.50
C PHE A 93 10.09 9.40 -3.78
N ALA A 94 10.31 10.44 -4.57
CA ALA A 94 10.48 11.78 -4.04
C ALA A 94 9.39 12.68 -4.61
N SER A 95 9.39 13.93 -4.13
CA SER A 95 8.41 14.90 -4.58
C SER A 95 9.05 15.84 -5.61
N GLY A 96 10.15 16.46 -5.20
CA GLY A 96 10.86 17.37 -6.07
C GLY A 96 10.10 18.70 -6.20
N PRO A 97 10.76 19.67 -6.87
CA PRO A 97 10.17 20.99 -7.07
C PRO A 97 9.09 20.94 -8.15
N SER A 98 7.85 21.06 -7.71
CA SER A 98 6.72 21.04 -8.62
C SER A 98 6.84 22.16 -9.64
N SER A 99 6.46 21.85 -10.86
CA SER A 99 6.52 22.82 -11.94
C SER A 99 5.53 22.44 -13.06
N GLY A 100 4.71 23.41 -13.43
CA GLY A 100 3.73 23.18 -14.47
C GLY A 100 3.01 21.84 -14.29
N GLY A 1 -1.79 -8.86 17.32
CA GLY A 1 -2.22 -9.82 16.31
C GLY A 1 -3.53 -10.49 16.72
N SER A 2 -4.29 -10.89 15.71
CA SER A 2 -5.57 -11.54 15.95
C SER A 2 -5.77 -12.67 14.94
N SER A 3 -5.82 -13.89 15.47
CA SER A 3 -6.01 -15.06 14.62
C SER A 3 -7.48 -15.19 14.23
N GLY A 4 -7.71 -15.93 13.15
CA GLY A 4 -9.07 -16.13 12.65
C GLY A 4 -9.46 -15.02 11.68
N SER A 5 -10.67 -15.16 11.14
CA SER A 5 -11.17 -14.18 10.19
C SER A 5 -12.60 -13.77 10.58
N SER A 6 -12.85 -12.48 10.48
CA SER A 6 -14.16 -11.94 10.81
C SER A 6 -14.73 -11.17 9.62
N GLY A 7 -15.48 -11.90 8.78
CA GLY A 7 -16.08 -11.29 7.61
C GLY A 7 -15.32 -11.68 6.34
N ARG A 8 -15.03 -10.65 5.54
CA ARG A 8 -14.31 -10.88 4.29
C ARG A 8 -12.95 -10.18 4.34
N PRO A 9 -12.03 -10.65 3.45
CA PRO A 9 -10.70 -10.07 3.39
C PRO A 9 -10.73 -8.70 2.70
N HIS A 10 -9.56 -8.08 2.66
CA HIS A 10 -9.43 -6.77 2.04
C HIS A 10 -8.52 -6.86 0.82
N VAL A 11 -9.13 -6.77 -0.34
CA VAL A 11 -8.39 -6.84 -1.59
C VAL A 11 -7.84 -5.46 -1.94
N VAL A 12 -6.62 -5.20 -1.48
CA VAL A 12 -5.97 -3.93 -1.74
C VAL A 12 -5.50 -3.89 -3.18
N LYS A 13 -5.66 -2.71 -3.79
CA LYS A 13 -5.25 -2.52 -5.17
C LYS A 13 -4.15 -1.46 -5.23
N VAL A 14 -2.91 -1.94 -5.32
CA VAL A 14 -1.78 -1.05 -5.39
C VAL A 14 -1.24 -1.01 -6.82
N TYR A 15 -0.99 0.19 -7.30
CA TYR A 15 -0.49 0.38 -8.66
C TYR A 15 1.03 0.63 -8.64
N SER A 16 1.70 0.05 -9.62
CA SER A 16 3.14 0.21 -9.74
C SER A 16 3.47 1.45 -10.57
N GLU A 17 4.48 2.17 -10.12
CA GLU A 17 4.91 3.38 -10.80
C GLU A 17 4.96 3.14 -12.32
N ASP A 18 5.41 1.96 -12.67
CA ASP A 18 5.51 1.59 -14.09
C ASP A 18 4.10 1.52 -14.69
N GLY A 19 3.20 0.92 -13.92
CA GLY A 19 1.82 0.77 -14.36
C GLY A 19 1.27 -0.60 -13.98
N ALA A 20 2.17 -1.56 -13.88
CA ALA A 20 1.78 -2.91 -13.52
C ALA A 20 1.18 -2.91 -12.12
N CYS A 21 -0.14 -3.00 -12.07
CA CYS A 21 -0.84 -3.01 -10.80
C CYS A 21 -1.07 -4.47 -10.39
N ARG A 22 -1.35 -4.64 -9.10
CA ARG A 22 -1.59 -5.98 -8.58
C ARG A 22 -2.59 -5.91 -7.42
N SER A 23 -2.96 -7.09 -6.93
CA SER A 23 -3.90 -7.18 -5.84
C SER A 23 -3.41 -8.20 -4.80
N VAL A 24 -3.66 -7.90 -3.55
CA VAL A 24 -3.24 -8.78 -2.46
C VAL A 24 -4.40 -8.93 -1.46
N GLU A 25 -4.47 -10.10 -0.87
CA GLU A 25 -5.52 -10.38 0.11
C GLU A 25 -4.98 -10.20 1.53
N VAL A 26 -5.41 -9.10 2.15
CA VAL A 26 -4.98 -8.79 3.50
C VAL A 26 -6.21 -8.54 4.38
N ALA A 27 -6.02 -8.72 5.68
CA ALA A 27 -7.10 -8.50 6.63
C ALA A 27 -6.77 -7.29 7.50
N ALA A 28 -7.72 -6.95 8.36
CA ALA A 28 -7.54 -5.81 9.26
C ALA A 28 -6.39 -6.11 10.23
N GLY A 29 -5.18 -5.81 9.79
CA GLY A 29 -4.00 -6.04 10.60
C GLY A 29 -2.73 -5.73 9.82
N ALA A 30 -2.63 -6.34 8.65
CA ALA A 30 -1.46 -6.12 7.80
C ALA A 30 -1.25 -4.63 7.59
N THR A 31 0.01 -4.22 7.67
CA THR A 31 0.35 -2.83 7.49
C THR A 31 1.00 -2.61 6.12
N ALA A 32 1.48 -1.38 5.92
CA ALA A 32 2.12 -1.04 4.66
C ALA A 32 3.36 -1.93 4.46
N ARG A 33 3.81 -2.51 5.56
CA ARG A 33 4.98 -3.38 5.53
C ARG A 33 4.56 -4.79 5.08
N HIS A 34 3.51 -5.29 5.71
CA HIS A 34 3.01 -6.62 5.38
C HIS A 34 2.94 -6.78 3.87
N VAL A 35 2.35 -5.79 3.22
CA VAL A 35 2.20 -5.82 1.77
C VAL A 35 3.59 -5.77 1.14
N CYS A 36 4.33 -4.71 1.46
CA CYS A 36 5.66 -4.54 0.92
C CYS A 36 6.38 -5.90 0.97
N GLU A 37 6.01 -6.69 1.97
CA GLU A 37 6.61 -8.00 2.15
C GLU A 37 5.94 -9.01 1.21
N MET A 38 4.61 -8.95 1.17
CA MET A 38 3.84 -9.85 0.33
C MET A 38 4.25 -9.70 -1.14
N LEU A 39 4.24 -8.46 -1.60
CA LEU A 39 4.61 -8.17 -2.98
C LEU A 39 6.01 -8.72 -3.26
N VAL A 40 6.97 -8.23 -2.48
CA VAL A 40 8.35 -8.65 -2.63
C VAL A 40 8.39 -10.15 -2.91
N GLN A 41 7.54 -10.88 -2.19
CA GLN A 41 7.48 -12.32 -2.34
C GLN A 41 6.51 -12.92 -1.32
N ARG A 42 6.69 -12.50 -0.07
CA ARG A 42 5.84 -12.99 1.01
C ARG A 42 6.25 -12.35 2.33
N ALA A 43 7.37 -12.83 2.86
CA ALA A 43 7.88 -12.31 4.12
C ALA A 43 9.33 -12.74 4.30
N HIS A 44 9.95 -12.24 5.34
CA HIS A 44 11.34 -12.55 5.63
C HIS A 44 12.23 -12.00 4.53
N ALA A 45 13.42 -11.59 4.92
CA ALA A 45 14.38 -11.04 3.97
C ALA A 45 15.69 -10.71 4.70
N LEU A 46 16.75 -10.59 3.92
CA LEU A 46 18.06 -10.28 4.47
C LEU A 46 18.41 -8.82 4.17
N SER A 47 18.53 -8.54 2.88
CA SER A 47 18.86 -7.19 2.44
C SER A 47 19.01 -7.16 0.92
N ASP A 48 18.48 -6.10 0.33
CA ASP A 48 18.54 -5.94 -1.11
C ASP A 48 18.09 -4.53 -1.49
N GLU A 49 16.89 -4.19 -1.04
CA GLU A 49 16.32 -2.89 -1.32
C GLU A 49 15.04 -2.68 -0.51
N THR A 50 14.97 -1.53 0.14
CA THR A 50 13.81 -1.20 0.96
C THR A 50 12.65 -0.75 0.06
N TRP A 51 11.45 -1.17 0.45
CA TRP A 51 10.26 -0.83 -0.30
C TRP A 51 9.17 -0.43 0.69
N GLY A 52 8.20 0.33 0.19
CA GLY A 52 7.10 0.79 1.02
C GLY A 52 5.83 1.00 0.19
N LEU A 53 4.93 1.79 0.74
CA LEU A 53 3.67 2.09 0.07
C LEU A 53 3.55 3.60 -0.12
N VAL A 54 2.82 3.99 -1.16
CA VAL A 54 2.62 5.39 -1.47
C VAL A 54 1.18 5.61 -1.92
N GLU A 55 0.43 6.32 -1.10
CA GLU A 55 -0.96 6.61 -1.41
C GLU A 55 -1.06 7.74 -2.44
N CYS A 56 -1.63 7.40 -3.59
CA CYS A 56 -1.79 8.37 -4.66
C CYS A 56 -3.24 8.84 -4.68
N HIS A 57 -3.42 10.11 -5.00
CA HIS A 57 -4.75 10.69 -5.05
C HIS A 57 -5.09 11.04 -6.50
N PRO A 58 -5.79 10.09 -7.18
CA PRO A 58 -6.19 10.29 -8.57
C PRO A 58 -7.37 11.26 -8.66
N HIS A 59 -7.15 12.45 -8.11
CA HIS A 59 -8.18 13.48 -8.13
C HIS A 59 -7.57 14.81 -7.72
N LEU A 60 -6.72 14.76 -6.70
CA LEU A 60 -6.07 15.97 -6.21
C LEU A 60 -4.63 16.01 -6.73
N ALA A 61 -4.27 14.95 -7.46
CA ALA A 61 -2.93 14.87 -8.01
C ALA A 61 -1.90 15.01 -6.89
N LEU A 62 -2.12 14.27 -5.82
CA LEU A 62 -1.23 14.31 -4.67
C LEU A 62 -0.56 12.95 -4.51
N GLU A 63 0.54 12.96 -3.77
CA GLU A 63 1.29 11.73 -3.53
C GLU A 63 1.87 11.73 -2.11
N ARG A 64 1.32 10.87 -1.28
CA ARG A 64 1.77 10.77 0.10
C ARG A 64 2.26 9.35 0.39
N GLY A 65 3.30 9.27 1.21
CA GLY A 65 3.88 7.99 1.57
C GLY A 65 3.65 7.69 3.05
N LEU A 66 3.29 6.43 3.32
CA LEU A 66 3.03 6.00 4.68
C LEU A 66 4.13 5.01 5.11
N GLU A 67 4.35 4.97 6.42
CA GLU A 67 5.36 4.07 6.97
C GLU A 67 4.84 2.64 7.00
N ASP A 68 5.65 1.75 7.57
CA ASP A 68 5.29 0.36 7.67
C ASP A 68 4.16 0.21 8.70
N HIS A 69 4.43 0.71 9.89
CA HIS A 69 3.45 0.63 10.96
C HIS A 69 2.07 1.04 10.44
N GLU A 70 2.07 2.07 9.61
CA GLU A 70 0.84 2.56 9.04
C GLU A 70 0.03 1.41 8.43
N SER A 71 -1.22 1.31 8.86
CA SER A 71 -2.10 0.26 8.37
C SER A 71 -2.78 0.70 7.07
N VAL A 72 -2.52 -0.06 6.03
CA VAL A 72 -3.09 0.24 4.72
C VAL A 72 -4.60 0.42 4.87
N VAL A 73 -5.20 -0.42 5.69
CA VAL A 73 -6.63 -0.36 5.93
C VAL A 73 -6.97 0.94 6.67
N GLU A 74 -6.43 1.05 7.87
CA GLU A 74 -6.67 2.23 8.68
C GLU A 74 -6.47 3.50 7.84
N VAL A 75 -5.48 3.44 6.96
CA VAL A 75 -5.17 4.57 6.10
C VAL A 75 -6.16 4.59 4.93
N GLN A 76 -6.55 3.40 4.51
CA GLN A 76 -7.49 3.28 3.40
C GLN A 76 -8.89 3.72 3.83
N ALA A 77 -9.17 3.48 5.10
CA ALA A 77 -10.47 3.84 5.66
C ALA A 77 -10.50 5.35 5.91
N ALA A 78 -9.33 5.89 6.19
CA ALA A 78 -9.21 7.32 6.46
C ALA A 78 -9.53 8.10 5.18
N TRP A 79 -9.18 7.50 4.06
CA TRP A 79 -9.43 8.12 2.76
C TRP A 79 -10.85 8.68 2.77
N PRO A 80 -11.00 9.87 2.12
CA PRO A 80 -12.30 10.51 2.05
C PRO A 80 -13.21 9.80 1.04
N VAL A 81 -14.48 10.14 1.12
CA VAL A 81 -15.47 9.54 0.22
C VAL A 81 -15.55 10.37 -1.06
N GLY A 82 -15.35 9.70 -2.18
CA GLY A 82 -15.39 10.36 -3.48
C GLY A 82 -14.16 10.04 -4.31
N GLY A 83 -13.03 10.57 -3.87
CA GLY A 83 -11.77 10.35 -4.56
C GLY A 83 -11.39 8.87 -4.54
N ASP A 84 -11.14 8.33 -5.73
CA ASP A 84 -10.77 6.94 -5.87
C ASP A 84 -9.31 6.76 -5.45
N SER A 85 -9.03 7.16 -4.22
CA SER A 85 -7.68 7.04 -3.69
C SER A 85 -7.14 5.62 -3.90
N ARG A 86 -5.86 5.55 -4.21
CA ARG A 86 -5.22 4.27 -4.44
C ARG A 86 -3.81 4.27 -3.87
N PHE A 87 -3.24 3.08 -3.75
CA PHE A 87 -1.89 2.93 -3.23
C PHE A 87 -0.88 2.71 -4.36
N VAL A 88 0.38 2.89 -4.02
CA VAL A 88 1.45 2.72 -5.00
C VAL A 88 2.66 2.08 -4.31
N PHE A 89 3.33 1.22 -5.06
CA PHE A 89 4.51 0.54 -4.54
C PHE A 89 5.79 1.15 -5.09
N ARG A 90 6.55 1.76 -4.19
CA ARG A 90 7.80 2.40 -4.57
C ARG A 90 8.91 2.02 -3.60
N LYS A 91 10.14 2.28 -4.01
CA LYS A 91 11.30 1.97 -3.18
C LYS A 91 11.93 3.27 -2.71
N ASN A 92 12.01 4.23 -3.62
CA ASN A 92 12.59 5.53 -3.30
C ASN A 92 11.77 6.63 -3.97
N PHE A 93 10.54 6.77 -3.51
CA PHE A 93 9.65 7.77 -4.05
C PHE A 93 9.97 9.16 -3.49
N ALA A 94 9.98 10.14 -4.37
CA ALA A 94 10.28 11.50 -3.98
C ALA A 94 11.44 11.50 -2.99
N SER A 95 12.64 11.57 -3.53
CA SER A 95 13.85 11.57 -2.70
C SER A 95 14.96 12.31 -3.43
N GLY A 96 16.00 12.65 -2.66
CA GLY A 96 17.14 13.36 -3.21
C GLY A 96 16.71 14.65 -3.91
N PRO A 97 17.43 14.98 -5.01
CA PRO A 97 17.13 16.18 -5.77
C PRO A 97 15.88 15.99 -6.62
N SER A 98 15.88 14.90 -7.38
CA SER A 98 14.75 14.59 -8.25
C SER A 98 15.02 13.28 -9.00
N SER A 99 14.43 12.21 -8.50
CA SER A 99 14.59 10.91 -9.11
C SER A 99 16.07 10.51 -9.12
N GLY A 100 16.31 9.23 -9.33
CA GLY A 100 17.67 8.70 -9.36
C GLY A 100 17.67 7.18 -9.41
N GLY A 1 -11.29 -25.51 7.52
CA GLY A 1 -12.59 -25.62 6.87
C GLY A 1 -13.22 -24.25 6.68
N SER A 2 -13.80 -23.74 7.76
CA SER A 2 -14.45 -22.44 7.72
C SER A 2 -14.73 -21.96 9.15
N SER A 3 -15.49 -22.77 9.87
CA SER A 3 -15.84 -22.44 11.24
C SER A 3 -16.48 -21.05 11.30
N GLY A 4 -17.81 -21.05 11.37
CA GLY A 4 -18.56 -19.81 11.42
C GLY A 4 -18.30 -18.95 10.18
N SER A 5 -19.19 -17.99 9.97
CA SER A 5 -19.06 -17.10 8.82
C SER A 5 -17.77 -16.30 8.93
N SER A 6 -16.85 -16.59 8.03
CA SER A 6 -15.57 -15.91 8.01
C SER A 6 -15.77 -14.43 7.63
N GLY A 7 -16.22 -14.23 6.40
CA GLY A 7 -16.46 -12.89 5.90
C GLY A 7 -15.72 -12.65 4.58
N ARG A 8 -15.45 -11.38 4.32
CA ARG A 8 -14.76 -11.00 3.10
C ARG A 8 -13.43 -10.31 3.43
N PRO A 9 -12.37 -10.75 2.71
CA PRO A 9 -11.04 -10.17 2.92
C PRO A 9 -10.94 -8.77 2.32
N HIS A 10 -9.82 -8.12 2.58
CA HIS A 10 -9.59 -6.79 2.07
C HIS A 10 -8.59 -6.85 0.91
N VAL A 11 -9.12 -6.63 -0.29
CA VAL A 11 -8.30 -6.66 -1.49
C VAL A 11 -7.75 -5.26 -1.75
N VAL A 12 -6.51 -5.05 -1.32
CA VAL A 12 -5.86 -3.76 -1.51
C VAL A 12 -5.18 -3.73 -2.88
N LYS A 13 -5.54 -2.73 -3.66
CA LYS A 13 -4.97 -2.57 -4.98
C LYS A 13 -3.72 -1.70 -4.91
N VAL A 14 -2.59 -2.32 -5.22
CA VAL A 14 -1.32 -1.62 -5.19
C VAL A 14 -0.77 -1.49 -6.61
N TYR A 15 -0.86 -0.28 -7.14
CA TYR A 15 -0.38 -0.02 -8.48
C TYR A 15 1.13 0.27 -8.49
N SER A 16 1.73 0.11 -9.65
CA SER A 16 3.15 0.34 -9.80
C SER A 16 3.39 1.51 -10.77
N GLU A 17 4.52 2.17 -10.59
CA GLU A 17 4.88 3.29 -11.43
C GLU A 17 4.52 2.99 -12.89
N ASP A 18 4.93 1.81 -13.34
CA ASP A 18 4.66 1.40 -14.70
C ASP A 18 3.18 1.60 -15.01
N GLY A 19 2.35 1.16 -14.06
CA GLY A 19 0.91 1.28 -14.21
C GLY A 19 0.21 -0.03 -13.82
N ALA A 20 0.88 -1.13 -14.12
CA ALA A 20 0.33 -2.44 -13.80
C ALA A 20 -0.28 -2.41 -12.39
N CYS A 21 -1.48 -2.94 -12.30
CA CYS A 21 -2.19 -2.98 -11.03
C CYS A 21 -1.90 -4.33 -10.36
N ARG A 22 -1.51 -4.26 -9.09
CA ARG A 22 -1.21 -5.46 -8.33
C ARG A 22 -1.87 -5.40 -6.96
N SER A 23 -2.85 -6.27 -6.76
CA SER A 23 -3.56 -6.33 -5.50
C SER A 23 -3.11 -7.55 -4.69
N VAL A 24 -3.30 -7.46 -3.39
CA VAL A 24 -2.91 -8.54 -2.49
C VAL A 24 -4.06 -8.84 -1.52
N GLU A 25 -4.20 -10.10 -1.19
CA GLU A 25 -5.24 -10.53 -0.27
C GLU A 25 -4.80 -10.33 1.18
N VAL A 26 -5.49 -9.42 1.86
CA VAL A 26 -5.17 -9.12 3.25
C VAL A 26 -6.46 -8.97 4.04
N ALA A 27 -6.32 -8.92 5.36
CA ALA A 27 -7.46 -8.77 6.23
C ALA A 27 -7.16 -7.72 7.30
N ALA A 28 -8.22 -7.19 7.89
CA ALA A 28 -8.07 -6.18 8.92
C ALA A 28 -6.95 -6.57 9.87
N GLY A 29 -5.77 -6.03 9.61
CA GLY A 29 -4.61 -6.31 10.43
C GLY A 29 -3.32 -6.02 9.68
N ALA A 30 -3.24 -6.54 8.47
CA ALA A 30 -2.06 -6.34 7.64
C ALA A 30 -1.72 -4.85 7.60
N THR A 31 -0.42 -4.58 7.53
CA THR A 31 0.05 -3.20 7.49
C THR A 31 0.74 -2.91 6.15
N ALA A 32 1.19 -1.67 6.01
CA ALA A 32 1.87 -1.27 4.79
C ALA A 32 3.15 -2.07 4.63
N ARG A 33 3.53 -2.75 5.70
CA ARG A 33 4.74 -3.55 5.69
C ARG A 33 4.44 -4.93 5.08
N HIS A 34 3.31 -5.49 5.48
CA HIS A 34 2.90 -6.79 4.99
C HIS A 34 2.88 -6.78 3.45
N VAL A 35 2.06 -5.89 2.92
CA VAL A 35 1.94 -5.76 1.48
C VAL A 35 3.33 -5.80 0.84
N CYS A 36 4.13 -4.82 1.22
CA CYS A 36 5.49 -4.72 0.70
C CYS A 36 6.11 -6.12 0.70
N GLU A 37 6.23 -6.67 1.90
CA GLU A 37 6.80 -8.00 2.06
C GLU A 37 6.10 -8.99 1.12
N MET A 38 4.79 -8.83 1.03
CA MET A 38 3.99 -9.70 0.18
C MET A 38 4.29 -9.45 -1.30
N LEU A 39 4.59 -8.20 -1.61
CA LEU A 39 4.90 -7.83 -2.98
C LEU A 39 6.36 -8.20 -3.29
N VAL A 40 7.26 -7.62 -2.51
CA VAL A 40 8.67 -7.88 -2.69
C VAL A 40 8.88 -9.36 -2.99
N GLN A 41 8.35 -10.19 -2.10
CA GLN A 41 8.47 -11.63 -2.26
C GLN A 41 7.38 -12.34 -1.45
N ARG A 42 7.74 -12.72 -0.24
CA ARG A 42 6.81 -13.41 0.64
C ARG A 42 7.02 -12.94 2.09
N ALA A 43 8.15 -13.31 2.66
CA ALA A 43 8.47 -12.94 4.01
C ALA A 43 9.96 -13.16 4.27
N HIS A 44 10.77 -12.37 3.58
CA HIS A 44 12.21 -12.47 3.72
C HIS A 44 12.88 -11.37 2.90
N ALA A 45 13.49 -10.43 3.61
CA ALA A 45 14.17 -9.32 2.97
C ALA A 45 15.38 -8.90 3.81
N LEU A 46 16.42 -8.46 3.11
CA LEU A 46 17.64 -8.04 3.79
C LEU A 46 17.71 -6.51 3.78
N SER A 47 18.35 -5.97 4.81
CA SER A 47 18.48 -4.53 4.94
C SER A 47 19.43 -4.00 3.86
N ASP A 48 18.93 -4.00 2.63
CA ASP A 48 19.70 -3.51 1.51
C ASP A 48 18.91 -2.45 0.75
N GLU A 49 17.63 -2.76 0.53
CA GLU A 49 16.75 -1.85 -0.18
C GLU A 49 15.45 -1.66 0.60
N THR A 50 15.16 -0.40 0.91
CA THR A 50 13.96 -0.07 1.66
C THR A 50 12.76 0.03 0.70
N TRP A 51 11.61 -0.37 1.21
CA TRP A 51 10.39 -0.34 0.42
C TRP A 51 9.23 -0.01 1.37
N GLY A 52 8.08 0.30 0.77
CA GLY A 52 6.90 0.63 1.54
C GLY A 52 5.69 0.82 0.63
N LEU A 53 4.79 1.70 1.05
CA LEU A 53 3.59 1.98 0.29
C LEU A 53 3.43 3.49 0.14
N VAL A 54 2.82 3.88 -0.97
CA VAL A 54 2.60 5.29 -1.26
C VAL A 54 1.19 5.47 -1.82
N GLU A 55 0.37 6.18 -1.05
CA GLU A 55 -1.00 6.44 -1.45
C GLU A 55 -1.03 7.49 -2.57
N CYS A 56 -1.83 7.19 -3.60
CA CYS A 56 -1.96 8.09 -4.73
C CYS A 56 -3.40 8.61 -4.76
N HIS A 57 -3.53 9.87 -5.14
CA HIS A 57 -4.84 10.49 -5.23
C HIS A 57 -5.17 10.83 -6.68
N PRO A 58 -5.86 9.87 -7.35
CA PRO A 58 -6.23 10.05 -8.74
C PRO A 58 -7.40 11.04 -8.87
N HIS A 59 -7.19 12.22 -8.32
CA HIS A 59 -8.21 13.26 -8.37
C HIS A 59 -7.59 14.61 -7.98
N LEU A 60 -6.76 14.56 -6.94
CA LEU A 60 -6.10 15.76 -6.46
C LEU A 60 -4.65 15.78 -6.97
N ALA A 61 -4.28 14.70 -7.65
CA ALA A 61 -2.94 14.58 -8.19
C ALA A 61 -1.92 14.77 -7.05
N LEU A 62 -2.13 14.03 -5.98
CA LEU A 62 -1.25 14.11 -4.83
C LEU A 62 -0.58 12.75 -4.62
N GLU A 63 0.52 12.78 -3.88
CA GLU A 63 1.26 11.56 -3.59
C GLU A 63 1.82 11.60 -2.17
N ARG A 64 1.24 10.77 -1.32
CA ARG A 64 1.67 10.70 0.07
C ARG A 64 2.21 9.30 0.39
N GLY A 65 3.25 9.27 1.21
CA GLY A 65 3.86 8.02 1.60
C GLY A 65 3.59 7.71 3.07
N LEU A 66 3.20 6.47 3.33
CA LEU A 66 2.91 6.04 4.68
C LEU A 66 3.98 5.04 5.14
N GLU A 67 4.15 4.97 6.45
CA GLU A 67 5.14 4.07 7.03
C GLU A 67 4.78 2.61 6.69
N ASP A 68 5.52 1.70 7.31
CA ASP A 68 5.31 0.29 7.09
C ASP A 68 4.26 -0.23 8.09
N HIS A 69 4.51 0.07 9.35
CA HIS A 69 3.62 -0.34 10.42
C HIS A 69 2.20 0.20 10.15
N GLU A 70 2.16 1.27 9.35
CA GLU A 70 0.90 1.89 9.01
C GLU A 70 -0.07 0.85 8.44
N SER A 71 -1.31 0.95 8.89
CA SER A 71 -2.34 0.03 8.44
C SER A 71 -2.97 0.54 7.15
N VAL A 72 -2.65 -0.13 6.06
CA VAL A 72 -3.17 0.25 4.76
C VAL A 72 -4.68 0.49 4.88
N VAL A 73 -5.33 -0.38 5.64
CA VAL A 73 -6.76 -0.27 5.84
C VAL A 73 -7.08 1.03 6.59
N GLU A 74 -6.53 1.12 7.79
CA GLU A 74 -6.74 2.30 8.62
C GLU A 74 -6.49 3.56 7.80
N VAL A 75 -5.47 3.49 6.95
CA VAL A 75 -5.13 4.63 6.12
C VAL A 75 -6.09 4.70 4.93
N GLN A 76 -6.52 3.53 4.49
CA GLN A 76 -7.44 3.45 3.37
C GLN A 76 -8.83 3.93 3.79
N ALA A 77 -9.13 3.74 5.06
CA ALA A 77 -10.41 4.15 5.60
C ALA A 77 -10.42 5.67 5.79
N ALA A 78 -9.23 6.21 6.04
CA ALA A 78 -9.08 7.64 6.24
C ALA A 78 -9.47 8.37 4.95
N TRP A 79 -9.05 7.80 3.84
CA TRP A 79 -9.34 8.39 2.54
C TRP A 79 -10.79 8.86 2.55
N PRO A 80 -11.04 9.97 1.80
CA PRO A 80 -12.38 10.52 1.72
C PRO A 80 -13.26 9.68 0.81
N VAL A 81 -14.57 9.90 0.94
CA VAL A 81 -15.54 9.15 0.14
C VAL A 81 -15.89 9.98 -1.10
N GLY A 82 -14.91 10.09 -2.00
CA GLY A 82 -15.11 10.84 -3.22
C GLY A 82 -13.99 10.55 -4.23
N GLY A 83 -12.77 10.56 -3.73
CA GLY A 83 -11.61 10.29 -4.56
C GLY A 83 -11.26 8.80 -4.56
N ASP A 84 -11.05 8.28 -5.75
CA ASP A 84 -10.71 6.87 -5.91
C ASP A 84 -9.24 6.67 -5.51
N SER A 85 -8.94 7.03 -4.27
CA SER A 85 -7.59 6.89 -3.77
C SER A 85 -7.10 5.46 -3.96
N ARG A 86 -5.79 5.32 -4.07
CA ARG A 86 -5.18 4.01 -4.26
C ARG A 86 -3.75 4.00 -3.71
N PHE A 87 -3.20 2.80 -3.61
CA PHE A 87 -1.85 2.63 -3.10
C PHE A 87 -0.87 2.33 -4.24
N VAL A 88 0.35 2.82 -4.06
CA VAL A 88 1.38 2.61 -5.06
C VAL A 88 2.64 2.06 -4.38
N PHE A 89 3.31 1.17 -5.09
CA PHE A 89 4.53 0.56 -4.57
C PHE A 89 5.77 1.15 -5.22
N ARG A 90 6.59 1.78 -4.40
CA ARG A 90 7.82 2.40 -4.87
C ARG A 90 8.89 2.35 -3.80
N LYS A 91 10.14 2.38 -4.25
CA LYS A 91 11.27 2.34 -3.33
C LYS A 91 11.96 3.71 -3.33
N ASN A 92 12.60 4.02 -2.22
CA ASN A 92 13.30 5.28 -2.08
C ASN A 92 12.46 6.40 -2.68
N PHE A 93 11.20 6.43 -2.28
CA PHE A 93 10.27 7.44 -2.78
C PHE A 93 10.57 8.80 -2.15
N ALA A 94 10.65 9.81 -3.01
CA ALA A 94 10.93 11.16 -2.55
C ALA A 94 10.88 12.12 -3.74
N SER A 95 9.66 12.54 -4.07
CA SER A 95 9.45 13.45 -5.18
C SER A 95 10.15 12.92 -6.43
N GLY A 96 9.47 12.00 -7.11
CA GLY A 96 10.00 11.41 -8.31
C GLY A 96 10.03 12.42 -9.46
N PRO A 97 11.06 12.27 -10.33
CA PRO A 97 11.21 13.17 -11.47
C PRO A 97 10.19 12.83 -12.56
N SER A 98 10.25 11.58 -13.02
CA SER A 98 9.34 11.14 -14.06
C SER A 98 8.17 10.37 -13.43
N SER A 99 7.13 10.18 -14.24
CA SER A 99 5.95 9.46 -13.78
C SER A 99 5.26 8.78 -14.96
N GLY A 100 4.94 7.52 -14.76
CA GLY A 100 4.28 6.74 -15.79
C GLY A 100 4.82 5.30 -15.83
N GLY A 1 -8.46 -25.52 10.92
CA GLY A 1 -8.14 -24.17 10.49
C GLY A 1 -9.14 -23.15 11.05
N SER A 2 -9.21 -23.11 12.38
CA SER A 2 -10.11 -22.20 13.05
C SER A 2 -9.33 -21.05 13.68
N SER A 3 -9.92 -19.87 13.63
CA SER A 3 -9.30 -18.68 14.20
C SER A 3 -10.36 -17.64 14.55
N GLY A 4 -11.12 -17.26 13.55
CA GLY A 4 -12.18 -16.27 13.74
C GLY A 4 -12.91 -15.98 12.43
N SER A 5 -12.34 -15.07 11.66
CA SER A 5 -12.94 -14.71 10.38
C SER A 5 -14.35 -14.15 10.60
N SER A 6 -14.46 -12.84 10.43
CA SER A 6 -15.73 -12.17 10.60
C SER A 6 -16.38 -11.92 9.24
N GLY A 7 -15.65 -11.20 8.39
CA GLY A 7 -16.14 -10.88 7.06
C GLY A 7 -15.09 -11.20 6.00
N ARG A 8 -15.46 -10.96 4.75
CA ARG A 8 -14.56 -11.23 3.64
C ARG A 8 -13.24 -10.49 3.84
N PRO A 9 -12.20 -10.94 3.08
CA PRO A 9 -10.89 -10.33 3.16
C PRO A 9 -10.87 -8.98 2.44
N HIS A 10 -9.78 -8.25 2.65
CA HIS A 10 -9.63 -6.94 2.04
C HIS A 10 -8.69 -7.07 0.83
N VAL A 11 -9.26 -6.84 -0.34
CA VAL A 11 -8.49 -6.91 -1.57
C VAL A 11 -7.89 -5.53 -1.87
N VAL A 12 -6.63 -5.38 -1.51
CA VAL A 12 -5.92 -4.13 -1.73
C VAL A 12 -5.34 -4.13 -3.15
N LYS A 13 -5.58 -3.03 -3.84
CA LYS A 13 -5.08 -2.88 -5.21
C LYS A 13 -3.88 -1.93 -5.20
N VAL A 14 -2.69 -2.52 -5.30
CA VAL A 14 -1.47 -1.74 -5.31
C VAL A 14 -1.01 -1.55 -6.76
N TYR A 15 -0.76 -0.29 -7.10
CA TYR A 15 -0.32 0.05 -8.44
C TYR A 15 1.20 0.27 -8.49
N SER A 16 1.78 -0.08 -9.61
CA SER A 16 3.22 0.07 -9.79
C SER A 16 3.51 1.25 -10.73
N GLU A 17 4.64 1.89 -10.49
CA GLU A 17 5.04 3.03 -11.29
C GLU A 17 4.81 2.73 -12.78
N ASP A 18 5.35 1.60 -13.21
CA ASP A 18 5.21 1.19 -14.60
C ASP A 18 3.76 1.37 -15.04
N GLY A 19 2.86 1.00 -14.15
CA GLY A 19 1.44 1.10 -14.43
C GLY A 19 0.69 -0.18 -14.03
N ALA A 20 1.43 -1.27 -14.06
CA ALA A 20 0.86 -2.56 -13.72
C ALA A 20 0.16 -2.46 -12.36
N CYS A 21 -0.96 -3.14 -12.26
CA CYS A 21 -1.74 -3.14 -11.02
C CYS A 21 -1.79 -4.58 -10.48
N ARG A 22 -1.55 -4.69 -9.19
CA ARG A 22 -1.57 -5.99 -8.54
C ARG A 22 -2.39 -5.93 -7.25
N SER A 23 -3.06 -7.03 -6.96
CA SER A 23 -3.88 -7.12 -5.75
C SER A 23 -3.27 -8.13 -4.77
N VAL A 24 -3.51 -7.88 -3.49
CA VAL A 24 -2.99 -8.75 -2.45
C VAL A 24 -4.11 -9.07 -1.47
N GLU A 25 -4.24 -10.36 -1.15
CA GLU A 25 -5.26 -10.81 -0.22
C GLU A 25 -4.80 -10.57 1.21
N VAL A 26 -5.42 -9.60 1.86
CA VAL A 26 -5.10 -9.27 3.23
C VAL A 26 -6.39 -9.14 4.04
N ALA A 27 -6.22 -8.95 5.34
CA ALA A 27 -7.35 -8.81 6.24
C ALA A 27 -7.08 -7.69 7.24
N ALA A 28 -8.15 -7.12 7.77
CA ALA A 28 -8.02 -6.05 8.73
C ALA A 28 -6.90 -6.37 9.71
N GLY A 29 -5.74 -5.78 9.45
CA GLY A 29 -4.57 -6.00 10.28
C GLY A 29 -3.28 -5.73 9.51
N ALA A 30 -3.22 -6.30 8.31
CA ALA A 30 -2.05 -6.14 7.47
C ALA A 30 -1.60 -4.68 7.50
N THR A 31 -0.29 -4.50 7.59
CA THR A 31 0.29 -3.16 7.63
C THR A 31 0.89 -2.79 6.28
N ALA A 32 1.36 -1.56 6.19
CA ALA A 32 1.96 -1.08 4.95
C ALA A 32 3.17 -1.95 4.60
N ARG A 33 3.73 -2.57 5.63
CA ARG A 33 4.89 -3.44 5.44
C ARG A 33 4.45 -4.80 4.90
N HIS A 34 3.38 -5.32 5.48
CA HIS A 34 2.85 -6.61 5.07
C HIS A 34 2.73 -6.64 3.54
N VAL A 35 2.09 -5.61 3.00
CA VAL A 35 1.91 -5.51 1.57
C VAL A 35 3.27 -5.55 0.87
N CYS A 36 4.10 -4.57 1.22
CA CYS A 36 5.43 -4.48 0.65
C CYS A 36 6.04 -5.88 0.62
N GLU A 37 5.99 -6.55 1.77
CA GLU A 37 6.53 -7.88 1.90
C GLU A 37 5.75 -8.85 1.00
N MET A 38 4.44 -8.71 1.02
CA MET A 38 3.57 -9.56 0.23
C MET A 38 3.79 -9.30 -1.27
N LEU A 39 4.35 -8.14 -1.57
CA LEU A 39 4.61 -7.77 -2.95
C LEU A 39 6.03 -8.21 -3.33
N VAL A 40 7.00 -7.72 -2.58
CA VAL A 40 8.38 -8.07 -2.83
C VAL A 40 8.52 -9.58 -2.95
N GLN A 41 7.87 -10.28 -2.03
CA GLN A 41 7.92 -11.73 -2.02
C GLN A 41 9.34 -12.22 -1.76
N ARG A 42 9.65 -12.41 -0.49
CA ARG A 42 10.97 -12.88 -0.10
C ARG A 42 11.02 -13.14 1.40
N ALA A 43 11.98 -13.97 1.80
CA ALA A 43 12.14 -14.31 3.20
C ALA A 43 13.29 -13.49 3.79
N HIS A 44 14.47 -13.72 3.24
CA HIS A 44 15.66 -13.02 3.70
C HIS A 44 15.91 -11.80 2.80
N ALA A 45 15.22 -10.71 3.13
CA ALA A 45 15.36 -9.48 2.38
C ALA A 45 15.20 -8.28 3.32
N LEU A 46 16.21 -8.07 4.14
CA LEU A 46 16.20 -6.98 5.09
C LEU A 46 17.63 -6.48 5.30
N SER A 47 18.23 -6.01 4.21
CA SER A 47 19.59 -5.50 4.27
C SER A 47 20.03 -5.04 2.88
N ASP A 48 19.31 -4.06 2.36
CA ASP A 48 19.62 -3.52 1.04
C ASP A 48 18.49 -2.58 0.61
N GLU A 49 17.27 -3.03 0.85
CA GLU A 49 16.11 -2.24 0.48
C GLU A 49 15.01 -2.40 1.53
N THR A 50 14.17 -1.39 1.64
CA THR A 50 13.07 -1.40 2.60
C THR A 50 11.73 -1.33 1.87
N TRP A 51 11.64 -0.39 0.95
CA TRP A 51 10.42 -0.20 0.17
C TRP A 51 9.31 0.17 1.14
N GLY A 52 8.14 0.44 0.58
CA GLY A 52 6.99 0.81 1.38
C GLY A 52 5.74 0.99 0.50
N LEU A 53 4.88 1.90 0.93
CA LEU A 53 3.66 2.18 0.20
C LEU A 53 3.49 3.69 0.04
N VAL A 54 2.83 4.07 -1.04
CA VAL A 54 2.61 5.48 -1.32
C VAL A 54 1.17 5.66 -1.81
N GLU A 55 0.39 6.35 -0.99
CA GLU A 55 -1.01 6.61 -1.33
C GLU A 55 -1.10 7.68 -2.43
N CYS A 56 -1.77 7.31 -3.50
CA CYS A 56 -1.95 8.22 -4.62
C CYS A 56 -3.38 8.75 -4.60
N HIS A 57 -3.52 10.01 -4.97
CA HIS A 57 -4.82 10.65 -4.99
C HIS A 57 -5.21 10.98 -6.44
N PRO A 58 -5.95 10.03 -7.06
CA PRO A 58 -6.39 10.22 -8.44
C PRO A 58 -7.53 11.23 -8.52
N HIS A 59 -7.27 12.41 -8.00
CA HIS A 59 -8.27 13.48 -8.01
C HIS A 59 -7.61 14.80 -7.64
N LEU A 60 -6.74 14.74 -6.64
CA LEU A 60 -6.03 15.93 -6.18
C LEU A 60 -4.61 15.91 -6.73
N ALA A 61 -4.29 14.83 -7.43
CA ALA A 61 -2.96 14.68 -8.02
C ALA A 61 -1.91 14.86 -6.92
N LEU A 62 -2.14 14.18 -5.80
CA LEU A 62 -1.22 14.24 -4.68
C LEU A 62 -0.55 12.88 -4.49
N GLU A 63 0.55 12.90 -3.75
CA GLU A 63 1.29 11.68 -3.47
C GLU A 63 1.88 11.71 -2.07
N ARG A 64 1.29 10.90 -1.20
CA ARG A 64 1.74 10.82 0.18
C ARG A 64 2.30 9.43 0.49
N GLY A 65 3.36 9.40 1.28
CA GLY A 65 3.98 8.15 1.66
C GLY A 65 3.69 7.81 3.11
N LEU A 66 3.35 6.55 3.34
CA LEU A 66 3.04 6.08 4.68
C LEU A 66 4.08 5.05 5.10
N GLU A 67 4.31 4.99 6.41
CA GLU A 67 5.28 4.04 6.95
C GLU A 67 4.71 2.63 6.93
N ASP A 68 5.49 1.70 7.47
CA ASP A 68 5.08 0.31 7.52
C ASP A 68 3.99 0.14 8.58
N HIS A 69 4.32 0.56 9.79
CA HIS A 69 3.38 0.46 10.89
C HIS A 69 2.00 0.93 10.44
N GLU A 70 2.01 1.92 9.56
CA GLU A 70 0.77 2.47 9.05
C GLU A 70 -0.08 1.37 8.43
N SER A 71 -1.31 1.27 8.92
CA SER A 71 -2.23 0.25 8.43
C SER A 71 -2.87 0.73 7.11
N VAL A 72 -2.59 -0.01 6.06
CA VAL A 72 -3.13 0.31 4.75
C VAL A 72 -4.64 0.53 4.86
N VAL A 73 -5.27 -0.34 5.63
CA VAL A 73 -6.71 -0.25 5.84
C VAL A 73 -7.04 1.04 6.58
N GLU A 74 -6.55 1.10 7.81
CA GLU A 74 -6.79 2.27 8.64
C GLU A 74 -6.51 3.55 7.86
N VAL A 75 -5.47 3.49 7.03
CA VAL A 75 -5.09 4.63 6.21
C VAL A 75 -6.02 4.73 5.00
N GLN A 76 -6.48 3.56 4.55
CA GLN A 76 -7.37 3.50 3.41
C GLN A 76 -8.77 3.97 3.81
N ALA A 77 -9.11 3.72 5.06
CA ALA A 77 -10.41 4.11 5.57
C ALA A 77 -10.43 5.62 5.81
N ALA A 78 -9.26 6.13 6.19
CA ALA A 78 -9.12 7.56 6.46
C ALA A 78 -9.44 8.34 5.18
N TRP A 79 -9.06 7.76 4.06
CA TRP A 79 -9.29 8.40 2.78
C TRP A 79 -10.74 8.89 2.74
N PRO A 80 -10.96 10.00 2.01
CA PRO A 80 -12.29 10.57 1.88
C PRO A 80 -13.17 9.74 0.95
N VAL A 81 -14.47 10.00 1.00
CA VAL A 81 -15.41 9.28 0.17
C VAL A 81 -15.71 10.13 -1.08
N GLY A 82 -14.69 10.29 -1.91
CA GLY A 82 -14.84 11.05 -3.13
C GLY A 82 -13.72 10.72 -4.12
N GLY A 83 -12.50 10.70 -3.61
CA GLY A 83 -11.34 10.40 -4.44
C GLY A 83 -10.98 8.92 -4.35
N ASP A 84 -10.84 8.31 -5.51
CA ASP A 84 -10.49 6.89 -5.59
C ASP A 84 -9.01 6.72 -5.23
N SER A 85 -8.68 7.15 -4.02
CA SER A 85 -7.31 7.04 -3.54
C SER A 85 -6.84 5.58 -3.62
N ARG A 86 -5.57 5.42 -3.95
CA ARG A 86 -4.99 4.10 -4.06
C ARG A 86 -3.55 4.10 -3.53
N PHE A 87 -2.98 2.91 -3.46
CA PHE A 87 -1.61 2.76 -2.97
C PHE A 87 -0.65 2.49 -4.13
N VAL A 88 0.59 2.95 -3.95
CA VAL A 88 1.61 2.76 -4.96
C VAL A 88 2.88 2.19 -4.30
N PHE A 89 3.55 1.32 -5.04
CA PHE A 89 4.76 0.70 -4.55
C PHE A 89 6.00 1.32 -5.21
N ARG A 90 6.84 1.91 -4.38
CA ARG A 90 8.06 2.54 -4.88
C ARG A 90 9.11 2.58 -3.76
N LYS A 91 10.37 2.58 -4.20
CA LYS A 91 11.48 2.62 -3.26
C LYS A 91 12.09 4.01 -3.26
N ASN A 92 11.76 4.77 -4.29
CA ASN A 92 12.27 6.13 -4.42
C ASN A 92 11.10 7.09 -4.56
N PHE A 93 10.94 7.93 -3.55
CA PHE A 93 9.86 8.91 -3.55
C PHE A 93 9.88 9.75 -2.27
N ALA A 94 10.12 11.04 -2.45
CA ALA A 94 10.16 11.95 -1.33
C ALA A 94 9.73 13.35 -1.78
N SER A 95 10.32 13.78 -2.89
CA SER A 95 10.00 15.09 -3.44
C SER A 95 10.37 16.18 -2.45
N GLY A 96 11.24 17.08 -2.90
CA GLY A 96 11.68 18.18 -2.05
C GLY A 96 12.26 19.32 -2.90
N PRO A 97 13.55 19.64 -2.62
CA PRO A 97 14.23 20.71 -3.35
C PRO A 97 14.60 20.25 -4.76
N SER A 98 13.58 20.00 -5.56
CA SER A 98 13.80 19.56 -6.92
C SER A 98 12.81 20.25 -7.87
N SER A 99 13.08 20.11 -9.16
CA SER A 99 12.22 20.72 -10.16
C SER A 99 10.91 19.94 -10.27
N GLY A 100 9.83 20.62 -9.90
CA GLY A 100 8.51 20.00 -9.95
C GLY A 100 8.55 18.57 -9.43
N GLY A 1 -27.03 -14.72 19.37
CA GLY A 1 -25.62 -14.89 19.74
C GLY A 1 -24.98 -16.02 18.94
N SER A 2 -23.76 -15.78 18.49
CA SER A 2 -23.03 -16.76 17.71
C SER A 2 -21.65 -16.22 17.34
N SER A 3 -20.68 -16.50 18.21
CA SER A 3 -19.32 -16.06 17.99
C SER A 3 -18.77 -16.67 16.69
N GLY A 4 -17.84 -15.95 16.09
CA GLY A 4 -17.22 -16.40 14.85
C GLY A 4 -17.62 -15.51 13.68
N SER A 5 -17.69 -16.11 12.50
CA SER A 5 -18.04 -15.39 11.30
C SER A 5 -16.99 -14.32 11.00
N SER A 6 -16.08 -14.67 10.11
CA SER A 6 -15.02 -13.74 9.73
C SER A 6 -15.42 -12.98 8.47
N GLY A 7 -15.61 -11.68 8.64
CA GLY A 7 -16.01 -10.82 7.53
C GLY A 7 -15.10 -11.05 6.32
N ARG A 8 -15.53 -10.53 5.19
CA ARG A 8 -14.79 -10.67 3.96
C ARG A 8 -13.40 -10.04 4.10
N PRO A 9 -12.45 -10.54 3.27
CA PRO A 9 -11.08 -10.03 3.29
C PRO A 9 -11.00 -8.66 2.63
N HIS A 10 -9.82 -8.05 2.73
CA HIS A 10 -9.59 -6.74 2.15
C HIS A 10 -8.62 -6.86 0.97
N VAL A 11 -9.17 -6.72 -0.22
CA VAL A 11 -8.37 -6.82 -1.43
C VAL A 11 -7.81 -5.44 -1.77
N VAL A 12 -6.59 -5.20 -1.32
CA VAL A 12 -5.92 -3.93 -1.57
C VAL A 12 -5.30 -3.95 -2.97
N LYS A 13 -5.63 -2.92 -3.74
CA LYS A 13 -5.12 -2.80 -5.10
C LYS A 13 -3.90 -1.89 -5.10
N VAL A 14 -2.74 -2.50 -5.27
CA VAL A 14 -1.49 -1.74 -5.30
C VAL A 14 -1.00 -1.62 -6.74
N TYR A 15 -0.63 -0.40 -7.11
CA TYR A 15 -0.14 -0.14 -8.44
C TYR A 15 1.35 0.23 -8.42
N SER A 16 2.06 -0.32 -9.39
CA SER A 16 3.50 -0.07 -9.50
C SER A 16 3.74 1.16 -10.38
N GLU A 17 4.72 1.96 -9.97
CA GLU A 17 5.06 3.16 -10.71
C GLU A 17 5.11 2.86 -12.21
N ASP A 18 5.71 1.72 -12.53
CA ASP A 18 5.84 1.31 -13.92
C ASP A 18 4.46 1.29 -14.57
N GLY A 19 3.49 0.79 -13.81
CA GLY A 19 2.13 0.71 -14.31
C GLY A 19 1.48 -0.62 -13.91
N ALA A 20 2.32 -1.63 -13.76
CA ALA A 20 1.84 -2.95 -13.37
C ALA A 20 0.97 -2.83 -12.13
N CYS A 21 -0.25 -3.34 -12.26
CA CYS A 21 -1.20 -3.30 -11.16
C CYS A 21 -1.29 -4.70 -10.56
N ARG A 22 -1.51 -4.74 -9.25
CA ARG A 22 -1.62 -6.00 -8.54
C ARG A 22 -2.27 -5.80 -7.18
N SER A 23 -3.06 -6.78 -6.78
CA SER A 23 -3.75 -6.72 -5.50
C SER A 23 -3.31 -7.89 -4.61
N VAL A 24 -3.40 -7.67 -3.31
CA VAL A 24 -3.03 -8.69 -2.35
C VAL A 24 -4.17 -8.91 -1.36
N GLU A 25 -4.34 -10.16 -0.95
CA GLU A 25 -5.38 -10.52 -0.02
C GLU A 25 -4.91 -10.32 1.42
N VAL A 26 -5.41 -9.25 2.03
CA VAL A 26 -5.04 -8.93 3.40
C VAL A 26 -6.31 -8.74 4.24
N ALA A 27 -6.12 -8.77 5.55
CA ALA A 27 -7.24 -8.61 6.46
C ALA A 27 -6.97 -7.41 7.38
N ALA A 28 -7.96 -7.09 8.19
CA ALA A 28 -7.85 -5.98 9.12
C ALA A 28 -6.73 -6.27 10.13
N GLY A 29 -5.51 -6.00 9.70
CA GLY A 29 -4.35 -6.24 10.54
C GLY A 29 -3.06 -5.90 9.80
N ALA A 30 -2.93 -6.47 8.61
CA ALA A 30 -1.75 -6.25 7.79
C ALA A 30 -1.45 -4.75 7.74
N THR A 31 -0.16 -4.44 7.72
CA THR A 31 0.27 -3.06 7.67
C THR A 31 0.84 -2.72 6.29
N ALA A 32 1.30 -1.48 6.16
CA ALA A 32 1.87 -1.03 4.90
C ALA A 32 3.03 -1.93 4.51
N ARG A 33 3.73 -2.43 5.54
CA ARG A 33 4.86 -3.31 5.32
C ARG A 33 4.39 -4.65 4.77
N HIS A 34 3.35 -5.19 5.40
CA HIS A 34 2.80 -6.46 5.00
C HIS A 34 2.65 -6.49 3.47
N VAL A 35 1.86 -5.55 2.96
CA VAL A 35 1.63 -5.46 1.54
C VAL A 35 2.96 -5.60 0.80
N CYS A 36 3.84 -4.64 1.04
CA CYS A 36 5.14 -4.64 0.40
C CYS A 36 5.68 -6.07 0.42
N GLU A 37 5.96 -6.55 1.62
CA GLU A 37 6.48 -7.90 1.78
C GLU A 37 5.65 -8.90 0.96
N MET A 38 4.33 -8.74 1.06
CA MET A 38 3.42 -9.61 0.34
C MET A 38 3.54 -9.39 -1.17
N LEU A 39 4.11 -8.24 -1.52
CA LEU A 39 4.28 -7.90 -2.92
C LEU A 39 5.67 -8.34 -3.39
N VAL A 40 6.68 -7.81 -2.72
CA VAL A 40 8.05 -8.12 -3.06
C VAL A 40 8.20 -9.64 -3.19
N GLN A 41 7.48 -10.35 -2.33
CA GLN A 41 7.52 -11.81 -2.34
C GLN A 41 7.36 -12.33 -3.77
N ARG A 42 8.36 -13.10 -4.19
CA ARG A 42 8.35 -13.67 -5.52
C ARG A 42 9.33 -14.84 -5.60
N ALA A 43 10.57 -14.57 -5.23
CA ALA A 43 11.61 -15.59 -5.27
C ALA A 43 12.75 -15.17 -4.34
N HIS A 44 12.70 -15.68 -3.11
CA HIS A 44 13.72 -15.37 -2.13
C HIS A 44 13.72 -13.87 -1.85
N ALA A 45 14.29 -13.52 -0.70
CA ALA A 45 14.36 -12.12 -0.30
C ALA A 45 14.99 -12.02 1.08
N LEU A 46 16.22 -11.51 1.10
CA LEU A 46 16.95 -11.36 2.35
C LEU A 46 17.85 -10.12 2.25
N SER A 47 17.64 -9.21 3.19
CA SER A 47 18.42 -7.99 3.22
C SER A 47 18.54 -7.39 1.82
N ASP A 48 17.63 -6.48 1.52
CA ASP A 48 17.62 -5.83 0.22
C ASP A 48 17.13 -4.39 0.38
N GLU A 49 17.21 -3.65 -0.73
CA GLU A 49 16.77 -2.26 -0.73
C GLU A 49 15.46 -2.11 0.03
N THR A 50 15.22 -0.90 0.51
CA THR A 50 14.00 -0.61 1.25
C THR A 50 12.81 -0.49 0.30
N TRP A 51 11.61 -0.53 0.88
CA TRP A 51 10.40 -0.43 0.10
C TRP A 51 9.27 0.02 1.04
N GLY A 52 8.22 0.54 0.43
CA GLY A 52 7.08 1.02 1.19
C GLY A 52 5.87 1.24 0.29
N LEU A 53 4.86 1.89 0.84
CA LEU A 53 3.64 2.17 0.10
C LEU A 53 3.50 3.69 -0.09
N VAL A 54 2.85 4.06 -1.18
CA VAL A 54 2.64 5.46 -1.49
C VAL A 54 1.18 5.69 -1.87
N GLU A 55 0.50 6.47 -1.04
CA GLU A 55 -0.90 6.76 -1.28
C GLU A 55 -1.03 7.89 -2.32
N CYS A 56 -1.73 7.58 -3.40
CA CYS A 56 -1.93 8.55 -4.46
C CYS A 56 -3.37 9.06 -4.36
N HIS A 57 -3.54 10.34 -4.69
CA HIS A 57 -4.85 10.96 -4.65
C HIS A 57 -5.29 11.31 -6.07
N PRO A 58 -6.06 10.37 -6.68
CA PRO A 58 -6.55 10.58 -8.04
C PRO A 58 -7.70 11.59 -8.06
N HIS A 59 -7.43 12.77 -7.53
CA HIS A 59 -8.43 13.82 -7.48
C HIS A 59 -7.76 15.15 -7.12
N LEU A 60 -6.84 15.08 -6.18
CA LEU A 60 -6.12 16.26 -5.73
C LEU A 60 -4.72 16.27 -6.35
N ALA A 61 -4.44 15.22 -7.10
CA ALA A 61 -3.15 15.08 -7.75
C ALA A 61 -2.03 15.20 -6.71
N LEU A 62 -2.21 14.46 -5.63
CA LEU A 62 -1.23 14.46 -4.55
C LEU A 62 -0.60 13.07 -4.43
N GLU A 63 0.54 13.03 -3.76
CA GLU A 63 1.25 11.77 -3.57
C GLU A 63 1.94 11.76 -2.21
N ARG A 64 1.39 10.95 -1.30
CA ARG A 64 1.95 10.83 0.03
C ARG A 64 2.43 9.41 0.28
N GLY A 65 3.44 9.30 1.14
CA GLY A 65 4.01 8.01 1.47
C GLY A 65 3.79 7.68 2.95
N LEU A 66 3.39 6.44 3.20
CA LEU A 66 3.15 5.99 4.56
C LEU A 66 4.24 5.00 4.96
N GLU A 67 4.45 4.89 6.27
CA GLU A 67 5.46 4.00 6.80
C GLU A 67 4.91 2.56 6.84
N ASP A 68 5.74 1.66 7.34
CA ASP A 68 5.36 0.26 7.44
C ASP A 68 4.26 0.12 8.50
N HIS A 69 4.57 0.61 9.69
CA HIS A 69 3.61 0.55 10.79
C HIS A 69 2.22 0.93 10.29
N GLU A 70 2.17 2.01 9.53
CA GLU A 70 0.91 2.49 8.99
C GLU A 70 0.10 1.33 8.44
N SER A 71 -1.17 1.29 8.84
CA SER A 71 -2.06 0.24 8.39
C SER A 71 -2.76 0.65 7.09
N VAL A 72 -2.42 -0.06 6.03
CA VAL A 72 -3.01 0.23 4.72
C VAL A 72 -4.52 0.38 4.87
N VAL A 73 -5.11 -0.49 5.68
CA VAL A 73 -6.54 -0.46 5.92
C VAL A 73 -6.89 0.84 6.64
N GLU A 74 -6.31 1.01 7.81
CA GLU A 74 -6.56 2.20 8.61
C GLU A 74 -6.37 3.46 7.76
N VAL A 75 -5.36 3.42 6.91
CA VAL A 75 -5.06 4.54 6.04
C VAL A 75 -6.04 4.53 4.86
N GLN A 76 -6.48 3.34 4.50
CA GLN A 76 -7.41 3.19 3.39
C GLN A 76 -8.81 3.62 3.83
N ALA A 77 -9.10 3.43 5.10
CA ALA A 77 -10.40 3.79 5.64
C ALA A 77 -10.47 5.30 5.81
N ALA A 78 -9.34 5.89 6.18
CA ALA A 78 -9.27 7.32 6.37
C ALA A 78 -9.58 8.03 5.05
N TRP A 79 -9.12 7.41 3.97
CA TRP A 79 -9.35 7.98 2.65
C TRP A 79 -10.82 8.38 2.55
N PRO A 80 -11.06 9.51 1.84
CA PRO A 80 -12.41 10.01 1.68
C PRO A 80 -13.18 9.18 0.66
N VAL A 81 -14.50 9.34 0.67
CA VAL A 81 -15.36 8.60 -0.24
C VAL A 81 -15.41 9.34 -1.58
N GLY A 82 -15.00 8.63 -2.63
CA GLY A 82 -15.01 9.21 -3.96
C GLY A 82 -13.58 9.45 -4.45
N GLY A 83 -12.72 9.83 -3.50
CA GLY A 83 -11.33 10.10 -3.83
C GLY A 83 -10.75 9.01 -4.73
N ASP A 84 -11.23 7.79 -4.52
CA ASP A 84 -10.76 6.66 -5.31
C ASP A 84 -9.26 6.50 -5.13
N SER A 85 -8.78 6.90 -3.96
CA SER A 85 -7.37 6.81 -3.65
C SER A 85 -6.88 5.37 -3.79
N ARG A 86 -5.60 5.22 -4.06
CA ARG A 86 -5.00 3.92 -4.22
C ARG A 86 -3.64 3.85 -3.53
N PHE A 87 -3.00 2.69 -3.64
CA PHE A 87 -1.69 2.49 -3.04
C PHE A 87 -0.64 2.20 -4.11
N VAL A 88 0.41 3.01 -4.10
CA VAL A 88 1.49 2.84 -5.06
C VAL A 88 2.69 2.21 -4.35
N PHE A 89 3.47 1.48 -5.14
CA PHE A 89 4.65 0.81 -4.61
C PHE A 89 5.93 1.44 -5.16
N ARG A 90 6.68 2.05 -4.26
CA ARG A 90 7.93 2.70 -4.65
C ARG A 90 9.04 2.34 -3.66
N LYS A 91 10.27 2.35 -4.15
CA LYS A 91 11.42 2.04 -3.33
C LYS A 91 12.20 3.31 -3.04
N ASN A 92 12.03 4.28 -3.92
CA ASN A 92 12.71 5.56 -3.77
C ASN A 92 11.72 6.70 -4.01
N PHE A 93 10.71 6.75 -3.16
CA PHE A 93 9.68 7.78 -3.27
C PHE A 93 9.98 8.95 -2.34
N ALA A 94 9.90 10.15 -2.89
CA ALA A 94 10.15 11.35 -2.11
C ALA A 94 11.60 11.35 -1.63
N SER A 95 12.27 12.46 -1.86
CA SER A 95 13.66 12.60 -1.46
C SER A 95 14.52 11.56 -2.17
N GLY A 96 15.73 11.97 -2.51
CA GLY A 96 16.66 11.08 -3.20
C GLY A 96 17.48 10.25 -2.20
N PRO A 97 18.76 10.01 -2.57
CA PRO A 97 19.64 9.24 -1.72
C PRO A 97 20.11 10.05 -0.52
N SER A 98 20.24 9.38 0.61
CA SER A 98 20.67 10.03 1.83
C SER A 98 19.65 11.08 2.26
N SER A 99 18.86 10.72 3.26
CA SER A 99 17.84 11.62 3.77
C SER A 99 18.45 12.58 4.79
N GLY A 100 19.01 12.00 5.84
CA GLY A 100 19.63 12.79 6.89
C GLY A 100 21.14 12.89 6.67
N GLY A 1 -8.73 -18.83 10.61
CA GLY A 1 -8.67 -17.96 9.44
C GLY A 1 -7.42 -17.08 9.46
N SER A 2 -7.58 -15.89 10.01
CA SER A 2 -6.47 -14.95 10.10
C SER A 2 -6.87 -13.75 10.97
N SER A 3 -7.96 -13.11 10.58
CA SER A 3 -8.46 -11.96 11.32
C SER A 3 -9.99 -11.98 11.36
N GLY A 4 -10.52 -12.22 12.55
CA GLY A 4 -11.96 -12.26 12.73
C GLY A 4 -12.50 -13.67 12.49
N SER A 5 -13.58 -13.74 11.74
CA SER A 5 -14.20 -15.02 11.43
C SER A 5 -15.17 -14.86 10.25
N SER A 6 -16.13 -13.96 10.43
CA SER A 6 -17.12 -13.71 9.40
C SER A 6 -16.76 -12.44 8.64
N GLY A 7 -17.37 -12.28 7.46
CA GLY A 7 -17.12 -11.12 6.64
C GLY A 7 -16.20 -11.48 5.45
N ARG A 8 -15.68 -10.44 4.81
CA ARG A 8 -14.81 -10.63 3.67
C ARG A 8 -13.46 -9.95 3.93
N PRO A 9 -12.41 -10.45 3.22
CA PRO A 9 -11.07 -9.90 3.35
C PRO A 9 -10.96 -8.55 2.65
N HIS A 10 -9.79 -7.95 2.78
CA HIS A 10 -9.54 -6.66 2.16
C HIS A 10 -8.61 -6.85 0.96
N VAL A 11 -9.18 -6.65 -0.22
CA VAL A 11 -8.42 -6.79 -1.46
C VAL A 11 -7.86 -5.43 -1.85
N VAL A 12 -6.63 -5.17 -1.40
CA VAL A 12 -5.97 -3.91 -1.71
C VAL A 12 -5.38 -4.00 -3.12
N LYS A 13 -5.61 -2.93 -3.87
CA LYS A 13 -5.10 -2.86 -5.24
C LYS A 13 -3.92 -1.89 -5.28
N VAL A 14 -2.72 -2.46 -5.36
CA VAL A 14 -1.51 -1.66 -5.42
C VAL A 14 -1.06 -1.52 -6.88
N TYR A 15 -0.73 -0.30 -7.25
CA TYR A 15 -0.28 -0.02 -8.60
C TYR A 15 1.20 0.31 -8.63
N SER A 16 1.86 -0.15 -9.69
CA SER A 16 3.29 0.09 -9.84
C SER A 16 3.52 1.21 -10.87
N GLU A 17 4.57 1.98 -10.63
CA GLU A 17 4.91 3.07 -11.53
C GLU A 17 4.69 2.65 -12.98
N ASP A 18 5.40 1.62 -13.39
CA ASP A 18 5.28 1.12 -14.74
C ASP A 18 3.82 1.15 -15.18
N GLY A 19 2.96 0.69 -14.27
CA GLY A 19 1.52 0.67 -14.55
C GLY A 19 0.89 -0.63 -14.04
N ALA A 20 1.70 -1.69 -14.06
CA ALA A 20 1.24 -2.98 -13.61
C ALA A 20 0.48 -2.83 -12.29
N CYS A 21 -0.74 -3.34 -12.28
CA CYS A 21 -1.58 -3.26 -11.10
C CYS A 21 -1.71 -4.67 -10.51
N ARG A 22 -1.47 -4.77 -9.22
CA ARG A 22 -1.57 -6.05 -8.53
C ARG A 22 -2.35 -5.89 -7.22
N SER A 23 -3.07 -6.94 -6.87
CA SER A 23 -3.86 -6.93 -5.65
C SER A 23 -3.41 -8.07 -4.73
N VAL A 24 -3.42 -7.78 -3.44
CA VAL A 24 -3.00 -8.76 -2.44
C VAL A 24 -4.13 -8.94 -1.42
N GLU A 25 -4.25 -10.17 -0.93
CA GLU A 25 -5.27 -10.48 0.06
C GLU A 25 -4.79 -10.12 1.47
N VAL A 26 -5.50 -9.18 2.08
CA VAL A 26 -5.15 -8.73 3.42
C VAL A 26 -6.43 -8.60 4.24
N ALA A 27 -6.24 -8.49 5.56
CA ALA A 27 -7.37 -8.35 6.46
C ALA A 27 -7.14 -7.14 7.36
N ALA A 28 -8.14 -6.87 8.20
CA ALA A 28 -8.06 -5.75 9.12
C ALA A 28 -6.94 -6.01 10.13
N GLY A 29 -5.72 -5.76 9.69
CA GLY A 29 -4.56 -5.96 10.54
C GLY A 29 -3.26 -5.69 9.78
N ALA A 30 -3.17 -6.30 8.61
CA ALA A 30 -1.99 -6.14 7.77
C ALA A 30 -1.58 -4.66 7.75
N THR A 31 -0.28 -4.43 7.66
CA THR A 31 0.24 -3.08 7.63
C THR A 31 0.87 -2.77 6.26
N ALA A 32 1.31 -1.54 6.12
CA ALA A 32 1.94 -1.12 4.87
C ALA A 32 3.10 -2.05 4.55
N ARG A 33 3.77 -2.50 5.60
CA ARG A 33 4.90 -3.40 5.45
C ARG A 33 4.45 -4.74 4.88
N HIS A 34 3.37 -5.26 5.46
CA HIS A 34 2.83 -6.53 5.03
C HIS A 34 2.74 -6.56 3.51
N VAL A 35 1.99 -5.61 2.97
CA VAL A 35 1.81 -5.52 1.53
C VAL A 35 3.19 -5.56 0.85
N CYS A 36 4.00 -4.58 1.19
CA CYS A 36 5.35 -4.50 0.63
C CYS A 36 5.94 -5.90 0.59
N GLU A 37 5.88 -6.57 1.73
CA GLU A 37 6.42 -7.91 1.84
C GLU A 37 5.65 -8.87 0.92
N MET A 38 4.34 -8.70 0.90
CA MET A 38 3.48 -9.53 0.07
C MET A 38 3.73 -9.26 -1.42
N LEU A 39 4.27 -8.07 -1.68
CA LEU A 39 4.56 -7.67 -3.05
C LEU A 39 5.97 -8.14 -3.42
N VAL A 40 6.92 -7.68 -2.63
CA VAL A 40 8.32 -8.03 -2.86
C VAL A 40 8.44 -9.55 -3.00
N GLN A 41 7.77 -10.25 -2.10
CA GLN A 41 7.79 -11.70 -2.11
C GLN A 41 9.20 -12.21 -1.82
N ARG A 42 9.34 -12.83 -0.65
CA ARG A 42 10.63 -13.37 -0.25
C ARG A 42 10.58 -13.82 1.21
N ALA A 43 9.91 -13.00 2.03
CA ALA A 43 9.78 -13.31 3.44
C ALA A 43 11.15 -13.14 4.12
N HIS A 44 12.07 -14.00 3.73
CA HIS A 44 13.42 -13.96 4.29
C HIS A 44 13.88 -12.50 4.39
N ALA A 45 13.99 -11.87 3.24
CA ALA A 45 14.43 -10.48 3.18
C ALA A 45 15.56 -10.27 4.19
N LEU A 46 16.70 -10.84 3.88
CA LEU A 46 17.86 -10.72 4.75
C LEU A 46 18.25 -9.25 4.87
N SER A 47 18.58 -8.65 3.74
CA SER A 47 18.95 -7.25 3.71
C SER A 47 18.01 -6.46 2.80
N ASP A 48 18.23 -6.62 1.50
CA ASP A 48 17.41 -5.94 0.51
C ASP A 48 17.52 -4.44 0.73
N GLU A 49 16.67 -3.71 0.01
CA GLU A 49 16.65 -2.26 0.11
C GLU A 49 15.40 -1.79 0.83
N THR A 50 15.30 -0.47 0.99
CA THR A 50 14.15 0.11 1.67
C THR A 50 12.97 0.23 0.71
N TRP A 51 11.79 -0.09 1.22
CA TRP A 51 10.57 -0.02 0.43
C TRP A 51 9.43 0.39 1.35
N GLY A 52 8.31 0.73 0.72
CA GLY A 52 7.13 1.16 1.47
C GLY A 52 5.97 1.45 0.53
N LEU A 53 4.81 1.71 1.13
CA LEU A 53 3.61 2.01 0.37
C LEU A 53 3.44 3.52 0.27
N VAL A 54 2.86 3.95 -0.84
CA VAL A 54 2.62 5.36 -1.08
C VAL A 54 1.22 5.55 -1.67
N GLU A 55 0.38 6.19 -0.87
CA GLU A 55 -1.00 6.45 -1.30
C GLU A 55 -1.02 7.51 -2.40
N CYS A 56 -1.79 7.23 -3.43
CA CYS A 56 -1.92 8.15 -4.55
C CYS A 56 -3.36 8.65 -4.61
N HIS A 57 -3.51 9.91 -4.97
CA HIS A 57 -4.83 10.52 -5.07
C HIS A 57 -5.13 10.87 -6.52
N PRO A 58 -5.80 9.91 -7.22
CA PRO A 58 -6.15 10.10 -8.62
C PRO A 58 -7.31 11.09 -8.76
N HIS A 59 -7.14 12.27 -8.19
CA HIS A 59 -8.15 13.29 -8.25
C HIS A 59 -7.57 14.63 -7.81
N LEU A 60 -6.76 14.59 -6.76
CA LEU A 60 -6.13 15.79 -6.24
C LEU A 60 -4.68 15.83 -6.72
N ALA A 61 -4.28 14.78 -7.43
CA ALA A 61 -2.93 14.69 -7.94
C ALA A 61 -1.93 14.86 -6.78
N LEU A 62 -2.17 14.09 -5.73
CA LEU A 62 -1.31 14.14 -4.55
C LEU A 62 -0.68 12.77 -4.34
N GLU A 63 0.44 12.78 -3.62
CA GLU A 63 1.16 11.55 -3.34
C GLU A 63 1.76 11.60 -1.94
N ARG A 64 1.21 10.79 -1.04
CA ARG A 64 1.69 10.74 0.33
C ARG A 64 2.24 9.35 0.64
N GLY A 65 3.37 9.34 1.35
CA GLY A 65 4.00 8.10 1.72
C GLY A 65 3.69 7.73 3.18
N LEU A 66 3.56 6.43 3.40
CA LEU A 66 3.26 5.94 4.74
C LEU A 66 4.32 4.92 5.16
N GLU A 67 4.53 4.84 6.46
CA GLU A 67 5.52 3.91 6.99
C GLU A 67 4.97 2.48 7.00
N ASP A 68 5.75 1.57 7.54
CA ASP A 68 5.36 0.18 7.61
C ASP A 68 4.24 0.02 8.63
N HIS A 69 4.50 0.48 9.84
CA HIS A 69 3.53 0.40 10.91
C HIS A 69 2.15 0.83 10.39
N GLU A 70 2.16 1.89 9.61
CA GLU A 70 0.92 2.41 9.04
C GLU A 70 0.07 1.25 8.51
N SER A 71 -1.21 1.31 8.84
CA SER A 71 -2.15 0.29 8.40
C SER A 71 -2.83 0.72 7.10
N VAL A 72 -2.49 0.02 6.03
CA VAL A 72 -3.05 0.33 4.73
C VAL A 72 -4.57 0.51 4.87
N VAL A 73 -5.16 -0.35 5.69
CA VAL A 73 -6.60 -0.28 5.93
C VAL A 73 -6.94 1.03 6.63
N GLU A 74 -6.43 1.16 7.84
CA GLU A 74 -6.66 2.36 8.63
C GLU A 74 -6.41 3.61 7.79
N VAL A 75 -5.37 3.54 6.98
CA VAL A 75 -5.01 4.67 6.12
C VAL A 75 -5.95 4.70 4.92
N GLN A 76 -6.41 3.51 4.53
CA GLN A 76 -7.32 3.39 3.40
C GLN A 76 -8.71 3.87 3.78
N ALA A 77 -9.07 3.63 5.03
CA ALA A 77 -10.36 4.03 5.54
C ALA A 77 -10.41 5.55 5.68
N ALA A 78 -9.24 6.11 6.02
CA ALA A 78 -9.14 7.55 6.19
C ALA A 78 -9.55 8.24 4.89
N TRP A 79 -9.10 7.69 3.79
CA TRP A 79 -9.42 8.23 2.48
C TRP A 79 -10.89 8.62 2.47
N PRO A 80 -11.18 9.80 1.84
CA PRO A 80 -12.54 10.29 1.77
C PRO A 80 -13.35 9.50 0.73
N VAL A 81 -14.62 9.86 0.63
CA VAL A 81 -15.50 9.19 -0.32
C VAL A 81 -15.52 9.97 -1.63
N GLY A 82 -15.13 9.29 -2.69
CA GLY A 82 -15.09 9.91 -4.01
C GLY A 82 -13.75 9.65 -4.71
N GLY A 83 -12.69 10.17 -4.10
CA GLY A 83 -11.36 10.00 -4.64
C GLY A 83 -10.94 8.53 -4.63
N ASP A 84 -10.79 7.97 -5.82
CA ASP A 84 -10.40 6.59 -5.96
C ASP A 84 -8.92 6.44 -5.57
N SER A 85 -8.64 6.81 -4.33
CA SER A 85 -7.27 6.71 -3.83
C SER A 85 -6.76 5.28 -3.94
N ARG A 86 -5.45 5.15 -4.05
CA ARG A 86 -4.83 3.85 -4.16
C ARG A 86 -3.43 3.87 -3.53
N PHE A 87 -2.80 2.71 -3.53
CA PHE A 87 -1.46 2.57 -2.98
C PHE A 87 -0.44 2.23 -4.07
N VAL A 88 0.54 3.11 -4.20
CA VAL A 88 1.57 2.92 -5.20
C VAL A 88 2.83 2.38 -4.52
N PHE A 89 3.39 1.34 -5.13
CA PHE A 89 4.59 0.71 -4.60
C PHE A 89 5.86 1.34 -5.19
N ARG A 90 6.64 1.95 -4.32
CA ARG A 90 7.87 2.60 -4.75
C ARG A 90 8.93 2.48 -3.65
N LYS A 91 10.19 2.50 -4.08
CA LYS A 91 11.30 2.40 -3.16
C LYS A 91 11.91 3.79 -2.96
N ASN A 92 11.78 4.62 -3.99
CA ASN A 92 12.31 5.97 -3.93
C ASN A 92 11.17 6.98 -4.16
N PHE A 93 10.53 7.34 -3.06
CA PHE A 93 9.43 8.29 -3.12
C PHE A 93 9.82 9.62 -2.47
N ALA A 94 9.66 10.68 -3.25
CA ALA A 94 10.00 12.02 -2.78
C ALA A 94 9.66 13.03 -3.87
N SER A 95 8.40 13.03 -4.27
CA SER A 95 7.94 13.95 -5.30
C SER A 95 8.53 13.56 -6.65
N GLY A 96 8.02 14.20 -7.70
CA GLY A 96 8.49 13.92 -9.04
C GLY A 96 7.85 12.64 -9.59
N PRO A 97 6.57 12.77 -10.01
CA PRO A 97 5.84 11.64 -10.55
C PRO A 97 6.30 11.31 -11.97
N SER A 98 7.25 10.39 -12.05
CA SER A 98 7.78 9.98 -13.34
C SER A 98 8.68 8.74 -13.17
N SER A 99 9.77 8.93 -12.45
CA SER A 99 10.70 7.85 -12.20
C SER A 99 11.53 8.14 -10.95
N GLY A 100 12.22 9.28 -10.99
CA GLY A 100 13.06 9.69 -9.87
C GLY A 100 12.24 10.45 -8.83
N GLY A 1 -22.20 -4.56 6.91
CA GLY A 1 -22.01 -5.25 5.64
C GLY A 1 -21.55 -6.69 5.87
N SER A 2 -22.32 -7.61 5.32
CA SER A 2 -22.00 -9.03 5.46
C SER A 2 -22.74 -9.84 4.38
N SER A 3 -21.95 -10.44 3.49
CA SER A 3 -22.51 -11.23 2.42
C SER A 3 -23.24 -12.44 2.99
N GLY A 4 -22.50 -13.25 3.74
CA GLY A 4 -23.06 -14.44 4.35
C GLY A 4 -22.76 -14.48 5.85
N SER A 5 -21.48 -14.62 6.17
CA SER A 5 -21.05 -14.67 7.55
C SER A 5 -19.58 -14.27 7.66
N SER A 6 -19.26 -13.59 8.76
CA SER A 6 -17.89 -13.14 8.99
C SER A 6 -17.49 -12.14 7.92
N GLY A 7 -16.45 -11.37 8.23
CA GLY A 7 -15.95 -10.38 7.31
C GLY A 7 -15.26 -11.03 6.11
N ARG A 8 -14.50 -10.22 5.39
CA ARG A 8 -13.78 -10.71 4.22
C ARG A 8 -12.38 -10.09 4.16
N PRO A 9 -11.55 -10.67 3.26
CA PRO A 9 -10.19 -10.19 3.09
C PRO A 9 -10.16 -8.87 2.33
N HIS A 10 -8.98 -8.27 2.28
CA HIS A 10 -8.81 -6.99 1.59
C HIS A 10 -7.83 -7.17 0.42
N VAL A 11 -8.37 -7.01 -0.78
CA VAL A 11 -7.57 -7.15 -1.98
C VAL A 11 -6.92 -5.81 -2.32
N VAL A 12 -6.43 -5.15 -1.29
CA VAL A 12 -5.79 -3.85 -1.46
C VAL A 12 -5.07 -3.82 -2.81
N LYS A 13 -5.40 -2.78 -3.59
CA LYS A 13 -4.81 -2.63 -4.91
C LYS A 13 -3.56 -1.74 -4.79
N VAL A 14 -2.42 -2.34 -5.10
CA VAL A 14 -1.17 -1.61 -5.03
C VAL A 14 -0.61 -1.43 -6.45
N TYR A 15 -1.04 -0.33 -7.07
CA TYR A 15 -0.59 -0.02 -8.42
C TYR A 15 0.92 0.10 -8.48
N SER A 16 1.47 -0.32 -9.62
CA SER A 16 2.91 -0.26 -9.82
C SER A 16 3.24 0.74 -10.93
N GLU A 17 4.38 1.39 -10.77
CA GLU A 17 4.82 2.38 -11.75
C GLU A 17 4.59 1.87 -13.16
N ASP A 18 4.89 0.59 -13.36
CA ASP A 18 4.72 -0.03 -14.66
C ASP A 18 3.28 0.13 -15.11
N GLY A 19 2.37 -0.10 -14.17
CA GLY A 19 0.95 0.01 -14.45
C GLY A 19 0.31 -1.37 -14.55
N ALA A 20 0.99 -2.35 -14.00
CA ALA A 20 0.50 -3.72 -14.01
C ALA A 20 -0.68 -3.84 -13.04
N CYS A 21 -0.55 -3.13 -11.93
CA CYS A 21 -1.60 -3.15 -10.91
C CYS A 21 -1.71 -4.58 -10.36
N ARG A 22 -1.75 -4.67 -9.04
CA ARG A 22 -1.86 -5.96 -8.38
C ARG A 22 -2.58 -5.82 -7.04
N SER A 23 -3.29 -6.88 -6.67
CA SER A 23 -4.02 -6.88 -5.41
C SER A 23 -3.55 -8.04 -4.53
N VAL A 24 -3.56 -7.80 -3.23
CA VAL A 24 -3.15 -8.82 -2.29
C VAL A 24 -4.24 -8.99 -1.21
N GLU A 25 -4.60 -10.24 -0.97
CA GLU A 25 -5.62 -10.55 0.02
C GLU A 25 -5.02 -10.48 1.44
N VAL A 26 -5.38 -9.41 2.14
CA VAL A 26 -4.89 -9.21 3.49
C VAL A 26 -6.07 -9.04 4.44
N ALA A 27 -5.80 -9.19 5.72
CA ALA A 27 -6.84 -9.05 6.73
C ALA A 27 -6.49 -7.88 7.66
N ALA A 28 -7.52 -7.34 8.28
CA ALA A 28 -7.33 -6.21 9.19
C ALA A 28 -6.14 -6.50 10.11
N GLY A 29 -5.00 -5.92 9.74
CA GLY A 29 -3.79 -6.10 10.52
C GLY A 29 -2.55 -5.75 9.69
N ALA A 30 -2.51 -6.31 8.49
CA ALA A 30 -1.38 -6.06 7.60
C ALA A 30 -1.23 -4.55 7.38
N THR A 31 0.00 -4.09 7.60
CA THR A 31 0.29 -2.67 7.43
C THR A 31 0.86 -2.41 6.04
N ALA A 32 1.18 -1.14 5.80
CA ALA A 32 1.73 -0.74 4.52
C ALA A 32 3.02 -1.52 4.25
N ARG A 33 3.55 -2.10 5.31
CA ARG A 33 4.78 -2.88 5.21
C ARG A 33 4.46 -4.32 4.79
N HIS A 34 3.46 -4.88 5.44
CA HIS A 34 3.04 -6.24 5.15
C HIS A 34 2.90 -6.42 3.64
N VAL A 35 2.23 -5.45 3.02
CA VAL A 35 2.03 -5.49 1.58
C VAL A 35 3.37 -5.53 0.87
N CYS A 36 4.24 -4.61 1.28
CA CYS A 36 5.57 -4.54 0.70
C CYS A 36 6.20 -5.93 0.71
N GLU A 37 6.10 -6.57 1.87
CA GLU A 37 6.64 -7.90 2.03
C GLU A 37 5.97 -8.88 1.07
N MET A 38 4.67 -8.97 1.19
CA MET A 38 3.89 -9.87 0.32
C MET A 38 4.28 -9.67 -1.14
N LEU A 39 4.09 -8.45 -1.61
CA LEU A 39 4.42 -8.12 -2.99
C LEU A 39 5.85 -8.57 -3.30
N VAL A 40 6.79 -8.05 -2.51
CA VAL A 40 8.19 -8.40 -2.69
C VAL A 40 8.33 -9.92 -2.78
N GLN A 41 7.85 -10.59 -1.73
CA GLN A 41 7.91 -12.04 -1.69
C GLN A 41 7.47 -12.54 -0.31
N ARG A 42 7.24 -13.84 -0.24
CA ARG A 42 6.81 -14.46 1.01
C ARG A 42 8.03 -14.90 1.83
N ALA A 43 8.90 -15.65 1.17
CA ALA A 43 10.10 -16.15 1.82
C ALA A 43 11.14 -16.53 0.77
N HIS A 44 12.23 -17.09 1.23
CA HIS A 44 13.31 -17.50 0.34
C HIS A 44 14.00 -16.27 -0.25
N ALA A 45 13.23 -15.53 -1.04
CA ALA A 45 13.76 -14.32 -1.67
C ALA A 45 14.62 -13.56 -0.66
N LEU A 46 15.68 -12.96 -1.18
CA LEU A 46 16.58 -12.20 -0.34
C LEU A 46 16.08 -10.76 -0.22
N SER A 47 16.82 -9.95 0.52
CA SER A 47 16.47 -8.56 0.71
C SER A 47 17.43 -7.66 -0.05
N ASP A 48 16.97 -6.45 -0.33
CA ASP A 48 17.79 -5.49 -1.05
C ASP A 48 16.98 -4.20 -1.25
N GLU A 49 17.55 -3.10 -0.76
CA GLU A 49 16.90 -1.81 -0.87
C GLU A 49 15.63 -1.78 -0.03
N THR A 50 15.12 -0.56 0.18
CA THR A 50 13.91 -0.39 0.97
C THR A 50 12.70 -0.22 0.06
N TRP A 51 11.53 -0.48 0.63
CA TRP A 51 10.29 -0.37 -0.12
C TRP A 51 9.17 -0.08 0.88
N GLY A 52 8.00 0.24 0.32
CA GLY A 52 6.84 0.55 1.14
C GLY A 52 5.61 0.77 0.28
N LEU A 53 4.86 1.81 0.63
CA LEU A 53 3.65 2.16 -0.10
C LEU A 53 3.55 3.67 -0.22
N VAL A 54 2.79 4.10 -1.21
CA VAL A 54 2.59 5.52 -1.44
C VAL A 54 1.13 5.79 -1.82
N GLU A 55 0.44 6.49 -0.94
CA GLU A 55 -0.96 6.81 -1.17
C GLU A 55 -1.09 7.94 -2.19
N CYS A 56 -1.76 7.64 -3.28
CA CYS A 56 -1.97 8.62 -4.34
C CYS A 56 -3.36 9.23 -4.17
N HIS A 57 -3.44 10.53 -4.45
CA HIS A 57 -4.70 11.25 -4.32
C HIS A 57 -5.18 11.67 -5.71
N PRO A 58 -6.05 10.82 -6.31
CA PRO A 58 -6.59 11.10 -7.63
C PRO A 58 -7.65 12.21 -7.56
N HIS A 59 -7.24 13.36 -7.05
CA HIS A 59 -8.13 14.50 -6.92
C HIS A 59 -7.34 15.74 -6.52
N LEU A 60 -6.40 15.52 -5.60
CA LEU A 60 -5.56 16.61 -5.12
C LEU A 60 -4.18 16.50 -5.76
N ALA A 61 -4.00 15.47 -6.57
CA ALA A 61 -2.73 15.24 -7.24
C ALA A 61 -1.61 15.28 -6.21
N LEU A 62 -1.78 14.50 -5.15
CA LEU A 62 -0.79 14.43 -4.09
C LEU A 62 -0.23 13.00 -4.01
N GLU A 63 0.93 12.90 -3.38
CA GLU A 63 1.57 11.60 -3.22
C GLU A 63 2.30 11.53 -1.88
N ARG A 64 1.74 10.73 -0.98
CA ARG A 64 2.32 10.57 0.34
C ARG A 64 2.78 9.12 0.53
N GLY A 65 3.93 8.99 1.19
CA GLY A 65 4.49 7.67 1.45
C GLY A 65 4.26 7.25 2.90
N LEU A 66 3.17 6.54 3.11
CA LEU A 66 2.83 6.07 4.44
C LEU A 66 3.92 5.13 4.95
N GLU A 67 4.19 5.24 6.24
CA GLU A 67 5.21 4.40 6.86
C GLU A 67 4.78 2.94 6.86
N ASP A 68 5.57 2.12 7.54
CA ASP A 68 5.27 0.70 7.63
C ASP A 68 4.17 0.47 8.66
N HIS A 69 4.41 1.00 9.85
CA HIS A 69 3.45 0.87 10.93
C HIS A 69 2.07 1.31 10.46
N GLU A 70 2.07 2.15 9.43
CA GLU A 70 0.83 2.67 8.87
C GLU A 70 0.00 1.51 8.30
N SER A 71 -1.26 1.47 8.71
CA SER A 71 -2.16 0.44 8.25
C SER A 71 -2.81 0.87 6.93
N VAL A 72 -2.62 0.04 5.91
CA VAL A 72 -3.18 0.31 4.60
C VAL A 72 -4.70 0.45 4.72
N VAL A 73 -5.28 -0.39 5.56
CA VAL A 73 -6.71 -0.36 5.78
C VAL A 73 -7.09 0.93 6.51
N GLU A 74 -6.60 1.06 7.73
CA GLU A 74 -6.88 2.22 8.54
C GLU A 74 -6.68 3.50 7.71
N VAL A 75 -5.67 3.46 6.86
CA VAL A 75 -5.36 4.59 6.01
C VAL A 75 -6.31 4.60 4.81
N GLN A 76 -6.63 3.41 4.34
CA GLN A 76 -7.52 3.26 3.20
C GLN A 76 -8.94 3.68 3.58
N ALA A 77 -9.29 3.40 4.83
CA ALA A 77 -10.61 3.75 5.33
C ALA A 77 -10.69 5.25 5.58
N ALA A 78 -9.55 5.81 5.96
CA ALA A 78 -9.46 7.24 6.22
C ALA A 78 -9.67 8.01 4.92
N TRP A 79 -9.34 7.35 3.82
CA TRP A 79 -9.49 7.97 2.50
C TRP A 79 -10.97 8.34 2.32
N PRO A 80 -11.18 9.50 1.64
CA PRO A 80 -12.52 9.99 1.39
C PRO A 80 -13.21 9.16 0.30
N VAL A 81 -14.52 9.32 0.22
CA VAL A 81 -15.30 8.60 -0.77
C VAL A 81 -14.87 9.05 -2.17
N GLY A 82 -15.19 10.30 -2.48
CA GLY A 82 -14.84 10.86 -3.78
C GLY A 82 -13.33 10.78 -4.03
N GLY A 83 -12.59 10.79 -2.93
CA GLY A 83 -11.14 10.72 -3.02
C GLY A 83 -10.70 9.65 -4.01
N ASP A 84 -11.17 8.43 -3.76
CA ASP A 84 -10.83 7.30 -4.62
C ASP A 84 -9.32 7.10 -4.60
N SER A 85 -8.73 7.41 -3.47
CA SER A 85 -7.28 7.26 -3.31
C SER A 85 -6.89 5.80 -3.53
N ARG A 86 -5.60 5.60 -3.76
CA ARG A 86 -5.08 4.26 -3.99
C ARG A 86 -3.63 4.16 -3.48
N PHE A 87 -3.10 2.95 -3.56
CA PHE A 87 -1.74 2.71 -3.10
C PHE A 87 -0.81 2.39 -4.28
N VAL A 88 0.41 2.88 -4.18
CA VAL A 88 1.39 2.66 -5.22
C VAL A 88 2.69 2.11 -4.60
N PHE A 89 3.31 1.18 -5.31
CA PHE A 89 4.53 0.58 -4.84
C PHE A 89 5.75 1.25 -5.49
N ARG A 90 6.59 1.83 -4.64
CA ARG A 90 7.79 2.51 -5.13
C ARG A 90 8.82 2.59 -4.00
N LYS A 91 10.09 2.52 -4.40
CA LYS A 91 11.17 2.59 -3.44
C LYS A 91 11.71 4.03 -3.39
N ASN A 92 11.55 4.73 -4.50
CA ASN A 92 12.01 6.10 -4.60
C ASN A 92 10.84 6.99 -5.04
N PHE A 93 10.38 7.81 -4.11
CA PHE A 93 9.27 8.71 -4.39
C PHE A 93 9.47 10.05 -3.68
N ALA A 94 9.00 11.10 -4.34
CA ALA A 94 9.13 12.44 -3.79
C ALA A 94 8.63 13.47 -4.82
N SER A 95 7.35 13.37 -5.12
CA SER A 95 6.74 14.27 -6.08
C SER A 95 7.33 14.03 -7.48
N GLY A 96 6.82 13.01 -8.14
CA GLY A 96 7.30 12.67 -9.48
C GLY A 96 8.82 12.79 -9.57
N PRO A 97 9.52 11.68 -9.23
CA PRO A 97 10.97 11.66 -9.27
C PRO A 97 11.47 11.58 -10.71
N SER A 98 12.74 11.21 -10.83
CA SER A 98 13.36 11.08 -12.15
C SER A 98 14.67 10.31 -12.03
N SER A 99 14.94 9.52 -13.06
CA SER A 99 16.17 8.74 -13.09
C SER A 99 17.35 9.59 -12.65
N GLY A 100 18.28 8.94 -11.96
CA GLY A 100 19.47 9.62 -11.47
C GLY A 100 19.76 9.25 -10.02
N GLY A 1 -14.22 -22.46 -3.47
CA GLY A 1 -14.56 -21.95 -2.16
C GLY A 1 -13.81 -22.70 -1.05
N SER A 2 -13.25 -21.92 -0.13
CA SER A 2 -12.51 -22.50 0.97
C SER A 2 -13.19 -22.15 2.30
N SER A 3 -13.31 -20.87 2.54
CA SER A 3 -13.94 -20.38 3.77
C SER A 3 -15.45 -20.53 3.67
N GLY A 4 -16.11 -20.39 4.81
CA GLY A 4 -17.55 -20.51 4.87
C GLY A 4 -18.23 -19.26 4.29
N SER A 5 -18.86 -18.50 5.18
CA SER A 5 -19.54 -17.29 4.78
C SER A 5 -19.48 -16.25 5.90
N SER A 6 -18.26 -16.01 6.36
CA SER A 6 -18.05 -15.04 7.43
C SER A 6 -17.20 -13.88 6.92
N GLY A 7 -17.82 -12.71 6.87
CA GLY A 7 -17.15 -11.52 6.41
C GLY A 7 -16.37 -11.79 5.12
N ARG A 8 -15.24 -11.11 4.99
CA ARG A 8 -14.40 -11.28 3.82
C ARG A 8 -13.06 -10.58 4.02
N PRO A 9 -12.05 -11.03 3.23
CA PRO A 9 -10.71 -10.46 3.32
C PRO A 9 -10.66 -9.09 2.65
N HIS A 10 -9.49 -8.47 2.73
CA HIS A 10 -9.29 -7.16 2.13
C HIS A 10 -8.29 -7.26 0.98
N VAL A 11 -8.83 -7.15 -0.23
CA VAL A 11 -8.00 -7.23 -1.42
C VAL A 11 -7.49 -5.83 -1.78
N VAL A 12 -6.32 -5.51 -1.26
CA VAL A 12 -5.72 -4.20 -1.51
C VAL A 12 -5.19 -4.17 -2.94
N LYS A 13 -5.58 -3.12 -3.65
CA LYS A 13 -5.15 -2.96 -5.04
C LYS A 13 -3.96 -1.99 -5.08
N VAL A 14 -2.77 -2.57 -5.21
CA VAL A 14 -1.56 -1.78 -5.26
C VAL A 14 -1.17 -1.56 -6.73
N TYR A 15 -0.96 -0.29 -7.06
CA TYR A 15 -0.59 0.07 -8.42
C TYR A 15 0.91 0.37 -8.51
N SER A 16 1.50 -0.02 -9.63
CA SER A 16 2.92 0.20 -9.85
C SER A 16 3.12 1.52 -10.61
N GLU A 17 4.12 2.26 -10.19
CA GLU A 17 4.44 3.53 -10.82
C GLU A 17 4.52 3.37 -12.33
N ASP A 18 4.87 2.16 -12.74
CA ASP A 18 4.99 1.86 -14.16
C ASP A 18 3.60 1.86 -14.80
N GLY A 19 2.62 1.43 -14.02
CA GLY A 19 1.25 1.38 -14.49
C GLY A 19 0.59 0.05 -14.13
N ALA A 20 1.43 -0.92 -13.79
CA ALA A 20 0.94 -2.24 -13.41
C ALA A 20 -0.04 -2.10 -12.25
N CYS A 21 -0.84 -3.15 -12.06
CA CYS A 21 -1.82 -3.16 -11.00
C CYS A 21 -1.78 -4.53 -10.31
N ARG A 22 -1.30 -4.52 -9.07
CA ARG A 22 -1.20 -5.75 -8.31
C ARG A 22 -2.16 -5.71 -7.12
N SER A 23 -2.50 -6.90 -6.63
CA SER A 23 -3.40 -7.01 -5.51
C SER A 23 -2.79 -7.91 -4.43
N VAL A 24 -3.35 -7.82 -3.24
CA VAL A 24 -2.87 -8.62 -2.12
C VAL A 24 -4.05 -8.96 -1.20
N GLU A 25 -4.08 -10.21 -0.77
CA GLU A 25 -5.14 -10.67 0.11
C GLU A 25 -4.70 -10.56 1.57
N VAL A 26 -5.23 -9.54 2.24
CA VAL A 26 -4.91 -9.31 3.63
C VAL A 26 -6.20 -9.03 4.41
N ALA A 27 -6.03 -8.90 5.73
CA ALA A 27 -7.17 -8.64 6.59
C ALA A 27 -7.13 -7.18 7.05
N ALA A 28 -8.09 -6.82 7.89
CA ALA A 28 -8.17 -5.47 8.41
C ALA A 28 -7.18 -5.31 9.56
N GLY A 29 -5.91 -5.18 9.19
CA GLY A 29 -4.85 -5.02 10.17
C GLY A 29 -3.49 -4.85 9.50
N ALA A 30 -3.32 -5.58 8.40
CA ALA A 30 -2.07 -5.51 7.66
C ALA A 30 -1.74 -4.06 7.35
N THR A 31 -0.45 -3.76 7.37
CA THR A 31 0.01 -2.41 7.08
C THR A 31 0.65 -2.34 5.70
N ALA A 32 1.14 -1.15 5.36
CA ALA A 32 1.78 -0.95 4.07
C ALA A 32 2.88 -1.99 3.88
N ARG A 33 3.82 -1.98 4.81
CA ARG A 33 4.93 -2.92 4.75
C ARG A 33 4.42 -4.33 4.44
N HIS A 34 3.53 -4.81 5.30
CA HIS A 34 2.95 -6.12 5.12
C HIS A 34 2.70 -6.39 3.64
N VAL A 35 2.21 -5.37 2.97
CA VAL A 35 1.92 -5.47 1.54
C VAL A 35 3.23 -5.51 0.77
N CYS A 36 4.10 -4.57 1.10
CA CYS A 36 5.40 -4.50 0.44
C CYS A 36 6.05 -5.87 0.49
N GLU A 37 5.99 -6.48 1.66
CA GLU A 37 6.57 -7.81 1.84
C GLU A 37 5.99 -8.79 0.82
N MET A 38 4.68 -8.97 0.90
CA MET A 38 4.00 -9.88 -0.01
C MET A 38 4.33 -9.54 -1.47
N LEU A 39 4.16 -8.28 -1.81
CA LEU A 39 4.43 -7.82 -3.16
C LEU A 39 5.89 -8.14 -3.52
N VAL A 40 6.75 -7.97 -2.53
CA VAL A 40 8.17 -8.23 -2.73
C VAL A 40 8.34 -9.67 -3.22
N GLN A 41 7.61 -10.57 -2.60
CA GLN A 41 7.68 -11.98 -2.95
C GLN A 41 9.10 -12.51 -2.75
N ARG A 42 9.20 -13.84 -2.71
CA ARG A 42 10.48 -14.48 -2.52
C ARG A 42 10.93 -14.36 -1.06
N ALA A 43 10.39 -15.25 -0.24
CA ALA A 43 10.72 -15.25 1.18
C ALA A 43 12.23 -15.07 1.34
N HIS A 44 12.62 -14.66 2.54
CA HIS A 44 14.03 -14.45 2.85
C HIS A 44 14.57 -13.32 1.96
N ALA A 45 14.62 -12.13 2.55
CA ALA A 45 15.11 -10.97 1.83
C ALA A 45 16.62 -10.83 2.06
N LEU A 46 16.98 -10.68 3.33
CA LEU A 46 18.39 -10.54 3.69
C LEU A 46 18.92 -9.23 3.14
N SER A 47 19.16 -9.21 1.84
CA SER A 47 19.68 -8.02 1.18
C SER A 47 18.64 -7.48 0.21
N ASP A 48 18.18 -6.27 0.50
CA ASP A 48 17.19 -5.63 -0.35
C ASP A 48 16.84 -4.25 0.23
N GLU A 49 16.06 -3.50 -0.53
CA GLU A 49 15.66 -2.17 -0.12
C GLU A 49 14.48 -2.26 0.86
N THR A 50 14.26 -1.17 1.58
CA THR A 50 13.17 -1.11 2.54
C THR A 50 11.82 -1.19 1.82
N TRP A 51 11.68 -0.37 0.79
CA TRP A 51 10.45 -0.34 0.01
C TRP A 51 9.32 0.10 0.95
N GLY A 52 8.18 0.42 0.33
CA GLY A 52 7.03 0.85 1.09
C GLY A 52 5.86 1.18 0.16
N LEU A 53 4.76 1.59 0.78
CA LEU A 53 3.57 1.94 0.01
C LEU A 53 3.45 3.47 -0.08
N VAL A 54 2.73 3.91 -1.10
CA VAL A 54 2.54 5.33 -1.32
C VAL A 54 1.09 5.60 -1.72
N GLU A 55 0.37 6.28 -0.85
CA GLU A 55 -1.03 6.60 -1.11
C GLU A 55 -1.13 7.70 -2.17
N CYS A 56 -1.49 7.29 -3.37
CA CYS A 56 -1.63 8.23 -4.48
C CYS A 56 -3.03 8.83 -4.42
N HIS A 57 -3.10 10.12 -4.74
CA HIS A 57 -4.37 10.83 -4.73
C HIS A 57 -4.75 11.22 -6.16
N PRO A 58 -5.57 10.35 -6.81
CA PRO A 58 -6.01 10.60 -8.17
C PRO A 58 -7.09 11.69 -8.20
N HIS A 59 -6.75 12.83 -7.64
CA HIS A 59 -7.67 13.95 -7.60
C HIS A 59 -6.92 15.23 -7.21
N LEU A 60 -6.04 15.07 -6.22
CA LEU A 60 -5.25 16.19 -5.75
C LEU A 60 -3.84 16.10 -6.31
N ALA A 61 -3.60 15.02 -7.03
CA ALA A 61 -2.29 14.80 -7.64
C ALA A 61 -1.21 14.86 -6.55
N LEU A 62 -1.41 14.07 -5.51
CA LEU A 62 -0.47 14.03 -4.41
C LEU A 62 0.03 12.60 -4.22
N GLU A 63 1.16 12.48 -3.54
CA GLU A 63 1.74 11.18 -3.28
C GLU A 63 2.42 11.16 -1.91
N ARG A 64 1.83 10.39 -1.00
CA ARG A 64 2.35 10.28 0.34
C ARG A 64 2.72 8.83 0.65
N GLY A 65 3.80 8.67 1.40
CA GLY A 65 4.26 7.33 1.77
C GLY A 65 4.04 7.08 3.27
N LEU A 66 3.57 5.88 3.56
CA LEU A 66 3.31 5.50 4.94
C LEU A 66 4.35 4.46 5.38
N GLU A 67 4.36 4.20 6.67
CA GLU A 67 5.29 3.23 7.24
C GLU A 67 4.62 1.87 7.38
N ASP A 68 5.32 0.98 8.07
CA ASP A 68 4.80 -0.37 8.29
C ASP A 68 3.80 -0.34 9.45
N HIS A 69 3.91 0.71 10.25
CA HIS A 69 3.02 0.87 11.39
C HIS A 69 1.71 1.52 10.94
N GLU A 70 1.64 1.77 9.64
CA GLU A 70 0.45 2.39 9.06
C GLU A 70 -0.44 1.32 8.41
N SER A 71 -1.65 1.21 8.95
CA SER A 71 -2.61 0.25 8.44
C SER A 71 -3.22 0.76 7.14
N VAL A 72 -2.89 0.07 6.05
CA VAL A 72 -3.41 0.44 4.75
C VAL A 72 -4.92 0.64 4.84
N VAL A 73 -5.57 -0.27 5.55
CA VAL A 73 -7.01 -0.21 5.72
C VAL A 73 -7.38 1.08 6.45
N GLU A 74 -6.83 1.21 7.66
CA GLU A 74 -7.10 2.38 8.47
C GLU A 74 -6.85 3.66 7.66
N VAL A 75 -5.77 3.62 6.88
CA VAL A 75 -5.41 4.76 6.05
C VAL A 75 -6.33 4.82 4.84
N GLN A 76 -6.82 3.65 4.44
CA GLN A 76 -7.72 3.57 3.30
C GLN A 76 -9.13 4.00 3.71
N ALA A 77 -9.45 3.77 4.97
CA ALA A 77 -10.76 4.12 5.49
C ALA A 77 -10.75 5.60 5.90
N ALA A 78 -9.57 6.06 6.30
CA ALA A 78 -9.42 7.44 6.71
C ALA A 78 -9.46 8.36 5.49
N TRP A 79 -9.12 7.78 4.35
CA TRP A 79 -9.12 8.52 3.10
C TRP A 79 -10.45 9.27 2.99
N PRO A 80 -10.39 10.46 2.33
CA PRO A 80 -11.57 11.27 2.16
C PRO A 80 -12.49 10.68 1.08
N VAL A 81 -13.72 11.17 1.07
CA VAL A 81 -14.70 10.71 0.10
C VAL A 81 -14.53 11.47 -1.21
N GLY A 82 -14.64 10.73 -2.31
CA GLY A 82 -14.50 11.33 -3.62
C GLY A 82 -13.17 10.92 -4.26
N GLY A 83 -12.10 11.24 -3.57
CA GLY A 83 -10.76 10.92 -4.05
C GLY A 83 -10.53 9.41 -4.06
N ASP A 84 -10.32 8.88 -5.25
CA ASP A 84 -10.08 7.45 -5.40
C ASP A 84 -8.62 7.14 -5.07
N SER A 85 -8.20 7.57 -3.89
CA SER A 85 -6.84 7.35 -3.46
C SER A 85 -6.49 5.86 -3.54
N ARG A 86 -5.30 5.59 -4.04
CA ARG A 86 -4.84 4.22 -4.17
C ARG A 86 -3.48 4.04 -3.51
N PHE A 87 -3.00 2.81 -3.50
CA PHE A 87 -1.72 2.50 -2.91
C PHE A 87 -0.68 2.17 -3.98
N VAL A 88 0.29 3.07 -4.11
CA VAL A 88 1.35 2.91 -5.09
C VAL A 88 2.60 2.36 -4.39
N PHE A 89 3.16 1.31 -4.99
CA PHE A 89 4.35 0.69 -4.43
C PHE A 89 5.61 1.31 -5.04
N ARG A 90 6.38 1.97 -4.17
CA ARG A 90 7.62 2.60 -4.61
C ARG A 90 8.76 2.26 -3.65
N LYS A 91 9.95 2.19 -4.21
CA LYS A 91 11.13 1.86 -3.42
C LYS A 91 11.89 3.15 -3.11
N ASN A 92 11.69 4.15 -3.96
CA ASN A 92 12.35 5.42 -3.79
C ASN A 92 11.46 6.54 -4.34
N PHE A 93 10.44 6.88 -3.55
CA PHE A 93 9.51 7.92 -3.95
C PHE A 93 9.85 9.25 -3.28
N ALA A 94 9.64 10.32 -4.02
CA ALA A 94 9.92 11.66 -3.52
C ALA A 94 11.40 11.75 -3.14
N SER A 95 12.23 11.99 -4.15
CA SER A 95 13.65 12.11 -3.94
C SER A 95 14.11 13.56 -4.12
N GLY A 96 14.64 14.12 -3.06
CA GLY A 96 15.12 15.49 -3.09
C GLY A 96 16.44 15.60 -3.85
N PRO A 97 17.30 16.54 -3.36
CA PRO A 97 18.60 16.74 -3.98
C PRO A 97 19.57 15.62 -3.61
N SER A 98 19.27 14.43 -4.12
CA SER A 98 20.09 13.27 -3.86
C SER A 98 20.11 12.36 -5.10
N SER A 99 21.07 12.63 -5.97
CA SER A 99 21.21 11.85 -7.19
C SER A 99 21.63 10.41 -6.84
N GLY A 100 21.58 9.56 -7.84
CA GLY A 100 21.95 8.16 -7.66
C GLY A 100 21.42 7.62 -6.33
N GLY A 1 -10.09 -10.14 21.94
CA GLY A 1 -11.21 -10.11 21.02
C GLY A 1 -10.77 -9.59 19.65
N SER A 2 -11.63 -8.77 19.06
CA SER A 2 -11.35 -8.20 17.76
C SER A 2 -12.51 -7.30 17.31
N SER A 3 -13.69 -7.89 17.25
CA SER A 3 -14.87 -7.15 16.85
C SER A 3 -14.58 -6.36 15.57
N GLY A 4 -14.93 -6.96 14.45
CA GLY A 4 -14.71 -6.33 13.16
C GLY A 4 -15.76 -6.78 12.13
N SER A 5 -15.32 -6.88 10.89
CA SER A 5 -16.20 -7.31 9.81
C SER A 5 -16.48 -8.81 9.93
N SER A 6 -15.41 -9.58 9.92
CA SER A 6 -15.53 -11.02 10.04
C SER A 6 -16.52 -11.55 8.98
N GLY A 7 -16.04 -11.60 7.74
CA GLY A 7 -16.87 -12.07 6.65
C GLY A 7 -16.05 -12.22 5.37
N ARG A 8 -15.48 -11.10 4.94
CA ARG A 8 -14.67 -11.09 3.73
C ARG A 8 -13.32 -10.42 4.01
N PRO A 9 -12.28 -10.88 3.26
CA PRO A 9 -10.95 -10.34 3.41
C PRO A 9 -10.84 -8.96 2.77
N HIS A 10 -9.68 -8.35 2.94
CA HIS A 10 -9.43 -7.03 2.38
C HIS A 10 -8.47 -7.15 1.19
N VAL A 11 -9.01 -6.93 0.01
CA VAL A 11 -8.21 -7.01 -1.21
C VAL A 11 -7.60 -5.64 -1.50
N VAL A 12 -6.40 -5.45 -0.99
CA VAL A 12 -5.68 -4.20 -1.19
C VAL A 12 -5.11 -4.16 -2.60
N LYS A 13 -5.40 -3.08 -3.31
CA LYS A 13 -4.92 -2.91 -4.67
C LYS A 13 -3.72 -1.96 -4.66
N VAL A 14 -2.64 -2.42 -5.28
CA VAL A 14 -1.43 -1.62 -5.36
C VAL A 14 -1.01 -1.46 -6.83
N TYR A 15 -0.68 -0.23 -7.18
CA TYR A 15 -0.26 0.07 -8.54
C TYR A 15 1.22 0.43 -8.59
N SER A 16 1.88 -0.03 -9.65
CA SER A 16 3.29 0.25 -9.83
C SER A 16 3.48 1.39 -10.83
N GLU A 17 4.58 2.11 -10.65
CA GLU A 17 4.89 3.23 -11.51
C GLU A 17 4.61 2.88 -12.97
N ASP A 18 5.09 1.70 -13.37
CA ASP A 18 4.90 1.23 -14.72
C ASP A 18 3.42 1.29 -15.08
N GLY A 19 2.59 0.87 -14.13
CA GLY A 19 1.15 0.88 -14.34
C GLY A 19 0.52 -0.44 -13.88
N ALA A 20 1.30 -1.51 -14.01
CA ALA A 20 0.83 -2.83 -13.61
C ALA A 20 0.14 -2.72 -12.25
N CYS A 21 -0.98 -3.43 -12.13
CA CYS A 21 -1.74 -3.43 -10.90
C CYS A 21 -1.50 -4.77 -10.19
N ARG A 22 -1.50 -4.71 -8.87
CA ARG A 22 -1.29 -5.89 -8.06
C ARG A 22 -2.12 -5.82 -6.78
N SER A 23 -2.66 -6.98 -6.41
CA SER A 23 -3.48 -7.06 -5.20
C SER A 23 -2.96 -8.17 -4.29
N VAL A 24 -3.25 -8.02 -3.00
CA VAL A 24 -2.82 -9.00 -2.03
C VAL A 24 -3.95 -9.27 -1.04
N GLU A 25 -4.14 -10.53 -0.71
CA GLU A 25 -5.18 -10.93 0.22
C GLU A 25 -4.68 -10.79 1.66
N VAL A 26 -5.18 -9.77 2.33
CA VAL A 26 -4.80 -9.51 3.71
C VAL A 26 -6.06 -9.28 4.55
N ALA A 27 -5.88 -9.37 5.86
CA ALA A 27 -6.99 -9.17 6.78
C ALA A 27 -6.91 -7.77 7.37
N ALA A 28 -7.95 -7.40 8.12
CA ALA A 28 -8.00 -6.10 8.74
C ALA A 28 -6.93 -6.01 9.83
N GLY A 29 -5.69 -5.93 9.38
CA GLY A 29 -4.56 -5.86 10.30
C GLY A 29 -3.27 -5.56 9.55
N ALA A 30 -3.13 -6.19 8.39
CA ALA A 30 -1.94 -6.02 7.58
C ALA A 30 -1.74 -4.52 7.31
N THR A 31 -0.47 -4.13 7.28
CA THR A 31 -0.12 -2.74 7.03
C THR A 31 0.50 -2.58 5.65
N ALA A 32 0.98 -1.37 5.39
CA ALA A 32 1.61 -1.08 4.11
C ALA A 32 2.75 -2.07 3.86
N ARG A 33 3.71 -2.06 4.77
CA ARG A 33 4.85 -2.94 4.66
C ARG A 33 4.39 -4.37 4.32
N HIS A 34 3.51 -4.89 5.16
CA HIS A 34 2.99 -6.23 4.94
C HIS A 34 2.70 -6.44 3.46
N VAL A 35 2.15 -5.41 2.84
CA VAL A 35 1.82 -5.47 1.43
C VAL A 35 3.12 -5.43 0.60
N CYS A 36 4.01 -4.54 1.02
CA CYS A 36 5.28 -4.39 0.33
C CYS A 36 5.98 -5.75 0.31
N GLU A 37 6.03 -6.38 1.48
CA GLU A 37 6.66 -7.68 1.61
C GLU A 37 6.09 -8.64 0.57
N MET A 38 4.80 -8.92 0.71
CA MET A 38 4.13 -9.83 -0.21
C MET A 38 4.41 -9.45 -1.67
N LEU A 39 4.10 -8.21 -2.00
CA LEU A 39 4.32 -7.71 -3.34
C LEU A 39 5.77 -7.97 -3.75
N VAL A 40 6.67 -7.77 -2.79
CA VAL A 40 8.08 -7.99 -3.04
C VAL A 40 8.30 -9.42 -3.54
N GLN A 41 7.62 -10.34 -2.89
CA GLN A 41 7.73 -11.74 -3.25
C GLN A 41 9.17 -12.23 -3.05
N ARG A 42 9.45 -12.67 -1.84
CA ARG A 42 10.77 -13.17 -1.49
C ARG A 42 10.87 -13.44 0.01
N ALA A 43 11.40 -14.61 0.33
CA ALA A 43 11.56 -14.99 1.72
C ALA A 43 12.51 -14.02 2.41
N HIS A 44 12.00 -13.41 3.48
CA HIS A 44 12.79 -12.46 4.24
C HIS A 44 13.57 -11.56 3.28
N ALA A 45 14.85 -11.87 3.12
CA ALA A 45 15.71 -11.10 2.25
C ALA A 45 16.19 -9.85 2.98
N LEU A 46 17.43 -9.92 3.48
CA LEU A 46 18.02 -8.82 4.19
C LEU A 46 19.25 -8.32 3.44
N SER A 47 19.00 -7.78 2.25
CA SER A 47 20.07 -7.26 1.42
C SER A 47 19.50 -6.67 0.13
N ASP A 48 18.95 -5.47 0.27
CA ASP A 48 18.36 -4.79 -0.87
C ASP A 48 17.70 -3.50 -0.40
N GLU A 49 17.48 -2.60 -1.35
CA GLU A 49 16.86 -1.32 -1.04
C GLU A 49 15.55 -1.54 -0.27
N THR A 50 15.06 -0.46 0.33
CA THR A 50 13.84 -0.52 1.10
C THR A 50 12.63 -0.31 0.18
N TRP A 51 11.50 -0.87 0.62
CA TRP A 51 10.27 -0.76 -0.15
C TRP A 51 9.11 -0.56 0.84
N GLY A 52 8.06 0.05 0.33
CA GLY A 52 6.88 0.31 1.15
C GLY A 52 5.67 0.62 0.29
N LEU A 53 4.76 1.40 0.86
CA LEU A 53 3.55 1.79 0.15
C LEU A 53 3.42 3.31 0.15
N VAL A 54 2.84 3.83 -0.92
CA VAL A 54 2.65 5.26 -1.05
C VAL A 54 1.24 5.54 -1.59
N GLU A 55 0.43 6.16 -0.74
CA GLU A 55 -0.93 6.49 -1.12
C GLU A 55 -0.94 7.59 -2.18
N CYS A 56 -1.68 7.34 -3.24
CA CYS A 56 -1.79 8.30 -4.34
C CYS A 56 -3.18 8.92 -4.30
N HIS A 57 -3.23 10.20 -4.64
CA HIS A 57 -4.49 10.92 -4.65
C HIS A 57 -4.85 11.31 -6.09
N PRO A 58 -5.66 10.42 -6.74
CA PRO A 58 -6.07 10.66 -8.11
C PRO A 58 -7.15 11.75 -8.17
N HIS A 59 -6.82 12.91 -7.62
CA HIS A 59 -7.75 14.02 -7.60
C HIS A 59 -7.00 15.30 -7.21
N LEU A 60 -6.14 15.16 -6.21
CA LEU A 60 -5.37 16.29 -5.72
C LEU A 60 -3.94 16.19 -6.27
N ALA A 61 -3.68 15.11 -6.99
CA ALA A 61 -2.38 14.89 -7.57
C ALA A 61 -1.31 14.97 -6.47
N LEU A 62 -1.55 14.23 -5.40
CA LEU A 62 -0.62 14.21 -4.28
C LEU A 62 -0.08 12.79 -4.10
N GLU A 63 1.01 12.70 -3.35
CA GLU A 63 1.64 11.42 -3.09
C GLU A 63 2.22 11.39 -1.67
N ARG A 64 1.57 10.61 -0.82
CA ARG A 64 2.01 10.48 0.56
C ARG A 64 2.43 9.05 0.86
N GLY A 65 3.49 8.93 1.64
CA GLY A 65 4.01 7.62 2.01
C GLY A 65 3.64 7.26 3.45
N LEU A 66 3.57 5.97 3.71
CA LEU A 66 3.23 5.48 5.04
C LEU A 66 4.26 4.44 5.47
N GLU A 67 4.30 4.20 6.77
CA GLU A 67 5.23 3.24 7.33
C GLU A 67 4.59 1.85 7.40
N ASP A 68 5.28 0.94 8.06
CA ASP A 68 4.78 -0.42 8.20
C ASP A 68 3.73 -0.47 9.30
N HIS A 69 3.82 0.50 10.20
CA HIS A 69 2.88 0.58 11.31
C HIS A 69 1.57 1.19 10.83
N GLU A 70 1.60 1.70 9.61
CA GLU A 70 0.43 2.33 9.02
C GLU A 70 -0.47 1.26 8.38
N SER A 71 -1.69 1.18 8.86
CA SER A 71 -2.64 0.21 8.35
C SER A 71 -3.26 0.73 7.05
N VAL A 72 -3.04 -0.02 5.99
CA VAL A 72 -3.56 0.36 4.68
C VAL A 72 -5.07 0.59 4.79
N VAL A 73 -5.72 -0.29 5.53
CA VAL A 73 -7.16 -0.20 5.73
C VAL A 73 -7.48 1.10 6.48
N GLU A 74 -6.83 1.26 7.62
CA GLU A 74 -7.04 2.44 8.44
C GLU A 74 -6.78 3.71 7.61
N VAL A 75 -5.72 3.66 6.83
CA VAL A 75 -5.35 4.79 5.99
C VAL A 75 -6.30 4.85 4.79
N GLN A 76 -6.80 3.69 4.41
CA GLN A 76 -7.71 3.60 3.28
C GLN A 76 -9.10 4.09 3.68
N ALA A 77 -9.43 3.84 4.95
CA ALA A 77 -10.73 4.25 5.47
C ALA A 77 -10.73 5.75 5.70
N ALA A 78 -9.54 6.29 5.92
CA ALA A 78 -9.38 7.71 6.16
C ALA A 78 -9.67 8.48 4.88
N TRP A 79 -9.26 7.88 3.76
CA TRP A 79 -9.47 8.50 2.47
C TRP A 79 -10.92 8.98 2.40
N PRO A 80 -11.11 10.15 1.75
CA PRO A 80 -12.43 10.74 1.61
C PRO A 80 -13.26 9.97 0.56
N VAL A 81 -14.56 10.23 0.59
CA VAL A 81 -15.47 9.57 -0.35
C VAL A 81 -15.65 10.47 -1.58
N GLY A 82 -14.57 10.64 -2.32
CA GLY A 82 -14.59 11.47 -3.52
C GLY A 82 -13.43 11.13 -4.45
N GLY A 83 -12.26 11.00 -3.85
CA GLY A 83 -11.06 10.70 -4.61
C GLY A 83 -10.79 9.18 -4.62
N ASP A 84 -10.43 8.68 -5.78
CA ASP A 84 -10.16 7.26 -5.94
C ASP A 84 -8.73 6.97 -5.46
N SER A 85 -8.46 7.40 -4.23
CA SER A 85 -7.14 7.19 -3.65
C SER A 85 -6.73 5.73 -3.78
N ARG A 86 -5.43 5.52 -3.98
CA ARG A 86 -4.91 4.18 -4.13
C ARG A 86 -3.49 4.10 -3.55
N PHE A 87 -3.00 2.88 -3.43
CA PHE A 87 -1.66 2.65 -2.89
C PHE A 87 -0.66 2.35 -4.02
N VAL A 88 0.39 3.15 -4.07
CA VAL A 88 1.41 2.98 -5.07
C VAL A 88 2.62 2.28 -4.46
N PHE A 89 3.33 1.54 -5.29
CA PHE A 89 4.50 0.81 -4.84
C PHE A 89 5.78 1.42 -5.43
N ARG A 90 6.60 1.96 -4.54
CA ARG A 90 7.85 2.56 -4.96
C ARG A 90 8.94 2.34 -3.91
N LYS A 91 10.18 2.46 -4.33
CA LYS A 91 11.31 2.27 -3.44
C LYS A 91 11.98 3.61 -3.18
N ASN A 92 11.77 4.53 -4.11
CA ASN A 92 12.35 5.86 -4.00
C ASN A 92 11.23 6.91 -4.01
N PHE A 93 11.02 7.52 -2.86
CA PHE A 93 9.99 8.53 -2.71
C PHE A 93 10.12 9.27 -1.39
N ALA A 94 10.41 8.51 -0.35
CA ALA A 94 10.58 9.08 0.98
C ALA A 94 10.98 7.97 1.96
N SER A 95 12.24 8.01 2.36
CA SER A 95 12.76 7.02 3.29
C SER A 95 14.13 7.47 3.81
N GLY A 96 14.18 7.74 5.10
CA GLY A 96 15.41 8.17 5.73
C GLY A 96 16.60 7.33 5.24
N PRO A 97 17.41 7.96 4.36
CA PRO A 97 18.58 7.28 3.82
C PRO A 97 19.71 7.20 4.85
N SER A 98 19.41 6.53 5.95
CA SER A 98 20.38 6.38 7.02
C SER A 98 21.71 5.89 6.45
N SER A 99 22.77 6.20 7.18
CA SER A 99 24.11 5.81 6.75
C SER A 99 25.05 5.77 7.97
N GLY A 100 25.17 6.91 8.61
CA GLY A 100 26.03 7.03 9.77
C GLY A 100 26.26 8.50 10.14
N GLY A 1 -22.10 -1.95 6.61
CA GLY A 1 -21.43 -2.81 5.65
C GLY A 1 -20.30 -2.07 4.93
N SER A 2 -19.14 -2.06 5.57
CA SER A 2 -17.98 -1.38 5.01
C SER A 2 -16.75 -2.30 5.09
N SER A 3 -16.43 -2.70 6.30
CA SER A 3 -15.29 -3.57 6.53
C SER A 3 -15.74 -4.86 7.22
N GLY A 4 -16.33 -4.68 8.39
CA GLY A 4 -16.82 -5.81 9.17
C GLY A 4 -15.67 -6.51 9.90
N SER A 5 -15.99 -7.07 11.04
CA SER A 5 -14.99 -7.77 11.84
C SER A 5 -14.67 -9.13 11.21
N SER A 6 -15.71 -9.95 11.11
CA SER A 6 -15.56 -11.28 10.53
C SER A 6 -16.48 -11.43 9.31
N GLY A 7 -15.99 -10.95 8.18
CA GLY A 7 -16.75 -11.03 6.95
C GLY A 7 -15.86 -11.45 5.77
N ARG A 8 -15.61 -10.48 4.90
CA ARG A 8 -14.76 -10.73 3.73
C ARG A 8 -13.40 -10.07 3.91
N PRO A 9 -12.40 -10.59 3.15
CA PRO A 9 -11.06 -10.07 3.21
C PRO A 9 -10.95 -8.73 2.49
N HIS A 10 -9.82 -8.07 2.67
CA HIS A 10 -9.58 -6.78 2.04
C HIS A 10 -8.60 -6.95 0.88
N VAL A 11 -9.13 -6.80 -0.32
CA VAL A 11 -8.32 -6.94 -1.52
C VAL A 11 -7.70 -5.58 -1.86
N VAL A 12 -6.49 -5.38 -1.38
CA VAL A 12 -5.78 -4.14 -1.63
C VAL A 12 -5.27 -4.13 -3.07
N LYS A 13 -5.57 -3.04 -3.77
CA LYS A 13 -5.14 -2.89 -5.15
C LYS A 13 -3.96 -1.93 -5.22
N VAL A 14 -2.77 -2.52 -5.36
CA VAL A 14 -1.55 -1.72 -5.44
C VAL A 14 -1.18 -1.51 -6.91
N TYR A 15 -1.01 -0.24 -7.26
CA TYR A 15 -0.65 0.12 -8.62
C TYR A 15 0.85 0.36 -8.75
N SER A 16 1.40 -0.06 -9.88
CA SER A 16 2.81 0.10 -10.14
C SER A 16 3.03 1.27 -11.11
N GLU A 17 4.16 1.95 -10.94
CA GLU A 17 4.51 3.07 -11.78
C GLU A 17 4.17 2.76 -13.25
N ASP A 18 4.63 1.61 -13.69
CA ASP A 18 4.39 1.18 -15.05
C ASP A 18 2.88 1.25 -15.35
N GLY A 19 2.10 0.78 -14.39
CA GLY A 19 0.66 0.78 -14.53
C GLY A 19 0.06 -0.56 -14.10
N ALA A 20 0.89 -1.60 -14.18
CA ALA A 20 0.46 -2.93 -13.80
C ALA A 20 -0.23 -2.88 -12.44
N CYS A 21 -1.51 -3.17 -12.44
CA CYS A 21 -2.29 -3.16 -11.21
C CYS A 21 -2.16 -4.54 -10.55
N ARG A 22 -1.70 -4.52 -9.31
CA ARG A 22 -1.54 -5.76 -8.56
C ARG A 22 -2.44 -5.74 -7.32
N SER A 23 -2.87 -6.94 -6.94
CA SER A 23 -3.74 -7.09 -5.78
C SER A 23 -3.12 -8.07 -4.78
N VAL A 24 -3.45 -7.87 -3.52
CA VAL A 24 -2.93 -8.73 -2.47
C VAL A 24 -4.05 -9.01 -1.45
N GLU A 25 -4.12 -10.27 -1.04
CA GLU A 25 -5.14 -10.67 -0.08
C GLU A 25 -4.69 -10.32 1.34
N VAL A 26 -5.49 -9.49 1.99
CA VAL A 26 -5.19 -9.06 3.35
C VAL A 26 -6.49 -8.87 4.11
N ALA A 27 -6.35 -8.59 5.41
CA ALA A 27 -7.50 -8.39 6.26
C ALA A 27 -7.32 -7.10 7.06
N ALA A 28 -8.35 -6.75 7.82
CA ALA A 28 -8.32 -5.55 8.63
C ALA A 28 -7.32 -5.74 9.77
N GLY A 29 -6.06 -5.86 9.40
CA GLY A 29 -4.99 -6.04 10.38
C GLY A 29 -3.63 -5.78 9.76
N ALA A 30 -3.44 -6.32 8.56
CA ALA A 30 -2.18 -6.17 7.86
C ALA A 30 -1.79 -4.68 7.86
N THR A 31 -0.50 -4.44 7.67
CA THR A 31 0.01 -3.08 7.64
C THR A 31 0.69 -2.79 6.30
N ALA A 32 1.25 -1.60 6.20
CA ALA A 32 1.93 -1.19 4.99
C ALA A 32 3.20 -2.03 4.81
N ARG A 33 3.52 -2.77 5.86
CA ARG A 33 4.71 -3.62 5.84
C ARG A 33 4.37 -4.98 5.22
N HIS A 34 3.21 -5.50 5.60
CA HIS A 34 2.76 -6.79 5.10
C HIS A 34 2.74 -6.76 3.57
N VAL A 35 1.95 -5.84 3.03
CA VAL A 35 1.83 -5.70 1.59
C VAL A 35 3.22 -5.62 0.98
N CYS A 36 3.95 -4.57 1.36
CA CYS A 36 5.29 -4.37 0.85
C CYS A 36 6.00 -5.73 0.80
N GLU A 37 6.03 -6.39 1.95
CA GLU A 37 6.67 -7.69 2.05
C GLU A 37 6.00 -8.68 1.09
N MET A 38 4.67 -8.64 1.09
CA MET A 38 3.90 -9.54 0.23
C MET A 38 4.22 -9.28 -1.24
N LEU A 39 4.55 -8.03 -1.54
CA LEU A 39 4.87 -7.64 -2.90
C LEU A 39 6.32 -8.00 -3.19
N VAL A 40 7.22 -7.34 -2.48
CA VAL A 40 8.64 -7.57 -2.65
C VAL A 40 8.90 -9.07 -2.77
N GLN A 41 8.28 -9.82 -1.87
CA GLN A 41 8.43 -11.27 -1.86
C GLN A 41 7.79 -11.87 -3.11
N ARG A 42 8.63 -12.14 -4.09
CA ARG A 42 8.18 -12.72 -5.34
C ARG A 42 9.11 -13.85 -5.78
N ALA A 43 10.41 -13.54 -5.76
CA ALA A 43 11.41 -14.52 -6.15
C ALA A 43 12.25 -14.89 -4.94
N HIS A 44 12.90 -13.89 -4.36
CA HIS A 44 13.74 -14.10 -3.20
C HIS A 44 13.94 -12.77 -2.46
N ALA A 45 14.28 -12.87 -1.19
CA ALA A 45 14.52 -11.70 -0.37
C ALA A 45 15.44 -12.06 0.79
N LEU A 46 16.50 -11.27 0.92
CA LEU A 46 17.47 -11.50 1.98
C LEU A 46 17.95 -10.15 2.53
N SER A 47 17.14 -9.59 3.41
CA SER A 47 17.45 -8.30 4.02
C SER A 47 18.05 -7.37 2.96
N ASP A 48 17.18 -6.61 2.33
CA ASP A 48 17.60 -5.67 1.31
C ASP A 48 16.36 -5.02 0.67
N GLU A 49 16.44 -3.72 0.51
CA GLU A 49 15.34 -2.97 -0.08
C GLU A 49 14.06 -3.15 0.75
N THR A 50 13.87 -2.24 1.69
CA THR A 50 12.71 -2.28 2.55
C THR A 50 11.45 -1.94 1.76
N TRP A 51 11.54 -0.84 1.01
CA TRP A 51 10.42 -0.39 0.21
C TRP A 51 9.27 -0.05 1.15
N GLY A 52 8.21 0.51 0.58
CA GLY A 52 7.04 0.89 1.36
C GLY A 52 5.85 1.18 0.44
N LEU A 53 4.81 1.73 1.05
CA LEU A 53 3.60 2.05 0.30
C LEU A 53 3.47 3.58 0.18
N VAL A 54 2.80 4.00 -0.87
CA VAL A 54 2.59 5.42 -1.11
C VAL A 54 1.18 5.65 -1.64
N GLU A 55 0.39 6.36 -0.84
CA GLU A 55 -0.99 6.64 -1.21
C GLU A 55 -1.02 7.69 -2.32
N CYS A 56 -1.56 7.30 -3.46
CA CYS A 56 -1.66 8.19 -4.60
C CYS A 56 -3.09 8.72 -4.66
N HIS A 57 -3.19 9.99 -5.05
CA HIS A 57 -4.50 10.63 -5.16
C HIS A 57 -4.79 10.94 -6.63
N PRO A 58 -5.54 10.00 -7.28
CA PRO A 58 -5.89 10.17 -8.68
C PRO A 58 -7.01 11.20 -8.84
N HIS A 59 -6.74 12.40 -8.34
CA HIS A 59 -7.71 13.47 -8.43
C HIS A 59 -7.03 14.80 -8.06
N LEU A 60 -6.21 14.73 -7.01
CA LEU A 60 -5.50 15.91 -6.55
C LEU A 60 -4.05 15.84 -7.02
N ALA A 61 -3.73 14.76 -7.71
CA ALA A 61 -2.38 14.57 -8.22
C ALA A 61 -1.38 14.72 -7.07
N LEU A 62 -1.69 14.05 -5.96
CA LEU A 62 -0.83 14.12 -4.80
C LEU A 62 -0.20 12.74 -4.56
N GLU A 63 0.86 12.73 -3.78
CA GLU A 63 1.56 11.50 -3.46
C GLU A 63 2.12 11.54 -2.04
N ARG A 64 1.48 10.78 -1.17
CA ARG A 64 1.90 10.72 0.23
C ARG A 64 2.37 9.31 0.58
N GLY A 65 3.46 9.26 1.32
CA GLY A 65 4.02 7.98 1.74
C GLY A 65 3.71 7.70 3.21
N LEU A 66 3.23 6.48 3.46
CA LEU A 66 2.89 6.07 4.81
C LEU A 66 3.92 5.05 5.31
N GLU A 67 4.04 4.99 6.62
CA GLU A 67 4.98 4.07 7.24
C GLU A 67 4.51 2.63 7.05
N ASP A 68 5.22 1.72 7.69
CA ASP A 68 4.90 0.30 7.61
C ASP A 68 3.84 -0.03 8.66
N HIS A 69 4.14 0.33 9.89
CA HIS A 69 3.23 0.08 11.00
C HIS A 69 1.83 0.55 10.62
N GLU A 70 1.80 1.61 9.83
CA GLU A 70 0.53 2.18 9.40
C GLU A 70 -0.34 1.10 8.73
N SER A 71 -1.56 0.98 9.22
CA SER A 71 -2.49 0.00 8.69
C SER A 71 -3.08 0.50 7.37
N VAL A 72 -2.62 -0.11 6.28
CA VAL A 72 -3.09 0.26 4.96
C VAL A 72 -4.59 0.52 5.02
N VAL A 73 -5.30 -0.37 5.71
CA VAL A 73 -6.74 -0.25 5.84
C VAL A 73 -7.07 1.05 6.57
N GLU A 74 -6.66 1.11 7.83
CA GLU A 74 -6.90 2.28 8.64
C GLU A 74 -6.54 3.56 7.87
N VAL A 75 -5.64 3.38 6.92
CA VAL A 75 -5.20 4.51 6.10
C VAL A 75 -6.15 4.67 4.91
N GLN A 76 -6.53 3.55 4.33
CA GLN A 76 -7.42 3.55 3.20
C GLN A 76 -8.88 3.76 3.66
N ALA A 77 -9.04 3.79 4.97
CA ALA A 77 -10.35 3.98 5.55
C ALA A 77 -10.52 5.46 5.94
N ALA A 78 -9.39 6.12 6.14
CA ALA A 78 -9.40 7.53 6.51
C ALA A 78 -9.65 8.37 5.26
N TRP A 79 -9.25 7.82 4.12
CA TRP A 79 -9.43 8.51 2.85
C TRP A 79 -10.83 9.12 2.84
N PRO A 80 -10.94 10.30 2.17
CA PRO A 80 -12.22 10.98 2.07
C PRO A 80 -13.13 10.29 1.06
N VAL A 81 -14.41 10.65 1.13
CA VAL A 81 -15.40 10.07 0.23
C VAL A 81 -15.38 10.82 -1.09
N GLY A 82 -14.84 10.14 -2.11
CA GLY A 82 -14.76 10.73 -3.44
C GLY A 82 -13.39 10.45 -4.07
N GLY A 83 -12.35 10.79 -3.34
CA GLY A 83 -10.99 10.58 -3.82
C GLY A 83 -10.65 9.10 -3.85
N ASP A 84 -10.66 8.54 -5.04
CA ASP A 84 -10.35 7.12 -5.22
C ASP A 84 -8.85 6.92 -5.09
N SER A 85 -8.32 7.28 -3.93
CA SER A 85 -6.90 7.14 -3.68
C SER A 85 -6.49 5.67 -3.77
N ARG A 86 -5.24 5.46 -4.11
CA ARG A 86 -4.71 4.10 -4.25
C ARG A 86 -3.33 4.02 -3.61
N PHE A 87 -2.79 2.80 -3.60
CA PHE A 87 -1.49 2.56 -3.02
C PHE A 87 -0.45 2.24 -4.11
N VAL A 88 0.50 3.15 -4.27
CA VAL A 88 1.54 2.98 -5.27
C VAL A 88 2.81 2.49 -4.59
N PHE A 89 3.37 1.42 -5.15
CA PHE A 89 4.59 0.84 -4.60
C PHE A 89 5.82 1.44 -5.27
N ARG A 90 6.61 2.14 -4.46
CA ARG A 90 7.82 2.77 -4.95
C ARG A 90 8.91 2.74 -3.88
N LYS A 91 10.15 2.91 -4.34
CA LYS A 91 11.28 2.89 -3.44
C LYS A 91 11.85 4.31 -3.30
N ASN A 92 11.57 5.12 -4.31
CA ASN A 92 12.03 6.50 -4.31
C ASN A 92 10.83 7.44 -4.46
N PHE A 93 10.12 7.61 -3.35
CA PHE A 93 8.96 8.48 -3.34
C PHE A 93 9.26 9.81 -2.65
N ALA A 94 8.96 10.89 -3.35
CA ALA A 94 9.21 12.22 -2.83
C ALA A 94 8.38 13.24 -3.62
N SER A 95 8.42 13.08 -4.94
CA SER A 95 7.69 13.97 -5.81
C SER A 95 7.18 13.20 -7.04
N GLY A 96 6.06 12.54 -6.87
CA GLY A 96 5.46 11.77 -7.94
C GLY A 96 5.39 12.59 -9.23
N PRO A 97 4.91 11.93 -10.31
CA PRO A 97 4.78 12.57 -11.60
C PRO A 97 3.59 13.54 -11.62
N SER A 98 3.88 14.80 -11.36
CA SER A 98 2.85 15.82 -11.35
C SER A 98 2.97 16.71 -12.58
N SER A 99 4.15 17.28 -12.75
CA SER A 99 4.41 18.15 -13.88
C SER A 99 3.48 19.36 -13.83
N GLY A 100 4.07 20.50 -13.49
CA GLY A 100 3.31 21.73 -13.40
C GLY A 100 3.49 22.58 -14.66
N GLY A 1 -12.60 -12.34 6.88
CA GLY A 1 -12.50 -12.44 8.32
C GLY A 1 -13.87 -12.71 8.95
N SER A 2 -13.91 -12.65 10.28
CA SER A 2 -15.15 -12.89 11.00
C SER A 2 -15.77 -11.55 11.41
N SER A 3 -16.92 -11.28 10.82
CA SER A 3 -17.64 -10.05 11.11
C SER A 3 -19.14 -10.27 11.00
N GLY A 4 -19.75 -10.53 12.15
CA GLY A 4 -21.18 -10.76 12.20
C GLY A 4 -21.58 -11.97 11.33
N SER A 5 -22.45 -11.71 10.37
CA SER A 5 -22.91 -12.75 9.47
C SER A 5 -22.04 -12.77 8.22
N SER A 6 -21.06 -13.66 8.24
CA SER A 6 -20.15 -13.81 7.11
C SER A 6 -19.26 -12.57 7.00
N GLY A 7 -18.02 -12.81 6.59
CA GLY A 7 -17.05 -11.73 6.44
C GLY A 7 -16.23 -11.91 5.17
N ARG A 8 -15.68 -10.80 4.70
CA ARG A 8 -14.86 -10.81 3.49
C ARG A 8 -13.52 -10.13 3.76
N PRO A 9 -12.47 -10.62 3.04
CA PRO A 9 -11.13 -10.07 3.19
C PRO A 9 -11.03 -8.71 2.48
N HIS A 10 -9.89 -8.07 2.68
CA HIS A 10 -9.65 -6.77 2.07
C HIS A 10 -8.65 -6.92 0.93
N VAL A 11 -9.17 -6.80 -0.28
CA VAL A 11 -8.34 -6.93 -1.47
C VAL A 11 -7.77 -5.55 -1.84
N VAL A 12 -6.58 -5.28 -1.33
CA VAL A 12 -5.92 -4.01 -1.60
C VAL A 12 -5.32 -4.03 -3.01
N LYS A 13 -5.62 -2.99 -3.77
CA LYS A 13 -5.12 -2.88 -5.12
C LYS A 13 -3.98 -1.85 -5.17
N VAL A 14 -2.77 -2.37 -5.27
CA VAL A 14 -1.59 -1.50 -5.31
C VAL A 14 -1.13 -1.36 -6.77
N TYR A 15 -0.86 -0.12 -7.15
CA TYR A 15 -0.41 0.16 -8.50
C TYR A 15 1.10 0.41 -8.54
N SER A 16 1.71 0.00 -9.64
CA SER A 16 3.14 0.16 -9.82
C SER A 16 3.42 1.32 -10.79
N GLU A 17 4.50 2.03 -10.51
CA GLU A 17 4.89 3.15 -11.34
C GLU A 17 4.67 2.82 -12.82
N ASP A 18 5.24 1.70 -13.24
CA ASP A 18 5.11 1.26 -14.61
C ASP A 18 3.65 1.36 -15.04
N GLY A 19 2.77 0.88 -14.18
CA GLY A 19 1.35 0.93 -14.45
C GLY A 19 0.67 -0.39 -14.04
N ALA A 20 1.46 -1.46 -14.07
CA ALA A 20 0.96 -2.76 -13.70
C ALA A 20 0.19 -2.66 -12.39
N CYS A 21 -1.05 -3.14 -12.41
CA CYS A 21 -1.89 -3.12 -11.23
C CYS A 21 -1.86 -4.50 -10.58
N ARG A 22 -1.59 -4.50 -9.28
CA ARG A 22 -1.53 -5.74 -8.54
C ARG A 22 -2.22 -5.58 -7.18
N SER A 23 -2.84 -6.67 -6.73
CA SER A 23 -3.55 -6.66 -5.46
C SER A 23 -3.12 -7.87 -4.63
N VAL A 24 -3.37 -7.77 -3.32
CA VAL A 24 -3.02 -8.83 -2.41
C VAL A 24 -4.16 -9.03 -1.41
N GLU A 25 -4.27 -10.27 -0.94
CA GLU A 25 -5.31 -10.61 0.02
C GLU A 25 -4.83 -10.36 1.44
N VAL A 26 -5.45 -9.38 2.08
CA VAL A 26 -5.09 -9.02 3.44
C VAL A 26 -6.37 -8.90 4.29
N ALA A 27 -6.17 -8.64 5.57
CA ALA A 27 -7.29 -8.50 6.49
C ALA A 27 -6.97 -7.41 7.51
N ALA A 28 -8.04 -6.81 8.03
CA ALA A 28 -7.88 -5.74 9.02
C ALA A 28 -6.82 -6.14 10.03
N GLY A 29 -5.61 -5.66 9.79
CA GLY A 29 -4.48 -5.95 10.68
C GLY A 29 -3.15 -5.69 9.98
N ALA A 30 -3.01 -6.28 8.80
CA ALA A 30 -1.79 -6.11 8.03
C ALA A 30 -1.48 -4.62 7.89
N THR A 31 -0.19 -4.34 7.68
CA THR A 31 0.26 -2.96 7.53
C THR A 31 0.91 -2.77 6.17
N ALA A 32 1.33 -1.53 5.91
CA ALA A 32 1.96 -1.19 4.66
C ALA A 32 3.19 -2.09 4.47
N ARG A 33 3.68 -2.63 5.57
CA ARG A 33 4.84 -3.49 5.55
C ARG A 33 4.45 -4.88 5.03
N HIS A 34 3.33 -5.38 5.53
CA HIS A 34 2.84 -6.69 5.13
C HIS A 34 2.78 -6.76 3.60
N VAL A 35 2.03 -5.84 3.02
CA VAL A 35 1.88 -5.79 1.57
C VAL A 35 3.27 -5.69 0.93
N CYS A 36 4.03 -4.72 1.39
CA CYS A 36 5.38 -4.51 0.87
C CYS A 36 6.10 -5.86 0.84
N GLU A 37 5.87 -6.63 1.89
CA GLU A 37 6.49 -7.95 1.99
C GLU A 37 5.78 -8.94 1.08
N MET A 38 4.46 -8.87 1.10
CA MET A 38 3.66 -9.76 0.27
C MET A 38 3.92 -9.51 -1.21
N LEU A 39 4.39 -8.31 -1.51
CA LEU A 39 4.67 -7.94 -2.88
C LEU A 39 6.11 -8.35 -3.23
N VAL A 40 7.05 -7.78 -2.48
CA VAL A 40 8.45 -8.07 -2.69
C VAL A 40 8.64 -9.59 -2.81
N GLN A 41 8.03 -10.30 -1.86
CA GLN A 41 8.12 -11.75 -1.83
C GLN A 41 9.57 -12.19 -1.62
N ARG A 42 10.00 -12.14 -0.37
CA ARG A 42 11.36 -12.53 -0.03
C ARG A 42 11.41 -13.10 1.40
N ALA A 43 10.96 -12.29 2.34
CA ALA A 43 10.94 -12.70 3.73
C ALA A 43 12.34 -12.51 4.33
N HIS A 44 12.37 -11.89 5.50
CA HIS A 44 13.61 -11.64 6.20
C HIS A 44 14.51 -10.75 5.33
N ALA A 45 13.97 -9.56 5.00
CA ALA A 45 14.71 -8.61 4.19
C ALA A 45 15.18 -7.45 5.07
N LEU A 46 15.95 -7.80 6.08
CA LEU A 46 16.48 -6.80 7.00
C LEU A 46 17.58 -6.00 6.30
N SER A 47 17.38 -4.69 6.27
CA SER A 47 18.34 -3.80 5.63
C SER A 47 18.69 -4.32 4.24
N ASP A 48 18.03 -3.75 3.24
CA ASP A 48 18.25 -4.15 1.87
C ASP A 48 17.28 -3.40 0.96
N GLU A 49 16.06 -3.90 0.90
CA GLU A 49 15.03 -3.30 0.07
C GLU A 49 13.74 -3.11 0.89
N THR A 50 13.86 -2.36 1.96
CA THR A 50 12.72 -2.09 2.82
C THR A 50 11.47 -1.86 1.98
N TRP A 51 11.52 -0.82 1.17
CA TRP A 51 10.39 -0.47 0.31
C TRP A 51 9.22 -0.06 1.21
N GLY A 52 8.26 0.63 0.61
CA GLY A 52 7.09 1.08 1.33
C GLY A 52 5.92 1.33 0.38
N LEU A 53 4.82 1.79 0.96
CA LEU A 53 3.62 2.06 0.19
C LEU A 53 3.45 3.58 0.04
N VAL A 54 2.83 3.98 -1.06
CA VAL A 54 2.61 5.38 -1.33
C VAL A 54 1.17 5.57 -1.84
N GLU A 55 0.37 6.25 -1.04
CA GLU A 55 -1.01 6.51 -1.39
C GLU A 55 -1.09 7.58 -2.49
N CYS A 56 -1.89 7.29 -3.50
CA CYS A 56 -2.06 8.20 -4.61
C CYS A 56 -3.51 8.71 -4.61
N HIS A 57 -3.65 9.98 -4.94
CA HIS A 57 -4.97 10.59 -4.98
C HIS A 57 -5.31 10.98 -6.41
N PRO A 58 -6.03 10.07 -7.11
CA PRO A 58 -6.42 10.31 -8.49
C PRO A 58 -7.58 11.31 -8.56
N HIS A 59 -7.35 12.46 -7.97
CA HIS A 59 -8.36 13.51 -7.95
C HIS A 59 -7.74 14.82 -7.47
N LEU A 60 -6.91 14.70 -6.45
CA LEU A 60 -6.24 15.86 -5.88
C LEU A 60 -4.80 15.91 -6.38
N ALA A 61 -4.43 14.89 -7.15
CA ALA A 61 -3.09 14.80 -7.69
C ALA A 61 -2.07 14.96 -6.55
N LEU A 62 -2.29 14.18 -5.50
CA LEU A 62 -1.40 14.22 -4.35
C LEU A 62 -0.68 12.88 -4.21
N GLU A 63 0.44 12.91 -3.51
CA GLU A 63 1.23 11.71 -3.30
C GLU A 63 1.86 11.73 -1.90
N ARG A 64 1.32 10.88 -1.04
CA ARG A 64 1.83 10.79 0.33
C ARG A 64 2.35 9.37 0.61
N GLY A 65 3.42 9.32 1.38
CA GLY A 65 4.01 8.03 1.72
C GLY A 65 3.73 7.68 3.18
N LEU A 66 3.43 6.41 3.41
CA LEU A 66 3.14 5.93 4.75
C LEU A 66 4.21 4.92 5.16
N GLU A 67 4.45 4.87 6.47
CA GLU A 67 5.44 3.96 7.01
C GLU A 67 4.90 2.52 7.01
N ASP A 68 5.68 1.63 7.60
CA ASP A 68 5.30 0.24 7.67
C ASP A 68 4.17 0.07 8.70
N HIS A 69 4.44 0.55 9.91
CA HIS A 69 3.46 0.48 10.98
C HIS A 69 2.10 0.96 10.48
N GLU A 70 2.15 1.93 9.58
CA GLU A 70 0.93 2.48 9.01
C GLU A 70 0.08 1.36 8.38
N SER A 71 -1.17 1.29 8.81
CA SER A 71 -2.08 0.29 8.29
C SER A 71 -2.70 0.77 6.98
N VAL A 72 -2.57 -0.07 5.96
CA VAL A 72 -3.10 0.26 4.64
C VAL A 72 -4.62 0.48 4.76
N VAL A 73 -5.24 -0.35 5.59
CA VAL A 73 -6.67 -0.25 5.81
C VAL A 73 -6.99 1.06 6.55
N GLU A 74 -6.45 1.16 7.76
CA GLU A 74 -6.67 2.35 8.57
C GLU A 74 -6.40 3.61 7.75
N VAL A 75 -5.40 3.52 6.89
CA VAL A 75 -5.04 4.65 6.04
C VAL A 75 -5.99 4.70 4.85
N GLN A 76 -6.38 3.53 4.39
CA GLN A 76 -7.28 3.43 3.25
C GLN A 76 -8.68 3.93 3.64
N ALA A 77 -9.04 3.67 4.89
CA ALA A 77 -10.34 4.09 5.39
C ALA A 77 -10.34 5.60 5.61
N ALA A 78 -9.16 6.11 5.91
CA ALA A 78 -9.01 7.55 6.14
C ALA A 78 -9.30 8.30 4.85
N TRP A 79 -8.93 7.68 3.75
CA TRP A 79 -9.14 8.28 2.44
C TRP A 79 -10.60 8.73 2.35
N PRO A 80 -10.82 9.80 1.54
CA PRO A 80 -12.17 10.33 1.37
C PRO A 80 -13.00 9.43 0.47
N VAL A 81 -14.31 9.65 0.51
CA VAL A 81 -15.23 8.87 -0.30
C VAL A 81 -15.57 9.64 -1.57
N GLY A 82 -15.21 9.04 -2.70
CA GLY A 82 -15.47 9.67 -3.99
C GLY A 82 -14.32 9.39 -4.97
N GLY A 83 -13.15 9.90 -4.62
CA GLY A 83 -11.97 9.73 -5.45
C GLY A 83 -11.62 8.25 -5.59
N ASP A 84 -10.77 7.96 -6.55
CA ASP A 84 -10.34 6.59 -6.80
C ASP A 84 -9.01 6.35 -6.09
N SER A 85 -8.93 6.85 -4.87
CA SER A 85 -7.72 6.69 -4.06
C SER A 85 -7.15 5.29 -4.25
N ARG A 86 -5.84 5.19 -4.08
CA ARG A 86 -5.17 3.91 -4.22
C ARG A 86 -3.74 3.99 -3.66
N PHE A 87 -3.08 2.85 -3.64
CA PHE A 87 -1.72 2.78 -3.13
C PHE A 87 -0.72 2.61 -4.28
N VAL A 88 0.54 2.87 -3.96
CA VAL A 88 1.61 2.73 -4.95
C VAL A 88 2.82 2.06 -4.30
N PHE A 89 3.58 1.38 -5.13
CA PHE A 89 4.78 0.69 -4.66
C PHE A 89 6.03 1.27 -5.28
N ARG A 90 6.86 1.87 -4.44
CA ARG A 90 8.11 2.47 -4.90
C ARG A 90 9.17 2.40 -3.80
N LYS A 91 10.41 2.54 -4.22
CA LYS A 91 11.53 2.49 -3.29
C LYS A 91 12.15 3.89 -3.17
N ASN A 92 11.90 4.70 -4.19
CA ASN A 92 12.42 6.05 -4.22
C ASN A 92 11.26 7.04 -4.40
N PHE A 93 10.57 7.30 -3.30
CA PHE A 93 9.45 8.22 -3.32
C PHE A 93 9.77 9.50 -2.55
N ALA A 94 9.36 10.62 -3.13
CA ALA A 94 9.59 11.91 -2.51
C ALA A 94 11.08 12.26 -2.61
N SER A 95 11.57 12.30 -3.84
CA SER A 95 12.96 12.61 -4.08
C SER A 95 13.09 13.46 -5.35
N GLY A 96 12.66 12.88 -6.46
CA GLY A 96 12.72 13.57 -7.74
C GLY A 96 11.83 12.89 -8.77
N PRO A 97 11.70 13.54 -9.96
CA PRO A 97 10.89 13.01 -11.03
C PRO A 97 11.59 11.82 -11.71
N SER A 98 10.84 10.73 -11.82
CA SER A 98 11.37 9.54 -12.46
C SER A 98 12.63 9.06 -11.72
N SER A 99 12.93 7.78 -11.87
CA SER A 99 14.09 7.20 -11.23
C SER A 99 15.17 6.89 -12.27
N GLY A 100 14.78 6.06 -13.24
CA GLY A 100 15.70 5.67 -14.30
C GLY A 100 15.37 6.40 -15.60
N GLY A 1 -13.39 -22.72 1.74
CA GLY A 1 -14.16 -22.22 2.87
C GLY A 1 -15.57 -21.81 2.43
N SER A 2 -16.55 -22.50 2.99
CA SER A 2 -17.94 -22.21 2.67
C SER A 2 -18.85 -22.67 3.81
N SER A 3 -19.20 -21.70 4.65
CA SER A 3 -20.07 -21.98 5.79
C SER A 3 -20.75 -20.69 6.26
N GLY A 4 -19.93 -19.71 6.59
CA GLY A 4 -20.44 -18.43 7.06
C GLY A 4 -19.31 -17.60 7.68
N SER A 5 -18.67 -16.81 6.83
CA SER A 5 -17.58 -15.96 7.28
C SER A 5 -17.88 -14.49 6.94
N SER A 6 -18.37 -13.78 7.94
CA SER A 6 -18.71 -12.38 7.76
C SER A 6 -17.49 -11.50 8.05
N GLY A 7 -16.59 -11.47 7.07
CA GLY A 7 -15.37 -10.67 7.20
C GLY A 7 -14.36 -11.03 6.12
N ARG A 8 -14.70 -10.66 4.89
CA ARG A 8 -13.83 -10.94 3.75
C ARG A 8 -12.55 -10.10 3.85
N PRO A 9 -11.50 -10.59 3.15
CA PRO A 9 -10.22 -9.90 3.14
C PRO A 9 -10.28 -8.66 2.26
N HIS A 10 -9.15 -7.95 2.22
CA HIS A 10 -9.06 -6.74 1.41
C HIS A 10 -8.12 -6.98 0.24
N VAL A 11 -8.64 -6.75 -0.96
CA VAL A 11 -7.86 -6.93 -2.17
C VAL A 11 -7.11 -5.64 -2.49
N VAL A 12 -6.59 -5.01 -1.44
CA VAL A 12 -5.85 -3.78 -1.59
C VAL A 12 -5.17 -3.76 -2.96
N LYS A 13 -5.50 -2.75 -3.74
CA LYS A 13 -4.92 -2.61 -5.07
C LYS A 13 -3.68 -1.72 -4.99
N VAL A 14 -2.53 -2.35 -5.20
CA VAL A 14 -1.27 -1.63 -5.17
C VAL A 14 -0.79 -1.37 -6.59
N TYR A 15 -1.12 -0.20 -7.10
CA TYR A 15 -0.74 0.19 -8.44
C TYR A 15 0.78 0.35 -8.54
N SER A 16 1.30 0.02 -9.71
CA SER A 16 2.73 0.12 -9.96
C SER A 16 3.00 1.15 -11.05
N GLU A 17 4.11 1.86 -10.90
CA GLU A 17 4.49 2.88 -11.86
C GLU A 17 4.25 2.37 -13.29
N ASP A 18 4.60 1.11 -13.50
CA ASP A 18 4.43 0.50 -14.81
C ASP A 18 2.96 0.60 -15.23
N GLY A 19 2.09 0.29 -14.28
CA GLY A 19 0.66 0.34 -14.54
C GLY A 19 0.01 -1.01 -14.30
N ALA A 20 0.86 -2.03 -14.18
CA ALA A 20 0.38 -3.38 -13.96
C ALA A 20 -0.62 -3.37 -12.80
N CYS A 21 -0.13 -2.94 -11.64
CA CYS A 21 -0.97 -2.88 -10.46
C CYS A 21 -1.29 -4.31 -10.02
N ARG A 22 -1.05 -4.58 -8.75
CA ARG A 22 -1.31 -5.89 -8.20
C ARG A 22 -2.31 -5.80 -7.04
N SER A 23 -2.83 -6.95 -6.66
CA SER A 23 -3.80 -7.01 -5.57
C SER A 23 -3.42 -8.13 -4.60
N VAL A 24 -3.48 -7.81 -3.31
CA VAL A 24 -3.15 -8.78 -2.28
C VAL A 24 -4.32 -8.89 -1.30
N GLU A 25 -4.68 -10.12 -1.01
CA GLU A 25 -5.78 -10.38 -0.10
C GLU A 25 -5.28 -10.38 1.36
N VAL A 26 -5.57 -9.29 2.04
CA VAL A 26 -5.15 -9.15 3.42
C VAL A 26 -6.38 -9.12 4.33
N ALA A 27 -6.18 -9.48 5.58
CA ALA A 27 -7.26 -9.50 6.55
C ALA A 27 -7.51 -8.07 7.06
N ALA A 28 -6.75 -7.14 6.50
CA ALA A 28 -6.89 -5.74 6.87
C ALA A 28 -5.96 -5.45 8.07
N GLY A 29 -5.88 -6.42 8.96
CA GLY A 29 -5.03 -6.28 10.14
C GLY A 29 -3.58 -6.03 9.74
N ALA A 30 -3.25 -6.44 8.53
CA ALA A 30 -1.90 -6.28 8.02
C ALA A 30 -1.57 -4.78 7.93
N THR A 31 -0.33 -4.49 7.57
CA THR A 31 0.11 -3.12 7.45
C THR A 31 0.74 -2.88 6.07
N ALA A 32 1.37 -1.73 5.93
CA ALA A 32 2.02 -1.37 4.69
C ALA A 32 3.22 -2.29 4.45
N ARG A 33 3.82 -2.70 5.55
CA ARG A 33 4.97 -3.59 5.48
C ARG A 33 4.57 -4.96 4.93
N HIS A 34 3.48 -5.48 5.49
CA HIS A 34 2.98 -6.78 5.06
C HIS A 34 2.89 -6.82 3.54
N VAL A 35 2.06 -5.94 3.00
CA VAL A 35 1.87 -5.86 1.56
C VAL A 35 3.25 -5.85 0.88
N CYS A 36 4.11 -4.98 1.37
CA CYS A 36 5.45 -4.85 0.83
C CYS A 36 6.09 -6.24 0.82
N GLU A 37 6.14 -6.85 1.99
CA GLU A 37 6.72 -8.17 2.13
C GLU A 37 6.04 -9.16 1.18
N MET A 38 4.71 -9.10 1.17
CA MET A 38 3.93 -9.97 0.31
C MET A 38 4.26 -9.73 -1.17
N LEU A 39 4.07 -8.49 -1.59
CA LEU A 39 4.34 -8.12 -2.97
C LEU A 39 5.79 -8.47 -3.31
N VAL A 40 6.70 -8.00 -2.48
CA VAL A 40 8.11 -8.26 -2.68
C VAL A 40 8.35 -9.77 -2.70
N GLN A 41 7.95 -10.41 -1.61
CA GLN A 41 8.11 -11.85 -1.49
C GLN A 41 9.43 -12.29 -2.12
N ARG A 42 10.52 -11.72 -1.61
CA ARG A 42 11.84 -12.04 -2.11
C ARG A 42 12.87 -11.96 -0.98
N ALA A 43 13.62 -13.05 -0.83
CA ALA A 43 14.63 -13.11 0.21
C ALA A 43 15.42 -11.79 0.23
N HIS A 44 16.03 -11.48 -0.89
CA HIS A 44 16.81 -10.26 -1.01
C HIS A 44 15.89 -9.04 -0.83
N ALA A 45 15.87 -8.53 0.39
CA ALA A 45 15.03 -7.38 0.70
C ALA A 45 15.47 -6.80 2.05
N LEU A 46 14.82 -5.70 2.43
CA LEU A 46 15.13 -5.05 3.69
C LEU A 46 16.51 -4.39 3.59
N SER A 47 17.53 -5.24 3.61
CA SER A 47 18.90 -4.75 3.53
C SER A 47 19.07 -3.86 2.29
N ASP A 48 19.25 -2.58 2.54
CA ASP A 48 19.42 -1.62 1.46
C ASP A 48 18.19 -1.66 0.54
N GLU A 49 18.08 -0.62 -0.27
CA GLU A 49 16.96 -0.53 -1.20
C GLU A 49 15.63 -0.68 -0.44
N THR A 50 15.42 0.24 0.49
CA THR A 50 14.20 0.23 1.27
C THR A 50 12.97 0.19 0.37
N TRP A 51 11.81 0.15 1.00
CA TRP A 51 10.55 0.11 0.25
C TRP A 51 9.46 0.67 1.16
N GLY A 52 8.25 0.73 0.60
CA GLY A 52 7.11 1.23 1.35
C GLY A 52 5.92 1.47 0.43
N LEU A 53 4.80 1.84 1.04
CA LEU A 53 3.59 2.11 0.28
C LEU A 53 3.43 3.63 0.10
N VAL A 54 2.78 3.99 -0.99
CA VAL A 54 2.55 5.40 -1.30
C VAL A 54 1.12 5.59 -1.79
N GLU A 55 0.34 6.30 -1.00
CA GLU A 55 -1.04 6.56 -1.35
C GLU A 55 -1.14 7.66 -2.40
N CYS A 56 -1.84 7.34 -3.48
CA CYS A 56 -2.00 8.29 -4.58
C CYS A 56 -3.45 8.76 -4.58
N HIS A 57 -3.63 10.02 -4.93
CA HIS A 57 -4.97 10.60 -4.99
C HIS A 57 -5.30 11.00 -6.43
N PRO A 58 -5.95 10.06 -7.15
CA PRO A 58 -6.33 10.29 -8.54
C PRO A 58 -7.52 11.25 -8.61
N HIS A 59 -7.36 12.42 -8.00
CA HIS A 59 -8.40 13.42 -8.00
C HIS A 59 -7.84 14.76 -7.53
N LEU A 60 -7.01 14.68 -6.50
CA LEU A 60 -6.39 15.88 -5.96
C LEU A 60 -4.95 15.98 -6.45
N ALA A 61 -4.55 14.97 -7.21
CA ALA A 61 -3.20 14.93 -7.76
C ALA A 61 -2.19 15.07 -6.62
N LEU A 62 -2.38 14.26 -5.60
CA LEU A 62 -1.50 14.28 -4.44
C LEU A 62 -0.81 12.92 -4.31
N GLU A 63 0.30 12.93 -3.58
CA GLU A 63 1.06 11.70 -3.36
C GLU A 63 1.68 11.72 -1.97
N ARG A 64 1.12 10.88 -1.11
CA ARG A 64 1.61 10.78 0.26
C ARG A 64 2.15 9.37 0.53
N GLY A 65 3.16 9.31 1.38
CA GLY A 65 3.77 8.03 1.73
C GLY A 65 3.48 7.67 3.18
N LEU A 66 3.03 6.44 3.37
CA LEU A 66 2.71 5.96 4.71
C LEU A 66 3.79 4.96 5.16
N GLU A 67 3.93 4.84 6.47
CA GLU A 67 4.92 3.94 7.03
C GLU A 67 4.38 2.51 7.03
N ASP A 68 5.26 1.58 7.39
CA ASP A 68 4.89 0.17 7.43
C ASP A 68 3.83 -0.04 8.51
N HIS A 69 4.20 0.30 9.74
CA HIS A 69 3.29 0.15 10.86
C HIS A 69 1.88 0.58 10.44
N GLU A 70 1.82 1.70 9.74
CA GLU A 70 0.55 2.23 9.27
C GLU A 70 -0.25 1.13 8.57
N SER A 71 -1.49 0.97 9.00
CA SER A 71 -2.36 -0.03 8.43
C SER A 71 -2.95 0.48 7.10
N VAL A 72 -2.59 -0.22 6.03
CA VAL A 72 -3.07 0.17 4.71
C VAL A 72 -4.56 0.50 4.79
N VAL A 73 -5.29 -0.35 5.50
CA VAL A 73 -6.72 -0.16 5.65
C VAL A 73 -6.97 1.12 6.46
N GLU A 74 -6.52 1.10 7.70
CA GLU A 74 -6.68 2.25 8.58
C GLU A 74 -6.29 3.54 7.85
N VAL A 75 -5.43 3.37 6.85
CA VAL A 75 -4.97 4.51 6.08
C VAL A 75 -5.92 4.75 4.91
N GLN A 76 -6.31 3.66 4.26
CA GLN A 76 -7.21 3.74 3.13
C GLN A 76 -8.64 3.99 3.62
N ALA A 77 -8.79 3.99 4.94
CA ALA A 77 -10.09 4.21 5.54
C ALA A 77 -10.28 5.72 5.79
N ALA A 78 -9.16 6.41 5.89
CA ALA A 78 -9.18 7.84 6.13
C ALA A 78 -9.60 8.57 4.85
N TRP A 79 -9.23 7.95 3.72
CA TRP A 79 -9.56 8.53 2.43
C TRP A 79 -11.03 8.96 2.46
N PRO A 80 -11.29 10.16 1.88
CA PRO A 80 -12.63 10.70 1.83
C PRO A 80 -13.47 9.97 0.78
N VAL A 81 -14.73 10.39 0.69
CA VAL A 81 -15.65 9.79 -0.26
C VAL A 81 -15.51 10.49 -1.61
N GLY A 82 -15.69 9.72 -2.67
CA GLY A 82 -15.58 10.26 -4.02
C GLY A 82 -14.19 10.00 -4.61
N GLY A 83 -13.18 10.42 -3.87
CA GLY A 83 -11.81 10.23 -4.30
C GLY A 83 -11.47 8.75 -4.43
N ASP A 84 -11.06 8.38 -5.64
CA ASP A 84 -10.70 7.00 -5.91
C ASP A 84 -9.25 6.77 -5.50
N SER A 85 -8.95 7.14 -4.27
CA SER A 85 -7.61 6.97 -3.73
C SER A 85 -7.11 5.55 -4.00
N ARG A 86 -5.80 5.40 -3.93
CA ARG A 86 -5.18 4.10 -4.17
C ARG A 86 -3.74 4.09 -3.64
N PHE A 87 -3.16 2.90 -3.63
CA PHE A 87 -1.78 2.75 -3.17
C PHE A 87 -0.83 2.55 -4.35
N VAL A 88 0.41 2.96 -4.14
CA VAL A 88 1.43 2.84 -5.17
C VAL A 88 2.72 2.32 -4.54
N PHE A 89 3.25 1.27 -5.14
CA PHE A 89 4.48 0.66 -4.66
C PHE A 89 5.70 1.28 -5.34
N ARG A 90 6.55 1.90 -4.53
CA ARG A 90 7.76 2.54 -5.04
C ARG A 90 8.85 2.52 -3.98
N LYS A 91 10.08 2.31 -4.45
CA LYS A 91 11.22 2.27 -3.55
C LYS A 91 11.95 3.63 -3.60
N ASN A 92 12.89 3.78 -2.69
CA ASN A 92 13.66 5.02 -2.61
C ASN A 92 12.72 6.20 -2.79
N PHE A 93 11.48 6.00 -2.38
CA PHE A 93 10.47 7.05 -2.47
C PHE A 93 10.60 8.04 -1.32
N ALA A 94 10.60 9.32 -1.67
CA ALA A 94 10.72 10.37 -0.69
C ALA A 94 10.17 11.68 -1.27
N SER A 95 10.95 12.26 -2.16
CA SER A 95 10.56 13.51 -2.79
C SER A 95 10.72 13.40 -4.30
N GLY A 96 9.66 12.93 -4.95
CA GLY A 96 9.66 12.77 -6.39
C GLY A 96 9.69 14.13 -7.09
N PRO A 97 10.37 14.16 -8.27
CA PRO A 97 10.48 15.38 -9.05
C PRO A 97 9.16 15.68 -9.76
N SER A 98 8.10 15.77 -8.97
CA SER A 98 6.78 16.07 -9.52
C SER A 98 6.33 14.93 -10.44
N SER A 99 5.06 14.97 -10.80
CA SER A 99 4.50 13.95 -11.68
C SER A 99 4.53 12.59 -10.99
N GLY A 100 3.83 11.64 -11.58
CA GLY A 100 3.76 10.29 -11.04
C GLY A 100 3.01 10.28 -9.70
N GLY A 1 -8.49 -22.80 5.10
CA GLY A 1 -8.24 -22.07 6.33
C GLY A 1 -9.56 -21.62 6.97
N SER A 2 -10.06 -20.49 6.51
CA SER A 2 -11.30 -19.94 7.01
C SER A 2 -11.97 -19.07 5.95
N SER A 3 -13.29 -19.11 5.96
CA SER A 3 -14.08 -18.34 5.00
C SER A 3 -15.57 -18.50 5.30
N GLY A 4 -16.15 -17.42 5.81
CA GLY A 4 -17.57 -17.42 6.14
C GLY A 4 -18.16 -16.03 5.99
N SER A 5 -19.34 -15.85 6.58
CA SER A 5 -20.02 -14.57 6.51
C SER A 5 -19.79 -13.79 7.81
N SER A 6 -18.82 -12.91 7.77
CA SER A 6 -18.49 -12.10 8.93
C SER A 6 -17.68 -10.87 8.50
N GLY A 7 -16.52 -11.14 7.91
CA GLY A 7 -15.66 -10.07 7.45
C GLY A 7 -14.81 -10.53 6.27
N ARG A 8 -15.10 -9.95 5.11
CA ARG A 8 -14.37 -10.29 3.90
C ARG A 8 -12.96 -9.70 3.94
N PRO A 9 -12.06 -10.29 3.12
CA PRO A 9 -10.69 -9.84 3.05
C PRO A 9 -10.57 -8.53 2.27
N HIS A 10 -9.36 -8.00 2.24
CA HIS A 10 -9.11 -6.76 1.53
C HIS A 10 -8.22 -7.03 0.31
N VAL A 11 -8.78 -6.77 -0.86
CA VAL A 11 -8.05 -6.99 -2.10
C VAL A 11 -7.30 -5.70 -2.47
N VAL A 12 -6.83 -5.01 -1.44
CA VAL A 12 -6.10 -3.77 -1.65
C VAL A 12 -5.32 -3.85 -2.96
N LYS A 13 -5.47 -2.81 -3.76
CA LYS A 13 -4.79 -2.74 -5.04
C LYS A 13 -3.55 -1.86 -4.93
N VAL A 14 -2.43 -2.40 -5.37
CA VAL A 14 -1.17 -1.68 -5.32
C VAL A 14 -0.62 -1.50 -6.74
N TYR A 15 -0.78 -0.29 -7.25
CA TYR A 15 -0.31 0.02 -8.59
C TYR A 15 1.20 0.29 -8.60
N SER A 16 1.85 -0.14 -9.68
CA SER A 16 3.27 0.05 -9.81
C SER A 16 3.56 1.18 -10.79
N GLU A 17 4.68 1.85 -10.57
CA GLU A 17 5.08 2.97 -11.41
C GLU A 17 4.87 2.61 -12.89
N ASP A 18 5.31 1.40 -13.23
CA ASP A 18 5.16 0.93 -14.60
C ASP A 18 3.70 1.01 -15.03
N GLY A 19 2.83 0.58 -14.12
CA GLY A 19 1.40 0.60 -14.38
C GLY A 19 0.75 -0.71 -13.94
N ALA A 20 1.54 -1.77 -13.95
CA ALA A 20 1.05 -3.08 -13.55
C ALA A 20 0.38 -2.97 -12.19
N CYS A 21 -0.91 -3.25 -12.17
CA CYS A 21 -1.68 -3.19 -10.94
C CYS A 21 -1.78 -4.61 -10.37
N ARG A 22 -1.80 -4.68 -9.05
CA ARG A 22 -1.89 -5.96 -8.37
C ARG A 22 -2.66 -5.81 -7.05
N SER A 23 -3.37 -6.87 -6.69
CA SER A 23 -4.15 -6.86 -5.46
C SER A 23 -3.60 -7.91 -4.49
N VAL A 24 -3.72 -7.60 -3.21
CA VAL A 24 -3.24 -8.50 -2.18
C VAL A 24 -4.32 -8.67 -1.11
N GLU A 25 -4.63 -9.93 -0.81
CA GLU A 25 -5.63 -10.23 0.19
C GLU A 25 -5.06 -10.06 1.59
N VAL A 26 -5.57 -9.06 2.28
CA VAL A 26 -5.12 -8.76 3.64
C VAL A 26 -6.33 -8.45 4.52
N ALA A 27 -6.21 -8.81 5.79
CA ALA A 27 -7.28 -8.57 6.73
C ALA A 27 -7.05 -7.23 7.44
N ALA A 28 -8.05 -6.83 8.21
CA ALA A 28 -7.96 -5.57 8.93
C ALA A 28 -6.92 -5.70 10.05
N GLY A 29 -5.68 -5.89 9.63
CA GLY A 29 -4.58 -6.03 10.58
C GLY A 29 -3.24 -5.72 9.90
N ALA A 30 -3.07 -6.32 8.73
CA ALA A 30 -1.83 -6.13 7.98
C ALA A 30 -1.52 -4.63 7.90
N THR A 31 -0.25 -4.33 7.63
CA THR A 31 0.19 -2.95 7.51
C THR A 31 0.92 -2.74 6.19
N ALA A 32 1.49 -1.54 6.05
CA ALA A 32 2.22 -1.20 4.85
C ALA A 32 3.49 -2.04 4.77
N ARG A 33 3.77 -2.73 5.86
CA ARG A 33 4.96 -3.57 5.93
C ARG A 33 4.65 -4.96 5.35
N HIS A 34 3.43 -5.41 5.59
CA HIS A 34 3.01 -6.71 5.09
C HIS A 34 2.93 -6.68 3.57
N VAL A 35 2.13 -5.76 3.06
CA VAL A 35 1.96 -5.63 1.63
C VAL A 35 3.33 -5.60 0.95
N CYS A 36 4.14 -4.62 1.36
CA CYS A 36 5.47 -4.48 0.81
C CYS A 36 6.10 -5.87 0.70
N GLU A 37 5.84 -6.69 1.72
CA GLU A 37 6.36 -8.04 1.75
C GLU A 37 5.56 -8.94 0.82
N MET A 38 4.24 -8.78 0.90
CA MET A 38 3.34 -9.59 0.08
C MET A 38 3.57 -9.31 -1.41
N LEU A 39 4.15 -8.15 -1.68
CA LEU A 39 4.43 -7.76 -3.05
C LEU A 39 5.81 -8.26 -3.44
N VAL A 40 6.81 -7.75 -2.74
CA VAL A 40 8.19 -8.12 -3.01
C VAL A 40 8.28 -9.64 -3.18
N GLN A 41 7.65 -10.34 -2.25
CA GLN A 41 7.64 -11.80 -2.29
C GLN A 41 7.41 -12.29 -3.72
N ARG A 42 8.44 -12.93 -4.26
CA ARG A 42 8.36 -13.45 -5.61
C ARG A 42 9.33 -14.62 -5.79
N ALA A 43 10.57 -14.38 -5.37
CA ALA A 43 11.61 -15.40 -5.47
C ALA A 43 12.22 -15.64 -4.08
N HIS A 44 12.79 -14.57 -3.53
CA HIS A 44 13.41 -14.66 -2.23
C HIS A 44 13.10 -13.39 -1.43
N ALA A 45 13.62 -12.28 -1.90
CA ALA A 45 13.41 -11.00 -1.26
C ALA A 45 13.65 -11.15 0.25
N LEU A 46 14.89 -10.96 0.65
CA LEU A 46 15.26 -11.08 2.05
C LEU A 46 15.42 -9.67 2.65
N SER A 47 16.50 -9.02 2.25
CA SER A 47 16.79 -7.69 2.73
C SER A 47 17.66 -6.93 1.73
N ASP A 48 17.00 -6.21 0.84
CA ASP A 48 17.71 -5.45 -0.18
C ASP A 48 16.95 -4.16 -0.46
N GLU A 49 17.59 -3.05 -0.12
CA GLU A 49 16.98 -1.74 -0.32
C GLU A 49 15.66 -1.64 0.45
N THR A 50 15.31 -0.40 0.77
CA THR A 50 14.07 -0.15 1.52
C THR A 50 12.88 -0.04 0.56
N TRP A 51 11.70 -0.23 1.12
CA TRP A 51 10.48 -0.16 0.34
C TRP A 51 9.33 0.19 1.28
N GLY A 52 8.19 0.51 0.68
CA GLY A 52 7.02 0.87 1.45
C GLY A 52 5.79 1.04 0.55
N LEU A 53 4.86 1.86 1.00
CA LEU A 53 3.64 2.11 0.25
C LEU A 53 3.44 3.62 0.11
N VAL A 54 2.79 4.00 -0.97
CA VAL A 54 2.51 5.41 -1.23
C VAL A 54 1.09 5.55 -1.77
N GLU A 55 0.27 6.26 -0.99
CA GLU A 55 -1.10 6.48 -1.37
C GLU A 55 -1.20 7.60 -2.42
N CYS A 56 -1.84 7.28 -3.53
CA CYS A 56 -2.00 8.24 -4.61
C CYS A 56 -3.47 8.66 -4.66
N HIS A 57 -3.66 9.94 -4.98
CA HIS A 57 -5.00 10.49 -5.06
C HIS A 57 -5.32 10.87 -6.51
N PRO A 58 -5.95 9.91 -7.23
CA PRO A 58 -6.30 10.13 -8.63
C PRO A 58 -7.51 11.06 -8.73
N HIS A 59 -7.38 12.24 -8.14
CA HIS A 59 -8.45 13.22 -8.17
C HIS A 59 -7.92 14.58 -7.69
N LEU A 60 -7.11 14.52 -6.64
CA LEU A 60 -6.52 15.72 -6.08
C LEU A 60 -5.07 15.85 -6.54
N ALA A 61 -4.61 14.82 -7.24
CA ALA A 61 -3.25 14.80 -7.74
C ALA A 61 -2.28 14.98 -6.57
N LEU A 62 -2.48 14.17 -5.55
CA LEU A 62 -1.63 14.23 -4.37
C LEU A 62 -0.91 12.88 -4.19
N GLU A 63 0.18 12.92 -3.44
CA GLU A 63 0.96 11.73 -3.19
C GLU A 63 1.55 11.77 -1.78
N ARG A 64 0.99 10.95 -0.91
CA ARG A 64 1.45 10.88 0.46
C ARG A 64 2.01 9.50 0.77
N GLY A 65 3.14 9.49 1.47
CA GLY A 65 3.80 8.24 1.83
C GLY A 65 3.50 7.87 3.29
N LEU A 66 3.13 6.61 3.48
CA LEU A 66 2.81 6.12 4.80
C LEU A 66 3.93 5.18 5.27
N GLU A 67 4.06 5.07 6.58
CA GLU A 67 5.08 4.22 7.17
C GLU A 67 4.74 2.75 6.92
N ASP A 68 5.50 1.88 7.57
CA ASP A 68 5.30 0.45 7.42
C ASP A 68 4.27 -0.03 8.46
N HIS A 69 4.51 0.36 9.70
CA HIS A 69 3.63 -0.01 10.79
C HIS A 69 2.21 0.47 10.49
N GLU A 70 2.13 1.52 9.67
CA GLU A 70 0.86 2.09 9.29
C GLU A 70 -0.04 1.02 8.68
N SER A 71 -1.29 1.01 9.12
CA SER A 71 -2.25 0.04 8.61
C SER A 71 -2.85 0.53 7.29
N VAL A 72 -2.45 -0.15 6.22
CA VAL A 72 -2.94 0.22 4.90
C VAL A 72 -4.45 0.44 4.96
N VAL A 73 -5.13 -0.46 5.65
CA VAL A 73 -6.57 -0.37 5.79
C VAL A 73 -6.93 0.93 6.53
N GLU A 74 -6.14 1.23 7.55
CA GLU A 74 -6.35 2.42 8.33
C GLU A 74 -6.01 3.67 7.51
N VAL A 75 -5.08 3.49 6.59
CA VAL A 75 -4.65 4.59 5.74
C VAL A 75 -5.60 4.70 4.54
N GLN A 76 -6.18 3.56 4.18
CA GLN A 76 -7.11 3.52 3.06
C GLN A 76 -8.54 3.79 3.55
N ALA A 77 -8.74 3.59 4.84
CA ALA A 77 -10.05 3.81 5.43
C ALA A 77 -10.30 5.32 5.55
N ALA A 78 -9.21 6.05 5.76
CA ALA A 78 -9.30 7.49 5.90
C ALA A 78 -9.74 8.09 4.56
N TRP A 79 -9.26 7.49 3.49
CA TRP A 79 -9.60 7.96 2.16
C TRP A 79 -11.09 8.28 2.12
N PRO A 80 -11.42 9.43 1.48
CA PRO A 80 -12.80 9.86 1.37
C PRO A 80 -13.56 9.02 0.33
N VAL A 81 -14.87 9.21 0.32
CA VAL A 81 -15.72 8.48 -0.61
C VAL A 81 -15.55 9.05 -2.01
N GLY A 82 -15.44 10.37 -2.06
CA GLY A 82 -15.27 11.06 -3.33
C GLY A 82 -13.80 11.12 -3.74
N GLY A 83 -13.21 9.95 -3.87
CA GLY A 83 -11.80 9.86 -4.26
C GLY A 83 -11.39 8.40 -4.45
N ASP A 84 -10.92 8.11 -5.66
CA ASP A 84 -10.48 6.76 -5.98
C ASP A 84 -9.05 6.57 -5.49
N SER A 85 -8.85 6.85 -4.21
CA SER A 85 -7.54 6.71 -3.61
C SER A 85 -7.01 5.29 -3.82
N ARG A 86 -5.69 5.19 -3.96
CA ARG A 86 -5.06 3.91 -4.18
C ARG A 86 -3.64 3.91 -3.58
N PHE A 87 -2.98 2.78 -3.73
CA PHE A 87 -1.62 2.63 -3.22
C PHE A 87 -0.62 2.44 -4.36
N VAL A 88 0.59 2.92 -4.13
CA VAL A 88 1.65 2.80 -5.12
C VAL A 88 2.91 2.27 -4.45
N PHE A 89 3.51 1.27 -5.09
CA PHE A 89 4.72 0.67 -4.56
C PHE A 89 5.97 1.34 -5.15
N ARG A 90 6.74 1.97 -4.28
CA ARG A 90 7.95 2.64 -4.70
C ARG A 90 8.97 2.67 -3.56
N LYS A 91 10.23 2.67 -3.95
CA LYS A 91 11.31 2.69 -2.97
C LYS A 91 11.83 4.13 -2.83
N ASN A 92 11.93 4.80 -3.97
CA ASN A 92 12.42 6.17 -3.99
C ASN A 92 11.27 7.11 -4.38
N PHE A 93 10.70 7.75 -3.38
CA PHE A 93 9.60 8.67 -3.61
C PHE A 93 9.81 9.98 -2.84
N ALA A 94 9.63 11.07 -3.55
CA ALA A 94 9.80 12.39 -2.97
C ALA A 94 11.30 12.70 -2.82
N SER A 95 11.82 13.38 -3.83
CA SER A 95 13.23 13.74 -3.83
C SER A 95 13.67 14.15 -2.43
N GLY A 96 14.93 13.87 -2.14
CA GLY A 96 15.49 14.20 -0.84
C GLY A 96 16.71 13.32 -0.52
N PRO A 97 16.41 12.01 -0.29
CA PRO A 97 17.46 11.06 0.02
C PRO A 97 18.27 10.69 -1.22
N SER A 98 18.92 11.71 -1.78
CA SER A 98 19.73 11.52 -2.98
C SER A 98 20.94 12.45 -2.95
N SER A 99 21.88 12.18 -3.84
CA SER A 99 23.08 12.99 -3.93
C SER A 99 22.78 14.29 -4.68
N GLY A 100 23.06 15.41 -4.02
CA GLY A 100 22.83 16.71 -4.61
C GLY A 100 21.77 17.48 -3.83
N GLY A 1 -13.88 -0.33 9.73
CA GLY A 1 -14.14 -1.72 10.03
C GLY A 1 -15.27 -1.86 11.07
N SER A 2 -15.64 -3.10 11.32
CA SER A 2 -16.69 -3.38 12.28
C SER A 2 -16.50 -4.77 12.87
N SER A 3 -16.50 -5.76 11.99
CA SER A 3 -16.33 -7.14 12.41
C SER A 3 -15.04 -7.71 11.83
N GLY A 4 -14.46 -8.66 12.56
CA GLY A 4 -13.23 -9.29 12.12
C GLY A 4 -13.32 -9.70 10.64
N SER A 5 -12.44 -9.11 9.85
CA SER A 5 -12.40 -9.41 8.43
C SER A 5 -13.58 -8.72 7.72
N SER A 6 -14.77 -9.06 8.17
CA SER A 6 -15.98 -8.49 7.60
C SER A 6 -16.13 -8.94 6.15
N GLY A 7 -16.79 -10.08 5.98
CA GLY A 7 -17.01 -10.63 4.65
C GLY A 7 -15.69 -11.09 4.03
N ARG A 8 -15.47 -10.64 2.80
CA ARG A 8 -14.26 -11.01 2.08
C ARG A 8 -13.07 -10.18 2.59
N PRO A 9 -11.85 -10.65 2.23
CA PRO A 9 -10.63 -9.96 2.64
C PRO A 9 -10.42 -8.68 1.83
N HIS A 10 -9.37 -7.96 2.18
CA HIS A 10 -9.04 -6.72 1.49
C HIS A 10 -8.09 -7.00 0.34
N VAL A 11 -8.59 -6.77 -0.87
CA VAL A 11 -7.80 -6.99 -2.07
C VAL A 11 -7.02 -5.72 -2.41
N VAL A 12 -6.58 -5.03 -1.36
CA VAL A 12 -5.83 -3.80 -1.54
C VAL A 12 -5.05 -3.86 -2.85
N LYS A 13 -5.27 -2.86 -3.68
CA LYS A 13 -4.61 -2.79 -4.97
C LYS A 13 -3.43 -1.83 -4.88
N VAL A 14 -2.23 -2.37 -5.05
CA VAL A 14 -1.02 -1.57 -4.98
C VAL A 14 -0.44 -1.42 -6.39
N TYR A 15 -0.74 -0.28 -7.00
CA TYR A 15 -0.26 0.00 -8.34
C TYR A 15 1.26 0.18 -8.35
N SER A 16 1.86 -0.16 -9.49
CA SER A 16 3.29 -0.04 -9.64
C SER A 16 3.63 1.03 -10.68
N GLU A 17 4.77 1.66 -10.49
CA GLU A 17 5.22 2.70 -11.41
C GLU A 17 5.00 2.26 -12.85
N ASP A 18 5.36 1.01 -13.12
CA ASP A 18 5.21 0.47 -14.45
C ASP A 18 3.76 0.63 -14.91
N GLY A 19 2.85 0.39 -13.97
CA GLY A 19 1.43 0.50 -14.26
C GLY A 19 0.67 -0.73 -13.76
N ALA A 20 1.36 -1.85 -13.79
CA ALA A 20 0.75 -3.10 -13.35
C ALA A 20 0.09 -2.88 -11.98
N CYS A 21 -1.21 -3.10 -11.95
CA CYS A 21 -1.97 -2.93 -10.71
C CYS A 21 -2.19 -4.31 -10.10
N ARG A 22 -1.50 -4.54 -8.98
CA ARG A 22 -1.61 -5.80 -8.28
C ARG A 22 -2.48 -5.64 -7.03
N SER A 23 -3.03 -6.77 -6.58
CA SER A 23 -3.89 -6.77 -5.41
C SER A 23 -3.47 -7.89 -4.46
N VAL A 24 -3.44 -7.56 -3.18
CA VAL A 24 -3.07 -8.53 -2.17
C VAL A 24 -4.23 -8.73 -1.20
N GLU A 25 -4.54 -10.00 -0.95
CA GLU A 25 -5.63 -10.34 -0.05
C GLU A 25 -5.16 -10.27 1.40
N VAL A 26 -5.58 -9.20 2.07
CA VAL A 26 -5.20 -9.00 3.47
C VAL A 26 -6.45 -8.69 4.29
N ALA A 27 -6.36 -8.98 5.58
CA ALA A 27 -7.48 -8.74 6.47
C ALA A 27 -7.36 -7.33 7.06
N ALA A 28 -8.41 -6.92 7.76
CA ALA A 28 -8.44 -5.61 8.37
C ALA A 28 -7.43 -5.56 9.53
N GLY A 29 -6.16 -5.70 9.16
CA GLY A 29 -5.10 -5.68 10.15
C GLY A 29 -3.73 -5.47 9.48
N ALA A 30 -3.54 -6.14 8.36
CA ALA A 30 -2.30 -6.04 7.63
C ALA A 30 -1.92 -4.57 7.49
N THR A 31 -0.61 -4.34 7.37
CA THR A 31 -0.10 -2.99 7.22
C THR A 31 0.74 -2.86 5.95
N ALA A 32 0.94 -1.62 5.53
CA ALA A 32 1.71 -1.36 4.34
C ALA A 32 2.90 -2.31 4.28
N ARG A 33 3.49 -2.55 5.44
CA ARG A 33 4.63 -3.45 5.55
C ARG A 33 4.32 -4.78 4.87
N HIS A 34 3.42 -5.53 5.49
CA HIS A 34 3.03 -6.82 4.96
C HIS A 34 2.94 -6.75 3.44
N VAL A 35 2.11 -5.82 2.97
CA VAL A 35 1.93 -5.64 1.53
C VAL A 35 3.29 -5.67 0.84
N CYS A 36 4.21 -4.88 1.39
CA CYS A 36 5.55 -4.79 0.84
C CYS A 36 6.13 -6.21 0.76
N GLU A 37 6.13 -6.87 1.91
CA GLU A 37 6.65 -8.23 1.99
C GLU A 37 5.98 -9.11 0.94
N MET A 38 4.66 -9.11 0.97
CA MET A 38 3.89 -9.91 0.03
C MET A 38 4.26 -9.57 -1.42
N LEU A 39 4.08 -8.30 -1.75
CA LEU A 39 4.40 -7.82 -3.10
C LEU A 39 5.83 -8.23 -3.46
N VAL A 40 6.76 -7.75 -2.65
CA VAL A 40 8.17 -8.05 -2.86
C VAL A 40 8.32 -9.55 -3.19
N GLN A 41 7.80 -10.36 -2.29
CA GLN A 41 7.87 -11.81 -2.47
C GLN A 41 7.20 -12.21 -3.78
N ARG A 42 7.95 -12.92 -4.60
CA ARG A 42 7.45 -13.37 -5.89
C ARG A 42 8.07 -14.73 -6.26
N ALA A 43 9.39 -14.72 -6.37
CA ALA A 43 10.12 -15.93 -6.72
C ALA A 43 11.55 -15.84 -6.17
N HIS A 44 12.22 -14.76 -6.55
CA HIS A 44 13.59 -14.55 -6.11
C HIS A 44 13.75 -13.11 -5.61
N ALA A 45 13.24 -12.87 -4.41
CA ALA A 45 13.33 -11.55 -3.82
C ALA A 45 14.70 -11.36 -3.18
N LEU A 46 15.70 -11.17 -4.04
CA LEU A 46 17.07 -10.98 -3.58
C LEU A 46 17.23 -9.54 -3.10
N SER A 47 17.32 -8.64 -4.06
CA SER A 47 17.49 -7.23 -3.75
C SER A 47 16.21 -6.68 -3.13
N ASP A 48 16.39 -5.90 -2.07
CA ASP A 48 15.27 -5.31 -1.37
C ASP A 48 15.76 -4.11 -0.55
N GLU A 49 15.24 -2.94 -0.91
CA GLU A 49 15.60 -1.71 -0.22
C GLU A 49 14.47 -1.27 0.71
N THR A 50 14.00 -2.22 1.51
CA THR A 50 12.93 -1.94 2.44
C THR A 50 11.61 -1.71 1.70
N TRP A 51 11.59 -0.65 0.91
CA TRP A 51 10.41 -0.31 0.13
C TRP A 51 9.30 0.07 1.12
N GLY A 52 8.12 0.33 0.56
CA GLY A 52 6.98 0.70 1.37
C GLY A 52 5.72 0.86 0.51
N LEU A 53 4.92 1.85 0.87
CA LEU A 53 3.71 2.13 0.13
C LEU A 53 3.53 3.63 -0.02
N VAL A 54 2.80 4.02 -1.06
CA VAL A 54 2.55 5.42 -1.34
C VAL A 54 1.12 5.59 -1.84
N GLU A 55 0.31 6.26 -1.02
CA GLU A 55 -1.08 6.50 -1.37
C GLU A 55 -1.17 7.62 -2.42
N CYS A 56 -1.84 7.28 -3.52
CA CYS A 56 -2.02 8.24 -4.60
C CYS A 56 -3.47 8.72 -4.58
N HIS A 57 -3.63 9.99 -4.92
CA HIS A 57 -4.95 10.59 -4.94
C HIS A 57 -5.30 11.00 -6.37
N PRO A 58 -6.00 10.06 -7.09
CA PRO A 58 -6.40 10.31 -8.45
C PRO A 58 -7.59 11.27 -8.52
N HIS A 59 -7.40 12.44 -7.91
CA HIS A 59 -8.43 13.45 -7.89
C HIS A 59 -7.84 14.78 -7.42
N LEU A 60 -6.98 14.71 -6.41
CA LEU A 60 -6.34 15.89 -5.87
C LEU A 60 -4.91 15.96 -6.38
N ALA A 61 -4.52 14.94 -7.15
CA ALA A 61 -3.19 14.88 -7.70
C ALA A 61 -2.16 15.02 -6.58
N LEU A 62 -2.33 14.19 -5.57
CA LEU A 62 -1.42 14.20 -4.43
C LEU A 62 -0.76 12.83 -4.28
N GLU A 63 0.35 12.82 -3.57
CA GLU A 63 1.08 11.59 -3.34
C GLU A 63 1.71 11.59 -1.94
N ARG A 64 1.13 10.76 -1.08
CA ARG A 64 1.62 10.65 0.29
C ARG A 64 2.16 9.26 0.54
N GLY A 65 3.27 9.21 1.28
CA GLY A 65 3.91 7.94 1.60
C GLY A 65 3.67 7.57 3.06
N LEU A 66 3.54 6.27 3.30
CA LEU A 66 3.31 5.78 4.64
C LEU A 66 4.36 4.70 4.97
N GLU A 67 4.60 4.54 6.26
CA GLU A 67 5.58 3.57 6.72
C GLU A 67 5.03 2.15 6.54
N ASP A 68 5.77 1.19 7.08
CA ASP A 68 5.37 -0.21 6.98
C ASP A 68 4.38 -0.53 8.11
N HIS A 69 4.68 0.00 9.28
CA HIS A 69 3.83 -0.23 10.44
C HIS A 69 2.46 0.41 10.20
N GLU A 70 2.42 1.32 9.24
CA GLU A 70 1.18 2.00 8.90
C GLU A 70 0.17 1.01 8.31
N SER A 71 -1.04 1.06 8.84
CA SER A 71 -2.10 0.19 8.38
C SER A 71 -2.71 0.74 7.09
N VAL A 72 -2.47 -0.01 6.01
CA VAL A 72 -2.99 0.39 4.72
C VAL A 72 -4.50 0.62 4.82
N VAL A 73 -5.16 -0.27 5.55
CA VAL A 73 -6.59 -0.18 5.74
C VAL A 73 -6.92 1.10 6.50
N GLU A 74 -6.43 1.17 7.72
CA GLU A 74 -6.66 2.33 8.57
C GLU A 74 -6.27 3.60 7.82
N VAL A 75 -5.39 3.44 6.85
CA VAL A 75 -4.93 4.57 6.06
C VAL A 75 -5.88 4.78 4.87
N GLN A 76 -6.44 3.68 4.40
CA GLN A 76 -7.35 3.73 3.28
C GLN A 76 -8.79 3.94 3.77
N ALA A 77 -8.94 3.90 5.09
CA ALA A 77 -10.24 4.09 5.70
C ALA A 77 -10.52 5.58 5.86
N ALA A 78 -9.43 6.35 5.90
CA ALA A 78 -9.54 7.79 6.05
C ALA A 78 -9.87 8.42 4.70
N TRP A 79 -9.42 7.75 3.64
CA TRP A 79 -9.66 8.23 2.30
C TRP A 79 -11.11 8.71 2.21
N PRO A 80 -11.30 9.85 1.50
CA PRO A 80 -12.62 10.42 1.33
C PRO A 80 -13.45 9.61 0.33
N VAL A 81 -14.74 9.90 0.31
CA VAL A 81 -15.65 9.21 -0.60
C VAL A 81 -15.67 9.94 -1.94
N GLY A 82 -15.57 9.16 -3.01
CA GLY A 82 -15.58 9.72 -4.35
C GLY A 82 -14.25 9.47 -5.06
N GLY A 83 -13.19 10.05 -4.51
CA GLY A 83 -11.87 9.89 -5.08
C GLY A 83 -11.52 8.41 -5.24
N ASP A 84 -10.78 8.12 -6.29
CA ASP A 84 -10.36 6.76 -6.58
C ASP A 84 -9.01 6.50 -5.92
N SER A 85 -8.88 6.96 -4.68
CA SER A 85 -7.65 6.78 -3.93
C SER A 85 -7.14 5.35 -4.09
N ARG A 86 -5.82 5.21 -4.13
CA ARG A 86 -5.21 3.91 -4.27
C ARG A 86 -3.81 3.91 -3.65
N PHE A 87 -3.15 2.77 -3.76
CA PHE A 87 -1.81 2.63 -3.22
C PHE A 87 -0.79 2.39 -4.33
N VAL A 88 0.41 2.93 -4.12
CA VAL A 88 1.47 2.79 -5.09
C VAL A 88 2.72 2.20 -4.41
N PHE A 89 3.48 1.45 -5.19
CA PHE A 89 4.68 0.83 -4.67
C PHE A 89 5.93 1.44 -5.30
N ARG A 90 6.72 2.09 -4.46
CA ARG A 90 7.95 2.73 -4.91
C ARG A 90 8.97 2.80 -3.77
N LYS A 91 10.23 2.80 -4.16
CA LYS A 91 11.31 2.86 -3.19
C LYS A 91 11.90 4.27 -3.16
N ASN A 92 11.74 4.95 -4.29
CA ASN A 92 12.26 6.32 -4.41
C ASN A 92 11.07 7.29 -4.47
N PHE A 93 10.89 8.01 -3.37
CA PHE A 93 9.81 8.98 -3.27
C PHE A 93 9.88 9.76 -1.96
N ALA A 94 9.78 11.07 -2.09
CA ALA A 94 9.83 11.94 -0.93
C ALA A 94 11.26 11.97 -0.38
N SER A 95 11.71 13.17 -0.06
CA SER A 95 13.06 13.35 0.48
C SER A 95 13.19 14.74 1.10
N GLY A 96 13.64 14.75 2.34
CA GLY A 96 13.82 16.01 3.06
C GLY A 96 12.70 17.00 2.72
N PRO A 97 13.12 18.20 2.24
CA PRO A 97 12.17 19.23 1.88
C PRO A 97 11.47 18.91 0.56
N SER A 98 10.48 18.04 0.65
CA SER A 98 9.73 17.63 -0.53
C SER A 98 8.30 18.16 -0.45
N SER A 99 7.73 18.03 0.74
CA SER A 99 6.37 18.49 0.97
C SER A 99 5.41 17.73 0.05
N GLY A 100 5.13 18.34 -1.09
CA GLY A 100 4.24 17.74 -2.07
C GLY A 100 3.69 18.80 -3.03
#